data_8RYA
#
_entry.id   8RYA
#
_cell.length_a   1.00
_cell.length_b   1.00
_cell.length_c   1.00
_cell.angle_alpha   90.00
_cell.angle_beta   90.00
_cell.angle_gamma   90.00
#
_symmetry.space_group_name_H-M   'P 1'
#
_entity_poly.entity_id   1
_entity_poly.type   'polypeptide(L)'
_entity_poly.pdbx_seq_one_letter_code
;MVRFLDGHTPAYDLTYNDVFVVPGRSDVASRFDVDLSTVDGSGTTIPVVVANMTAVAGRRMAETVARRGGIVVLPQDLPI
TAVSETVDFVKSRDLVVDTPVTLSPEDSVSDANALLHKRAHGAAVVVFEGRPIGLVTEANCAGVDRFARVRDIALSDFVT
APVGTDPREVFDLLEHAPIDVAVMTAPDGTLAGVLTRTGAIRAGIYTPAVDAKGRLRIAAAVGINGDVGAKAQALAEAGA
DLLVIDTAHGHQAKMLDAIKAVASLDLGLPLVAGNVVSAEGTRDLIEAGASIVKVGVGPGAMCTTRMMTGVGRPQFSAVV
ECAAAARQLGGHVWADGGVRHPRDVALALAAGASNVMIGSWFAGTYESPGDLLFDRDDRPYKESYGMASKRAVAARTAGD
SSFDRARKGLFEEGISTSRMSLDPARGGVEDLLDHITSGVRSTCTYVGAANLPELHEKVVLGVQSAAGFAEGHPLPAGWT
AAAKEDLEHHHHHHHH
;
_entity_poly.pdbx_strand_id   A,B,C,D
#
# COMPACT_ATOMS: atom_id res chain seq x y z
N MET A 1 12.83 -27.81 -17.07
CA MET A 1 12.09 -26.61 -17.42
C MET A 1 10.86 -26.45 -16.53
N VAL A 2 10.70 -25.28 -15.94
CA VAL A 2 9.54 -25.01 -15.09
C VAL A 2 8.28 -24.94 -15.93
N ARG A 3 7.26 -25.68 -15.53
N ARG A 3 7.25 -25.68 -15.52
CA ARG A 3 5.98 -25.70 -16.22
CA ARG A 3 5.97 -25.70 -16.21
C ARG A 3 5.02 -24.72 -15.57
N PHE A 4 4.21 -24.06 -16.39
CA PHE A 4 3.26 -23.05 -15.95
C PHE A 4 1.86 -23.47 -16.35
N LEU A 5 0.87 -22.99 -15.59
CA LEU A 5 -0.51 -23.28 -15.91
C LEU A 5 -0.86 -22.73 -17.29
N ASP A 6 -1.89 -23.30 -17.90
CA ASP A 6 -2.28 -22.89 -19.24
C ASP A 6 -2.74 -21.44 -19.25
N GLY A 7 -2.27 -20.69 -20.25
CA GLY A 7 -2.63 -19.30 -20.39
C GLY A 7 -1.83 -18.32 -19.55
N HIS A 8 -1.01 -18.81 -18.63
CA HIS A 8 -0.19 -17.94 -17.78
C HIS A 8 1.06 -17.54 -18.55
N THR A 9 0.95 -16.47 -19.32
CA THR A 9 2.07 -15.94 -20.11
C THR A 9 2.15 -14.44 -19.88
N PRO A 10 2.74 -14.02 -18.76
CA PRO A 10 2.81 -12.59 -18.47
C PRO A 10 3.73 -11.85 -19.40
N ALA A 11 3.44 -10.56 -19.59
CA ALA A 11 4.26 -9.67 -20.39
C ALA A 11 5.28 -8.90 -19.56
N TYR A 12 5.80 -9.52 -18.49
CA TYR A 12 6.73 -8.86 -17.60
C TYR A 12 7.53 -9.93 -16.87
N ASP A 13 8.56 -9.49 -16.16
CA ASP A 13 9.37 -10.40 -15.36
C ASP A 13 8.75 -10.62 -13.98
N LEU A 14 9.01 -11.79 -13.42
CA LEU A 14 8.33 -12.26 -12.22
C LEU A 14 9.26 -12.21 -11.02
N THR A 15 8.74 -11.71 -9.90
CA THR A 15 9.41 -11.81 -8.62
C THR A 15 8.84 -13.01 -7.85
N TYR A 16 9.36 -13.24 -6.65
CA TYR A 16 8.82 -14.32 -5.81
C TYR A 16 7.38 -14.04 -5.41
N ASN A 17 6.99 -12.78 -5.33
CA ASN A 17 5.61 -12.44 -5.00
C ASN A 17 4.65 -12.67 -6.16
N ASP A 18 5.14 -12.91 -7.36
CA ASP A 18 4.28 -13.08 -8.52
C ASP A 18 3.89 -14.52 -8.79
N VAL A 19 4.48 -15.50 -8.10
CA VAL A 19 4.30 -16.90 -8.47
C VAL A 19 3.94 -17.72 -7.25
N PHE A 20 3.32 -18.87 -7.51
CA PHE A 20 2.97 -19.83 -6.48
C PHE A 20 3.10 -21.23 -7.04
N VAL A 21 3.29 -22.19 -6.13
CA VAL A 21 3.40 -23.61 -6.48
C VAL A 21 2.05 -24.27 -6.33
N VAL A 22 1.66 -25.06 -7.33
CA VAL A 22 0.39 -25.79 -7.32
C VAL A 22 0.65 -27.20 -6.82
N PRO A 23 -0.04 -27.66 -5.77
CA PRO A 23 0.21 -29.01 -5.26
C PRO A 23 -0.13 -30.08 -6.28
N GLY A 24 0.81 -31.02 -6.48
CA GLY A 24 0.59 -32.18 -7.31
C GLY A 24 0.25 -33.41 -6.47
N ARG A 25 0.07 -34.53 -7.17
CA ARG A 25 -0.09 -35.80 -6.50
C ARG A 25 1.22 -36.22 -5.85
N SER A 26 1.13 -36.70 -4.62
CA SER A 26 2.31 -36.89 -3.78
C SER A 26 2.27 -38.23 -3.09
N ASP A 27 3.36 -39.00 -3.21
CA ASP A 27 3.54 -40.23 -2.46
C ASP A 27 4.45 -40.05 -1.25
N VAL A 28 4.97 -38.84 -1.02
CA VAL A 28 5.91 -38.60 0.07
C VAL A 28 5.12 -38.53 1.37
N ALA A 29 5.23 -39.58 2.19
CA ALA A 29 4.43 -39.66 3.41
C ALA A 29 4.82 -38.59 4.42
N SER A 30 6.11 -38.37 4.62
CA SER A 30 6.58 -37.46 5.66
C SER A 30 7.74 -36.63 5.15
N ARG A 31 8.00 -35.52 5.84
CA ARG A 31 9.09 -34.64 5.46
C ARG A 31 10.45 -35.28 5.64
N PHE A 32 10.56 -36.30 6.49
CA PHE A 32 11.85 -36.94 6.71
C PHE A 32 12.24 -37.88 5.58
N ASP A 33 11.31 -38.23 4.70
CA ASP A 33 11.64 -39.04 3.54
C ASP A 33 12.30 -38.25 2.42
N VAL A 34 12.41 -36.93 2.57
CA VAL A 34 12.95 -36.06 1.53
C VAL A 34 14.44 -35.92 1.71
N ASP A 35 15.19 -36.11 0.63
CA ASP A 35 16.64 -35.96 0.62
C ASP A 35 16.99 -34.60 0.03
N LEU A 36 17.63 -33.74 0.83
CA LEU A 36 17.95 -32.38 0.43
C LEU A 36 19.35 -32.22 -0.14
N SER A 37 20.06 -33.30 -0.42
CA SER A 37 21.43 -33.19 -0.89
C SER A 37 21.49 -32.53 -2.27
N THR A 38 22.53 -31.72 -2.47
CA THR A 38 22.75 -31.00 -3.72
C THR A 38 23.72 -31.75 -4.62
N VAL A 39 23.64 -31.47 -5.92
CA VAL A 39 24.41 -32.16 -6.92
C VAL A 39 25.40 -31.24 -7.64
N ASP A 40 25.57 -30.01 -7.16
CA ASP A 40 26.42 -29.06 -7.85
C ASP A 40 27.91 -29.27 -7.57
N GLY A 41 28.28 -30.30 -6.83
CA GLY A 41 29.66 -30.55 -6.51
C GLY A 41 30.19 -29.76 -5.34
N SER A 42 29.37 -28.94 -4.70
CA SER A 42 29.79 -28.22 -3.51
C SER A 42 29.85 -29.10 -2.26
N GLY A 43 29.24 -30.27 -2.31
CA GLY A 43 29.28 -31.19 -1.19
C GLY A 43 28.34 -30.89 -0.04
N THR A 44 27.48 -29.89 -0.16
CA THR A 44 26.52 -29.60 0.88
C THR A 44 25.37 -30.61 0.85
N THR A 45 24.86 -30.94 2.03
CA THR A 45 23.70 -31.82 2.15
C THR A 45 22.41 -31.06 2.34
N ILE A 46 22.47 -29.74 2.57
CA ILE A 46 21.30 -28.88 2.55
C ILE A 46 21.58 -27.78 1.53
N PRO A 47 20.55 -27.21 0.89
CA PRO A 47 20.81 -26.20 -0.15
C PRO A 47 21.29 -24.86 0.37
N VAL A 48 21.44 -24.69 1.67
CA VAL A 48 21.81 -23.39 2.24
C VAL A 48 23.31 -23.17 2.14
N VAL A 49 23.70 -22.05 1.55
CA VAL A 49 25.08 -21.57 1.55
C VAL A 49 25.09 -20.19 2.20
N VAL A 50 26.12 -19.93 3.00
CA VAL A 50 26.23 -18.68 3.75
C VAL A 50 27.12 -17.72 2.98
N ALA A 51 26.62 -16.50 2.78
CA ALA A 51 27.31 -15.51 1.96
C ALA A 51 28.61 -15.06 2.61
N ASN A 52 29.53 -14.58 1.76
CA ASN A 52 30.84 -14.11 2.21
C ASN A 52 30.77 -12.66 2.66
N MET A 53 29.96 -12.44 3.69
CA MET A 53 29.83 -11.11 4.31
C MET A 53 30.58 -11.11 5.63
N THR A 54 31.34 -10.04 5.87
CA THR A 54 32.16 -9.96 7.09
C THR A 54 31.29 -10.01 8.34
N ALA A 55 30.10 -9.43 8.29
CA ALA A 55 29.20 -9.44 9.44
C ALA A 55 28.57 -10.79 9.70
N VAL A 56 28.76 -11.76 8.81
CA VAL A 56 28.12 -13.07 8.92
C VAL A 56 29.15 -14.20 8.93
N ALA A 57 30.12 -14.15 8.03
CA ALA A 57 31.05 -15.26 7.82
C ALA A 57 32.11 -15.27 8.90
N GLY A 58 31.76 -15.86 10.04
CA GLY A 58 32.70 -16.08 11.12
C GLY A 58 33.15 -17.53 11.20
N ARG A 59 34.10 -17.77 12.11
CA ARG A 59 34.58 -19.14 12.32
C ARG A 59 33.56 -19.97 13.08
N ARG A 60 32.89 -19.39 14.08
CA ARG A 60 31.77 -20.05 14.72
C ARG A 60 30.67 -20.33 13.71
N MET A 61 30.40 -19.37 12.85
CA MET A 61 29.44 -19.56 11.77
C MET A 61 29.82 -20.74 10.90
N ALA A 62 31.09 -20.79 10.49
CA ALA A 62 31.53 -21.85 9.59
C ALA A 62 31.38 -23.22 10.26
N GLU A 63 31.81 -23.34 11.52
CA GLU A 63 31.70 -24.61 12.21
C GLU A 63 30.23 -25.03 12.34
N THR A 64 29.39 -24.14 12.85
CA THR A 64 28.00 -24.51 13.12
C THR A 64 27.25 -24.86 11.83
N VAL A 65 27.48 -24.09 10.76
CA VAL A 65 26.76 -24.34 9.52
C VAL A 65 27.28 -25.60 8.85
N ALA A 66 28.60 -25.82 8.85
CA ALA A 66 29.15 -27.00 8.21
C ALA A 66 28.73 -28.27 8.92
N ARG A 67 28.59 -28.21 10.25
CA ARG A 67 28.18 -29.41 10.99
C ARG A 67 26.78 -29.86 10.58
N ARG A 68 25.90 -28.93 10.26
CA ARG A 68 24.53 -29.26 9.87
C ARG A 68 24.37 -29.49 8.37
N GLY A 69 25.45 -29.45 7.60
CA GLY A 69 25.40 -29.75 6.19
C GLY A 69 25.50 -28.57 5.26
N GLY A 70 25.60 -27.35 5.78
CA GLY A 70 25.81 -26.18 4.96
C GLY A 70 27.28 -25.90 4.72
N ILE A 71 27.56 -24.73 4.15
CA ILE A 71 28.92 -24.29 3.91
C ILE A 71 28.97 -22.78 4.00
N VAL A 72 30.10 -22.26 4.46
CA VAL A 72 30.30 -20.83 4.66
C VAL A 72 31.48 -20.37 3.83
N VAL A 73 31.32 -19.23 3.16
CA VAL A 73 32.38 -18.64 2.34
C VAL A 73 33.04 -17.52 3.12
N LEU A 74 34.35 -17.59 3.26
CA LEU A 74 35.08 -16.56 3.97
C LEU A 74 35.20 -15.30 3.12
N PRO A 75 35.22 -14.13 3.75
CA PRO A 75 35.35 -12.88 2.98
C PRO A 75 36.66 -12.82 2.20
N GLN A 76 36.63 -12.05 1.10
CA GLN A 76 37.78 -12.00 0.20
C GLN A 76 38.96 -11.26 0.82
N ASP A 77 38.72 -10.31 1.71
CA ASP A 77 39.79 -9.45 2.20
C ASP A 77 40.44 -9.95 3.48
N LEU A 78 40.03 -11.11 3.97
CA LEU A 78 40.65 -11.69 5.14
C LEU A 78 42.10 -12.06 4.82
N PRO A 79 43.06 -11.72 5.68
CA PRO A 79 44.46 -12.07 5.40
C PRO A 79 44.65 -13.57 5.35
N ILE A 80 45.66 -14.00 4.57
CA ILE A 80 45.87 -15.42 4.30
C ILE A 80 46.20 -16.18 5.58
N THR A 81 46.89 -15.54 6.53
CA THR A 81 47.19 -16.20 7.79
C THR A 81 45.91 -16.46 8.58
N ALA A 82 45.02 -15.47 8.63
CA ALA A 82 43.74 -15.66 9.31
C ALA A 82 42.91 -16.72 8.61
N VAL A 83 42.97 -16.77 7.27
CA VAL A 83 42.26 -17.80 6.52
C VAL A 83 42.77 -19.18 6.90
N SER A 84 44.09 -19.35 6.95
CA SER A 84 44.65 -20.64 7.31
C SER A 84 44.27 -21.03 8.73
N GLU A 85 44.33 -20.07 9.66
CA GLU A 85 43.96 -20.37 11.04
C GLU A 85 42.51 -20.79 11.15
N THR A 86 41.60 -20.08 10.46
CA THR A 86 40.19 -20.42 10.50
C THR A 86 39.93 -21.78 9.88
N VAL A 87 40.60 -22.09 8.76
CA VAL A 87 40.41 -23.38 8.12
C VAL A 87 40.88 -24.50 9.03
N ASP A 88 42.02 -24.33 9.68
CA ASP A 88 42.50 -25.35 10.61
C ASP A 88 41.56 -25.54 11.78
N PHE A 89 41.06 -24.42 12.34
CA PHE A 89 40.12 -24.51 13.45
C PHE A 89 38.86 -25.25 13.04
N VAL A 90 38.32 -24.93 11.87
CA VAL A 90 37.09 -25.59 11.41
C VAL A 90 37.34 -27.08 11.16
N LYS A 91 38.46 -27.41 10.53
CA LYS A 91 38.74 -28.80 10.21
C LYS A 91 39.25 -29.61 11.39
N SER A 92 39.46 -28.99 12.54
CA SER A 92 39.78 -29.72 13.76
C SER A 92 38.57 -29.96 14.65
N ARG A 93 37.38 -29.53 14.24
CA ARG A 93 36.18 -29.70 15.03
C ARG A 93 35.63 -31.12 14.90
N ASP A 94 34.82 -31.51 15.88
CA ASP A 94 34.15 -32.80 15.87
C ASP A 94 32.86 -32.73 15.04
N LEU A 95 32.51 -33.86 14.43
CA LEU A 95 31.34 -33.91 13.55
C LEU A 95 30.02 -33.93 14.30
N VAL A 96 30.01 -34.27 15.59
CA VAL A 96 28.79 -34.44 16.36
C VAL A 96 28.74 -33.49 17.54
N VAL A 97 29.84 -33.38 18.28
CA VAL A 97 29.86 -32.61 19.51
C VAL A 97 30.28 -31.17 19.21
N ASP A 98 29.52 -30.22 19.72
CA ASP A 98 29.78 -28.81 19.46
C ASP A 98 30.86 -28.28 20.40
N THR A 99 31.67 -27.36 19.88
CA THR A 99 32.71 -26.73 20.68
C THR A 99 32.12 -25.75 21.66
N PRO A 100 32.28 -25.94 22.97
CA PRO A 100 31.64 -25.07 23.95
C PRO A 100 32.46 -23.82 24.27
N VAL A 101 31.78 -22.86 24.90
CA VAL A 101 32.47 -21.75 25.55
C VAL A 101 33.09 -22.27 26.84
N THR A 102 34.38 -21.97 27.03
CA THR A 102 35.11 -22.47 28.18
C THR A 102 35.72 -21.30 28.95
N LEU A 103 35.85 -21.49 30.26
CA LEU A 103 36.31 -20.43 31.15
C LEU A 103 37.25 -21.00 32.20
N SER A 104 38.33 -20.27 32.47
CA SER A 104 39.15 -20.57 33.62
C SER A 104 38.52 -19.99 34.88
N PRO A 105 38.79 -20.57 36.05
CA PRO A 105 38.14 -20.06 37.28
C PRO A 105 38.64 -18.71 37.74
N GLU A 106 39.57 -18.07 37.02
CA GLU A 106 40.10 -16.76 37.43
C GLU A 106 39.54 -15.59 36.63
N ASP A 107 38.82 -15.83 35.55
CA ASP A 107 38.30 -14.72 34.76
C ASP A 107 37.15 -14.03 35.49
N SER A 108 37.00 -12.73 35.21
CA SER A 108 35.93 -11.94 35.82
C SER A 108 34.56 -12.47 35.41
N VAL A 109 33.59 -12.27 36.31
CA VAL A 109 32.21 -12.69 36.02
C VAL A 109 31.66 -11.91 34.84
N SER A 110 32.03 -10.64 34.71
CA SER A 110 31.55 -9.84 33.60
C SER A 110 32.00 -10.40 32.26
N ASP A 111 33.26 -10.85 32.18
CA ASP A 111 33.75 -11.46 30.95
C ASP A 111 33.03 -12.77 30.66
N ALA A 112 32.72 -13.54 31.70
CA ALA A 112 31.93 -14.75 31.50
C ALA A 112 30.55 -14.44 30.94
N ASN A 113 29.90 -13.41 31.49
CA ASN A 113 28.59 -13.01 31.00
C ASN A 113 28.69 -12.58 29.53
N ALA A 114 29.71 -11.80 29.20
CA ALA A 114 29.87 -11.35 27.82
C ALA A 114 30.10 -12.52 26.87
N LEU A 115 30.91 -13.49 27.29
CA LEU A 115 31.19 -14.65 26.44
C LEU A 115 30.02 -15.61 26.36
N LEU A 116 29.11 -15.58 27.33
CA LEU A 116 27.98 -16.52 27.33
C LEU A 116 27.12 -16.39 26.08
N HIS A 117 27.02 -15.20 25.51
CA HIS A 117 26.16 -14.97 24.36
C HIS A 117 26.81 -15.37 23.05
N LYS A 118 28.05 -15.85 23.07
CA LYS A 118 28.75 -16.22 21.85
C LYS A 118 28.28 -17.55 21.28
N ARG A 119 27.46 -18.31 22.02
CA ARG A 119 26.93 -19.57 21.54
C ARG A 119 25.47 -19.68 21.94
N ALA A 120 24.75 -20.57 21.26
CA ALA A 120 23.35 -20.81 21.57
C ALA A 120 23.14 -21.73 22.76
N HIS A 121 24.21 -22.30 23.33
CA HIS A 121 24.06 -23.26 24.41
C HIS A 121 23.46 -22.61 25.66
N GLY A 122 23.79 -21.35 25.91
CA GLY A 122 23.29 -20.66 27.09
C GLY A 122 23.98 -21.00 28.38
N ALA A 123 25.03 -21.82 28.35
CA ALA A 123 25.78 -22.16 29.54
C ALA A 123 27.22 -22.42 29.15
N ALA A 124 28.14 -22.04 30.03
CA ALA A 124 29.57 -22.25 29.84
C ALA A 124 30.08 -23.30 30.80
N VAL A 125 31.16 -23.97 30.42
CA VAL A 125 31.79 -25.00 31.24
C VAL A 125 33.13 -24.46 31.73
N VAL A 126 33.32 -24.45 33.04
CA VAL A 126 34.56 -23.99 33.63
C VAL A 126 35.59 -25.11 33.56
N VAL A 127 36.80 -24.78 33.10
CA VAL A 127 37.85 -25.76 32.90
C VAL A 127 39.02 -25.43 33.81
N PHE A 128 39.61 -26.46 34.40
CA PHE A 128 40.81 -26.33 35.21
C PHE A 128 41.76 -27.45 34.81
N GLU A 129 43.01 -27.09 34.51
CA GLU A 129 44.03 -28.00 34.00
C GLU A 129 43.46 -29.00 33.00
N GLY A 130 42.67 -28.46 32.06
CA GLY A 130 42.07 -29.27 31.02
C GLY A 130 40.92 -30.16 31.46
N ARG A 131 40.41 -29.97 32.66
CA ARG A 131 39.30 -30.79 33.14
C ARG A 131 38.09 -29.92 33.45
N PRO A 132 36.88 -30.41 33.19
CA PRO A 132 35.68 -29.63 33.54
C PRO A 132 35.36 -29.74 35.02
N ILE A 133 35.02 -28.61 35.63
CA ILE A 133 34.76 -28.56 37.06
C ILE A 133 33.35 -28.08 37.39
N GLY A 134 32.63 -27.46 36.46
CA GLY A 134 31.28 -27.00 36.76
C GLY A 134 30.70 -26.26 35.58
N LEU A 135 29.39 -26.03 35.66
CA LEU A 135 28.67 -25.25 34.68
C LEU A 135 28.31 -23.88 35.25
N VAL A 136 28.16 -22.90 34.37
CA VAL A 136 27.74 -21.56 34.74
C VAL A 136 26.70 -21.09 33.74
N THR A 137 25.57 -20.61 34.24
CA THR A 137 24.47 -20.12 33.42
C THR A 137 24.36 -18.62 33.54
N GLU A 138 23.46 -18.04 32.72
CA GLU A 138 23.23 -16.61 32.76
C GLU A 138 22.68 -16.18 34.12
N ALA A 139 21.63 -16.86 34.58
CA ALA A 139 20.97 -16.46 35.82
C ALA A 139 21.91 -16.60 37.02
N ASN A 140 22.85 -17.53 36.96
CA ASN A 140 23.77 -17.72 38.08
C ASN A 140 24.72 -16.54 38.21
N CYS A 141 25.38 -16.17 37.11
CA CYS A 141 26.33 -15.07 37.14
C CYS A 141 25.65 -13.70 37.22
N ALA A 142 24.37 -13.61 36.84
CA ALA A 142 23.70 -12.32 36.85
C ALA A 142 23.42 -11.80 38.25
N GLY A 143 23.35 -12.67 39.24
CA GLY A 143 22.96 -12.27 40.58
C GLY A 143 24.12 -12.00 41.52
N VAL A 144 25.30 -11.70 40.99
CA VAL A 144 26.52 -11.56 41.77
C VAL A 144 27.18 -10.23 41.46
N ASP A 145 28.17 -9.88 42.28
CA ASP A 145 28.85 -8.60 42.16
C ASP A 145 29.56 -8.48 40.82
N ARG A 146 29.68 -7.24 40.34
CA ARG A 146 30.35 -6.97 39.07
C ARG A 146 31.81 -7.38 39.07
N PHE A 147 32.45 -7.46 40.24
CA PHE A 147 33.85 -7.81 40.34
C PHE A 147 34.09 -9.23 40.83
N ALA A 148 33.03 -10.02 40.98
CA ALA A 148 33.17 -11.40 41.42
C ALA A 148 33.87 -12.22 40.34
N ARG A 149 34.42 -13.36 40.76
CA ARG A 149 35.14 -14.26 39.87
C ARG A 149 34.30 -15.49 39.58
N VAL A 150 34.78 -16.28 38.61
CA VAL A 150 34.04 -17.45 38.15
C VAL A 150 34.07 -18.55 39.21
N ARG A 151 35.20 -18.69 39.90
CA ARG A 151 35.43 -19.78 40.85
C ARG A 151 34.23 -20.05 41.76
N ASP A 152 33.81 -19.04 42.52
CA ASP A 152 32.76 -19.19 43.50
C ASP A 152 31.36 -19.05 42.92
N ILE A 153 31.20 -19.21 41.61
CA ILE A 153 29.89 -19.20 40.98
C ILE A 153 29.53 -20.54 40.37
N ALA A 154 30.49 -21.27 39.82
CA ALA A 154 30.19 -22.50 39.09
C ALA A 154 29.59 -23.56 40.01
N LEU A 155 28.68 -24.35 39.45
CA LEU A 155 28.04 -25.45 40.15
C LEU A 155 28.52 -26.76 39.55
N SER A 156 28.97 -27.67 40.41
CA SER A 156 29.59 -28.92 39.97
C SER A 156 28.59 -29.99 39.55
N ASP A 157 27.30 -29.75 39.72
CA ASP A 157 26.28 -30.73 39.32
C ASP A 157 25.98 -30.56 37.84
N PHE A 158 26.52 -31.46 37.01
CA PHE A 158 26.25 -31.45 35.59
C PHE A 158 26.31 -32.86 35.05
N VAL A 159 25.59 -33.10 33.96
CA VAL A 159 25.58 -34.41 33.31
C VAL A 159 26.82 -34.55 32.43
N THR A 160 27.42 -35.73 32.44
CA THR A 160 28.62 -35.99 31.67
C THR A 160 28.51 -37.35 30.99
N ALA A 161 29.22 -37.50 29.88
CA ALA A 161 29.21 -38.73 29.12
C ALA A 161 30.50 -38.85 28.32
N PRO A 162 30.94 -40.07 28.02
CA PRO A 162 32.09 -40.24 27.14
C PRO A 162 31.72 -39.93 25.69
N VAL A 163 32.72 -39.49 24.93
CA VAL A 163 32.53 -39.25 23.51
C VAL A 163 32.25 -40.56 22.79
N GLY A 164 31.40 -40.50 21.77
CA GLY A 164 31.05 -41.65 20.98
C GLY A 164 29.79 -42.37 21.41
N THR A 165 29.18 -41.96 22.52
CA THR A 165 27.93 -42.57 22.93
C THR A 165 26.79 -42.15 22.00
N ASP A 166 25.77 -42.99 21.95
CA ASP A 166 24.63 -42.75 21.08
C ASP A 166 23.94 -41.45 21.48
N PRO A 167 23.70 -40.52 20.54
CA PRO A 167 23.00 -39.29 20.90
C PRO A 167 21.62 -39.51 21.51
N ARG A 168 20.96 -40.62 21.18
CA ARG A 168 19.69 -40.93 21.84
C ARG A 168 19.89 -41.15 23.33
N GLU A 169 21.00 -41.79 23.71
CA GLU A 169 21.30 -41.97 25.13
C GLU A 169 21.55 -40.62 25.80
N VAL A 170 22.22 -39.70 25.11
CA VAL A 170 22.43 -38.37 25.66
C VAL A 170 21.11 -37.65 25.83
N PHE A 171 20.19 -37.83 24.89
CA PHE A 171 18.86 -37.25 25.03
C PHE A 171 18.15 -37.83 26.26
N ASP A 172 18.24 -39.15 26.45
CA ASP A 172 17.60 -39.78 27.60
C ASP A 172 18.19 -39.27 28.90
N LEU A 173 19.50 -39.11 28.96
CA LEU A 173 20.16 -38.66 30.18
C LEU A 173 19.72 -37.25 30.56
N LEU A 174 19.48 -36.40 29.57
CA LEU A 174 19.15 -35.00 29.78
C LEU A 174 17.67 -34.75 30.01
N GLU A 175 16.84 -35.80 30.00
CA GLU A 175 15.39 -35.61 30.07
C GLU A 175 14.98 -34.93 31.37
N HIS A 176 15.52 -35.37 32.49
CA HIS A 176 15.17 -34.82 33.80
C HIS A 176 16.27 -33.95 34.38
N ALA A 177 17.32 -33.68 33.61
CA ALA A 177 18.40 -32.85 34.12
C ALA A 177 17.94 -31.41 34.28
N PRO A 178 18.39 -30.70 35.31
CA PRO A 178 18.02 -29.29 35.45
C PRO A 178 18.63 -28.39 34.39
N ILE A 179 19.72 -28.82 33.76
CA ILE A 179 20.38 -28.06 32.71
C ILE A 179 20.41 -28.90 31.45
N ASP A 180 20.07 -28.28 30.32
CA ASP A 180 19.90 -28.99 29.05
C ASP A 180 21.23 -29.29 28.35
N VAL A 181 22.36 -29.17 29.03
CA VAL A 181 23.68 -29.32 28.42
C VAL A 181 24.39 -30.49 29.08
N ALA A 182 24.83 -31.45 28.27
CA ALA A 182 25.63 -32.56 28.75
C ALA A 182 27.06 -32.39 28.26
N VAL A 183 28.03 -32.65 29.13
CA VAL A 183 29.43 -32.49 28.81
C VAL A 183 29.97 -33.82 28.31
N MET A 184 30.45 -33.84 27.07
CA MET A 184 31.10 -35.01 26.51
C MET A 184 32.60 -34.88 26.73
N THR A 185 33.22 -35.98 27.17
CA THR A 185 34.63 -35.98 27.54
C THR A 185 35.35 -37.15 26.88
N ALA A 186 36.60 -36.91 26.50
CA ALA A 186 37.44 -37.96 25.94
C ALA A 186 37.68 -39.04 26.99
N PRO A 187 38.08 -40.24 26.56
CA PRO A 187 38.39 -41.30 27.54
C PRO A 187 39.50 -40.91 28.50
N ASP A 188 40.37 -39.99 28.12
CA ASP A 188 41.36 -39.45 29.05
C ASP A 188 40.74 -38.57 30.13
N GLY A 189 39.46 -38.23 30.00
CA GLY A 189 38.79 -37.37 30.95
C GLY A 189 38.90 -35.89 30.68
N THR A 190 39.63 -35.50 29.64
CA THR A 190 39.71 -34.09 29.28
C THR A 190 38.43 -33.63 28.59
N LEU A 191 38.19 -32.32 28.68
CA LEU A 191 36.99 -31.74 28.08
C LEU A 191 37.03 -31.88 26.57
N ALA A 192 36.00 -32.52 26.02
CA ALA A 192 35.87 -32.69 24.58
C ALA A 192 34.82 -31.78 23.97
N GLY A 193 33.69 -31.58 24.64
CA GLY A 193 32.71 -30.62 24.16
C GLY A 193 31.40 -30.77 24.92
N VAL A 194 30.33 -30.23 24.32
CA VAL A 194 29.01 -30.27 24.92
C VAL A 194 27.98 -30.68 23.88
N LEU A 195 26.89 -31.27 24.36
CA LEU A 195 25.70 -31.53 23.56
C LEU A 195 24.49 -30.90 24.23
N THR A 196 23.79 -30.06 23.51
CA THR A 196 22.47 -29.63 23.91
C THR A 196 21.46 -30.70 23.54
N ARG A 197 20.38 -30.81 24.33
CA ARG A 197 19.39 -31.84 24.09
C ARG A 197 18.81 -31.75 22.68
N THR A 198 18.63 -30.52 22.18
CA THR A 198 18.20 -30.34 20.80
C THR A 198 19.30 -30.77 19.82
N GLY A 199 20.56 -30.56 20.19
CA GLY A 199 21.65 -30.97 19.32
C GLY A 199 21.70 -32.47 19.09
N ALA A 200 21.27 -33.26 20.08
CA ALA A 200 21.25 -34.71 19.91
C ALA A 200 20.26 -35.12 18.84
N ILE A 201 19.12 -34.44 18.75
CA ILE A 201 18.16 -34.72 17.69
C ILE A 201 18.69 -34.20 16.35
N ARG A 202 19.26 -33.00 16.36
CA ARG A 202 19.78 -32.43 15.12
C ARG A 202 20.87 -33.31 14.51
N ALA A 203 21.68 -33.93 15.35
CA ALA A 203 22.72 -34.83 14.86
C ALA A 203 22.13 -36.04 14.14
N GLY A 204 20.90 -36.40 14.44
CA GLY A 204 20.24 -37.47 13.73
C GLY A 204 19.51 -36.97 12.50
N ILE A 205 19.10 -35.70 12.52
CA ILE A 205 18.39 -35.14 11.37
C ILE A 205 19.37 -34.74 10.26
N TYR A 206 20.44 -34.04 10.60
CA TYR A 206 21.32 -33.44 9.62
C TYR A 206 22.60 -34.25 9.46
N THR A 207 23.00 -34.50 8.21
CA THR A 207 24.28 -35.13 7.92
C THR A 207 25.33 -34.05 7.68
N PRO A 208 26.47 -34.09 8.38
CA PRO A 208 27.50 -33.07 8.18
C PRO A 208 28.07 -33.13 6.77
N ALA A 209 28.50 -31.96 6.28
CA ALA A 209 29.14 -31.84 4.98
C ALA A 209 30.65 -31.96 5.19
N VAL A 210 31.24 -33.05 4.71
CA VAL A 210 32.63 -33.37 4.99
C VAL A 210 33.36 -33.61 3.68
N ASP A 211 34.66 -33.31 3.68
CA ASP A 211 35.52 -33.55 2.53
C ASP A 211 35.94 -35.03 2.51
N ALA A 212 36.86 -35.36 1.59
CA ALA A 212 37.29 -36.75 1.45
C ALA A 212 37.99 -37.26 2.70
N LYS A 213 38.59 -36.37 3.50
CA LYS A 213 39.26 -36.76 4.72
C LYS A 213 38.35 -36.73 5.94
N GLY A 214 37.05 -36.49 5.75
CA GLY A 214 36.11 -36.50 6.85
C GLY A 214 36.10 -35.27 7.71
N ARG A 215 36.70 -34.18 7.27
CA ARG A 215 36.69 -32.92 8.01
C ARG A 215 35.65 -31.97 7.41
N LEU A 216 35.22 -31.02 8.24
CA LEU A 216 34.20 -30.07 7.82
C LEU A 216 34.68 -29.21 6.66
N ARG A 217 33.77 -28.92 5.73
CA ARG A 217 34.09 -28.17 4.54
C ARG A 217 33.99 -26.66 4.78
N ILE A 218 34.78 -25.91 4.02
CA ILE A 218 34.76 -24.45 4.08
C ILE A 218 35.22 -23.92 2.73
N ALA A 219 34.75 -22.72 2.38
CA ALA A 219 35.09 -22.08 1.12
C ALA A 219 35.62 -20.68 1.38
N ALA A 220 36.30 -20.12 0.38
CA ALA A 220 36.89 -18.80 0.48
C ALA A 220 36.71 -18.05 -0.83
N ALA A 221 36.59 -16.72 -0.71
CA ALA A 221 36.36 -15.85 -1.85
C ALA A 221 37.64 -15.12 -2.25
N VAL A 222 37.69 -14.72 -3.52
CA VAL A 222 38.79 -13.93 -4.08
C VAL A 222 38.20 -12.72 -4.78
N GLY A 223 38.95 -11.61 -4.76
CA GLY A 223 38.57 -10.45 -5.52
C GLY A 223 39.00 -10.57 -6.97
N ILE A 224 38.44 -9.67 -7.81
CA ILE A 224 38.76 -9.66 -9.22
C ILE A 224 39.97 -8.80 -9.54
N ASN A 225 40.60 -8.20 -8.55
CA ASN A 225 41.73 -7.30 -8.75
C ASN A 225 43.00 -7.89 -8.18
N GLY A 226 44.13 -7.39 -8.67
CA GLY A 226 45.41 -7.92 -8.26
C GLY A 226 45.75 -9.22 -8.97
N ASP A 227 46.62 -10.00 -8.34
CA ASP A 227 47.02 -11.31 -8.88
C ASP A 227 46.01 -12.34 -8.37
N VAL A 228 44.97 -12.57 -9.17
CA VAL A 228 43.92 -13.50 -8.77
C VAL A 228 44.47 -14.92 -8.70
N GLY A 229 45.37 -15.28 -9.62
CA GLY A 229 45.90 -16.63 -9.62
C GLY A 229 46.68 -16.95 -8.36
N ALA A 230 47.54 -16.03 -7.92
CA ALA A 230 48.32 -16.25 -6.71
C ALA A 230 47.42 -16.37 -5.49
N LYS A 231 46.41 -15.51 -5.38
CA LYS A 231 45.48 -15.59 -4.26
C LYS A 231 44.72 -16.91 -4.27
N ALA A 232 44.26 -17.35 -5.44
CA ALA A 232 43.54 -18.61 -5.53
C ALA A 232 44.44 -19.77 -5.14
N GLN A 233 45.68 -19.77 -5.59
CA GLN A 233 46.60 -20.85 -5.23
C GLN A 233 46.88 -20.86 -3.74
N ALA A 234 47.06 -19.68 -3.15
CA ALA A 234 47.28 -19.61 -1.71
C ALA A 234 46.08 -20.14 -0.94
N LEU A 235 44.87 -19.75 -1.35
CA LEU A 235 43.68 -20.23 -0.65
C LEU A 235 43.50 -21.73 -0.81
N ALA A 236 43.78 -22.26 -2.01
CA ALA A 236 43.69 -23.69 -2.20
C ALA A 236 44.70 -24.44 -1.35
N GLU A 237 45.92 -23.90 -1.24
CA GLU A 237 46.93 -24.51 -0.38
C GLU A 237 46.52 -24.45 1.08
N ALA A 238 45.83 -23.38 1.48
CA ALA A 238 45.35 -23.26 2.85
C ALA A 238 44.27 -24.28 3.19
N GLY A 239 43.70 -24.96 2.20
CA GLY A 239 42.73 -26.00 2.44
C GLY A 239 41.29 -25.65 2.14
N ALA A 240 41.02 -24.52 1.49
CA ALA A 240 39.67 -24.18 1.12
C ALA A 240 39.13 -25.16 0.08
N ASP A 241 37.91 -25.64 0.29
CA ASP A 241 37.33 -26.64 -0.59
C ASP A 241 36.64 -26.05 -1.82
N LEU A 242 36.42 -24.74 -1.86
CA LEU A 242 35.69 -24.14 -2.96
C LEU A 242 36.06 -22.66 -3.04
N LEU A 243 36.15 -22.15 -4.26
CA LEU A 243 36.57 -20.78 -4.51
C LEU A 243 35.44 -20.00 -5.16
N VAL A 244 35.22 -18.78 -4.68
CA VAL A 244 34.19 -17.89 -5.21
C VAL A 244 34.87 -16.62 -5.72
N ILE A 245 34.74 -16.36 -7.02
CA ILE A 245 35.19 -15.11 -7.60
C ILE A 245 33.98 -14.19 -7.65
N ASP A 246 34.00 -13.13 -6.86
CA ASP A 246 32.82 -12.31 -6.62
C ASP A 246 33.05 -10.86 -7.00
N THR A 247 32.12 -10.30 -7.76
CA THR A 247 32.08 -8.87 -8.01
C THR A 247 30.63 -8.46 -8.21
N ALA A 248 30.36 -7.16 -8.01
CA ALA A 248 28.98 -6.67 -8.10
C ALA A 248 28.43 -6.82 -9.51
N HIS A 249 29.30 -6.81 -10.52
CA HIS A 249 28.89 -6.95 -11.91
C HIS A 249 29.77 -7.98 -12.59
N GLY A 250 29.29 -9.22 -12.64
CA GLY A 250 29.88 -10.20 -13.51
C GLY A 250 29.64 -9.83 -14.96
N HIS A 251 30.12 -10.69 -15.85
CA HIS A 251 29.98 -10.47 -17.29
C HIS A 251 30.68 -9.18 -17.71
N GLN A 252 31.95 -9.10 -17.36
CA GLN A 252 32.82 -8.02 -17.78
C GLN A 252 34.22 -8.59 -18.02
N ALA A 253 35.03 -7.84 -18.76
CA ALA A 253 36.31 -8.37 -19.21
C ALA A 253 37.19 -8.81 -18.05
N LYS A 254 37.19 -8.05 -16.96
CA LYS A 254 38.05 -8.38 -15.83
C LYS A 254 37.64 -9.72 -15.21
N MET A 255 36.33 -9.99 -15.12
CA MET A 255 35.90 -11.28 -14.61
C MET A 255 36.31 -12.43 -15.52
N LEU A 256 36.19 -12.24 -16.84
CA LEU A 256 36.60 -13.30 -17.75
C LEU A 256 38.09 -13.58 -17.61
N ASP A 257 38.89 -12.53 -17.50
CA ASP A 257 40.34 -12.70 -17.32
C ASP A 257 40.64 -13.41 -16.01
N ALA A 258 39.97 -13.03 -14.92
CA ALA A 258 40.22 -13.65 -13.63
C ALA A 258 39.81 -15.13 -13.63
N ILE A 259 38.68 -15.44 -14.23
CA ILE A 259 38.24 -16.84 -14.30
C ILE A 259 39.22 -17.66 -15.12
N LYS A 260 39.68 -17.12 -16.25
CA LYS A 260 40.67 -17.83 -17.05
C LYS A 260 41.95 -18.06 -16.27
N ALA A 261 42.40 -17.04 -15.53
CA ALA A 261 43.62 -17.18 -14.75
C ALA A 261 43.48 -18.25 -13.69
N VAL A 262 42.33 -18.29 -13.00
CA VAL A 262 42.15 -19.29 -11.94
C VAL A 262 42.03 -20.68 -12.54
N ALA A 263 41.29 -20.81 -13.65
CA ALA A 263 41.11 -22.12 -14.27
C ALA A 263 42.41 -22.65 -14.85
N SER A 264 43.30 -21.78 -15.30
CA SER A 264 44.57 -22.23 -15.86
C SER A 264 45.41 -22.99 -14.84
N LEU A 265 45.30 -22.63 -13.57
CA LEU A 265 46.06 -23.32 -12.53
C LEU A 265 45.62 -24.76 -12.34
N ASP A 266 44.40 -25.12 -12.75
CA ASP A 266 43.88 -26.48 -12.64
C ASP A 266 43.93 -26.98 -11.19
N LEU A 267 43.38 -26.17 -10.28
CA LEU A 267 43.38 -26.54 -8.87
C LEU A 267 42.43 -27.69 -8.56
N GLY A 268 41.49 -27.98 -9.45
CA GLY A 268 40.54 -29.07 -9.24
C GLY A 268 39.38 -28.75 -8.34
N LEU A 269 39.29 -27.54 -7.81
CA LEU A 269 38.17 -27.13 -6.98
C LEU A 269 37.02 -26.59 -7.82
N PRO A 270 35.79 -26.70 -7.34
CA PRO A 270 34.68 -25.98 -8.00
C PRO A 270 34.89 -24.48 -7.92
N LEU A 271 34.53 -23.79 -9.00
CA LEU A 271 34.77 -22.36 -9.15
C LEU A 271 33.44 -21.65 -9.34
N VAL A 272 33.12 -20.72 -8.45
CA VAL A 272 31.89 -19.96 -8.48
C VAL A 272 32.20 -18.54 -8.97
N ALA A 273 31.35 -18.01 -9.83
CA ALA A 273 31.52 -16.67 -10.37
C ALA A 273 30.17 -15.97 -10.48
N GLY A 274 30.15 -14.67 -10.21
CA GLY A 274 28.93 -13.89 -10.31
C GLY A 274 29.21 -12.44 -9.98
N ASN A 275 28.18 -11.62 -10.10
CA ASN A 275 26.83 -12.06 -10.40
C ASN A 275 26.39 -11.67 -11.81
N VAL A 276 25.51 -12.48 -12.41
CA VAL A 276 24.89 -12.16 -13.69
C VAL A 276 23.39 -12.43 -13.58
N VAL A 277 22.63 -11.84 -14.51
CA VAL A 277 21.19 -12.01 -14.51
C VAL A 277 20.69 -12.34 -15.91
N SER A 278 21.60 -12.71 -16.81
CA SER A 278 21.25 -12.99 -18.19
C SER A 278 21.84 -14.31 -18.64
N ALA A 279 21.20 -14.92 -19.63
CA ALA A 279 21.70 -16.18 -20.18
C ALA A 279 23.04 -16.00 -20.87
N GLU A 280 23.22 -14.88 -21.57
CA GLU A 280 24.49 -14.61 -22.23
C GLU A 280 25.63 -14.53 -21.23
N GLY A 281 25.41 -13.84 -20.11
CA GLY A 281 26.44 -13.77 -19.09
C GLY A 281 26.77 -15.11 -18.48
N THR A 282 25.74 -15.93 -18.26
CA THR A 282 25.98 -17.28 -17.74
C THR A 282 26.80 -18.11 -18.71
N ARG A 283 26.47 -18.04 -20.00
CA ARG A 283 27.24 -18.76 -21.00
C ARG A 283 28.69 -18.29 -21.04
N ASP A 284 28.90 -16.97 -20.97
CA ASP A 284 30.27 -16.46 -20.99
C ASP A 284 31.05 -16.90 -19.76
N LEU A 285 30.44 -16.85 -18.58
CA LEU A 285 31.14 -17.25 -17.37
C LEU A 285 31.45 -18.74 -17.37
N ILE A 286 30.54 -19.57 -17.90
CA ILE A 286 30.82 -21.00 -17.96
C ILE A 286 31.91 -21.30 -18.97
N GLU A 287 31.86 -20.65 -20.14
CA GLU A 287 32.89 -20.88 -21.15
C GLU A 287 34.26 -20.42 -20.69
N ALA A 288 34.30 -19.35 -19.88
CA ALA A 288 35.58 -18.91 -19.33
C ALA A 288 36.19 -19.93 -18.38
N GLY A 289 35.40 -20.86 -17.87
CA GLY A 289 35.90 -21.93 -17.02
C GLY A 289 35.22 -22.04 -15.66
N ALA A 290 34.24 -21.20 -15.36
CA ALA A 290 33.54 -21.34 -14.09
C ALA A 290 32.62 -22.55 -14.11
N SER A 291 32.51 -23.22 -12.97
CA SER A 291 31.62 -24.37 -12.85
C SER A 291 30.25 -23.98 -12.32
N ILE A 292 30.18 -22.98 -11.46
CA ILE A 292 28.93 -22.52 -10.86
C ILE A 292 28.82 -21.02 -11.06
N VAL A 293 27.63 -20.57 -11.46
CA VAL A 293 27.38 -19.15 -11.73
C VAL A 293 26.44 -18.62 -10.66
N LYS A 294 26.86 -17.56 -9.99
CA LYS A 294 26.06 -16.93 -8.95
C LYS A 294 25.16 -15.86 -9.57
N VAL A 295 23.87 -15.93 -9.27
CA VAL A 295 22.84 -15.16 -9.98
C VAL A 295 22.23 -14.14 -9.04
N GLY A 296 22.10 -12.91 -9.52
CA GLY A 296 21.34 -11.88 -8.83
C GLY A 296 22.00 -10.52 -8.82
N VAL A 297 21.32 -9.53 -9.38
CA VAL A 297 21.79 -8.15 -9.42
C VAL A 297 20.60 -7.25 -9.16
N GLY A 298 20.69 -6.39 -8.15
CA GLY A 298 19.62 -5.50 -7.77
C GLY A 298 18.27 -6.18 -7.74
N PRO A 299 18.11 -7.16 -6.86
CA PRO A 299 16.88 -7.98 -6.92
C PRO A 299 15.62 -7.23 -6.54
N GLY A 300 15.69 -6.36 -5.53
CA GLY A 300 14.51 -5.70 -5.02
C GLY A 300 14.14 -4.45 -5.80
N ALA A 301 12.83 -4.22 -5.92
CA ALA A 301 12.33 -3.07 -6.66
C ALA A 301 12.64 -1.74 -5.96
N MET A 302 13.03 -1.78 -4.69
CA MET A 302 13.37 -0.57 -3.95
C MET A 302 14.72 -0.73 -3.25
N CYS A 303 15.57 -1.61 -3.76
CA CYS A 303 16.89 -1.79 -3.20
C CYS A 303 17.78 -0.59 -3.49
N THR A 304 18.94 -0.55 -2.83
CA THR A 304 19.87 0.54 -3.04
C THR A 304 20.37 0.58 -4.48
N THR A 305 20.69 -0.57 -5.05
CA THR A 305 21.24 -0.60 -6.40
C THR A 305 20.25 -0.06 -7.42
N ARG A 306 18.98 -0.47 -7.32
CA ARG A 306 18.01 -0.04 -8.31
C ARG A 306 17.60 1.42 -8.11
N MET A 307 17.53 1.88 -6.87
CA MET A 307 17.24 3.29 -6.64
C MET A 307 18.40 4.18 -7.07
N MET A 308 19.63 3.68 -7.01
CA MET A 308 20.77 4.46 -7.48
C MET A 308 20.88 4.47 -8.99
N THR A 309 20.69 3.31 -9.63
CA THR A 309 21.02 3.17 -11.05
C THR A 309 19.88 2.66 -11.93
N GLY A 310 18.82 2.10 -11.36
CA GLY A 310 17.79 1.51 -12.19
C GLY A 310 18.17 0.18 -12.82
N VAL A 311 19.28 -0.42 -12.37
CA VAL A 311 19.79 -1.65 -12.95
C VAL A 311 19.41 -2.82 -12.04
N GLY A 312 18.93 -3.90 -12.64
CA GLY A 312 18.61 -5.09 -11.89
C GLY A 312 17.69 -5.99 -12.69
N ARG A 313 17.20 -7.03 -12.02
CA ARG A 313 16.23 -7.93 -12.61
C ARG A 313 15.46 -8.63 -11.50
N PRO A 314 14.16 -8.87 -11.66
CA PRO A 314 13.45 -9.70 -10.70
C PRO A 314 14.09 -11.08 -10.58
N GLN A 315 14.12 -11.60 -9.35
CA GLN A 315 14.94 -12.77 -9.06
C GLN A 315 14.44 -14.02 -9.76
N PHE A 316 13.12 -14.22 -9.80
CA PHE A 316 12.59 -15.49 -10.31
C PHE A 316 12.92 -15.66 -11.80
N SER A 317 12.64 -14.64 -12.61
CA SER A 317 12.89 -14.76 -14.04
C SER A 317 14.38 -14.91 -14.32
N ALA A 318 15.21 -14.16 -13.60
CA ALA A 318 16.65 -14.27 -13.77
C ALA A 318 17.15 -15.67 -13.44
N VAL A 319 16.66 -16.23 -12.32
CA VAL A 319 17.10 -17.56 -11.93
C VAL A 319 16.64 -18.59 -12.94
N VAL A 320 15.41 -18.48 -13.44
CA VAL A 320 14.93 -19.43 -14.44
C VAL A 320 15.79 -19.38 -15.69
N GLU A 321 16.02 -18.17 -16.22
CA GLU A 321 16.78 -18.04 -17.45
C GLU A 321 18.21 -18.53 -17.27
N CYS A 322 18.87 -18.14 -16.18
CA CYS A 322 20.24 -18.53 -15.97
C CYS A 322 20.38 -20.02 -15.70
N ALA A 323 19.44 -20.61 -14.96
CA ALA A 323 19.49 -22.04 -14.71
C ALA A 323 19.32 -22.83 -16.01
N ALA A 324 18.40 -22.40 -16.87
CA ALA A 324 18.24 -23.07 -18.15
C ALA A 324 19.51 -22.96 -18.98
N ALA A 325 20.09 -21.77 -19.04
CA ALA A 325 21.31 -21.58 -19.82
C ALA A 325 22.45 -22.43 -19.29
N ALA A 326 22.59 -22.51 -17.97
CA ALA A 326 23.68 -23.27 -17.38
C ALA A 326 23.48 -24.78 -17.57
N ARG A 327 22.25 -25.26 -17.39
CA ARG A 327 21.98 -26.68 -17.60
C ARG A 327 22.17 -27.05 -19.07
N GLN A 328 22.04 -26.09 -19.98
CA GLN A 328 22.36 -26.37 -21.37
C GLN A 328 23.83 -26.74 -21.54
N LEU A 329 24.71 -26.12 -20.75
CA LEU A 329 26.13 -26.40 -20.79
C LEU A 329 26.60 -27.31 -19.66
N GLY A 330 25.68 -27.88 -18.89
CA GLY A 330 26.06 -28.75 -17.79
C GLY A 330 26.58 -28.06 -16.56
N GLY A 331 26.31 -26.76 -16.40
CA GLY A 331 26.69 -26.03 -15.21
C GLY A 331 25.57 -25.97 -14.19
N HIS A 332 25.83 -25.22 -13.12
CA HIS A 332 24.84 -25.02 -12.07
C HIS A 332 24.85 -23.55 -11.67
N VAL A 333 23.76 -23.12 -11.03
CA VAL A 333 23.61 -21.73 -10.63
C VAL A 333 23.28 -21.66 -9.14
N TRP A 334 23.75 -20.60 -8.50
CA TRP A 334 23.43 -20.27 -7.12
C TRP A 334 22.57 -19.01 -7.09
N ALA A 335 21.51 -19.04 -6.31
CA ALA A 335 20.61 -17.90 -6.17
C ALA A 335 21.12 -16.97 -5.08
N ASP A 336 21.41 -15.72 -5.45
CA ASP A 336 21.94 -14.75 -4.50
C ASP A 336 21.01 -13.54 -4.40
N GLY A 337 19.72 -13.79 -4.23
CA GLY A 337 18.72 -12.74 -4.27
C GLY A 337 18.41 -12.05 -2.96
N GLY A 338 19.05 -12.42 -1.86
CA GLY A 338 18.70 -11.85 -0.58
C GLY A 338 17.48 -12.50 0.06
N VAL A 339 17.62 -13.79 0.40
CA VAL A 339 16.52 -14.54 0.97
C VAL A 339 16.10 -13.94 2.31
N ARG A 340 14.79 -13.84 2.52
CA ARG A 340 14.24 -13.39 3.79
C ARG A 340 13.18 -14.32 4.37
N HIS A 341 12.63 -15.23 3.59
CA HIS A 341 11.66 -16.22 4.03
C HIS A 341 11.99 -17.56 3.41
N PRO A 342 11.57 -18.66 4.02
CA PRO A 342 11.80 -19.97 3.40
C PRO A 342 11.14 -20.12 2.05
N ARG A 343 10.06 -19.37 1.80
CA ARG A 343 9.43 -19.35 0.49
C ARG A 343 10.44 -19.02 -0.60
N ASP A 344 11.34 -18.08 -0.33
CA ASP A 344 12.33 -17.68 -1.32
C ASP A 344 13.27 -18.84 -1.65
N VAL A 345 13.73 -19.57 -0.64
CA VAL A 345 14.60 -20.72 -0.89
C VAL A 345 13.86 -21.79 -1.69
N ALA A 346 12.62 -22.08 -1.31
CA ALA A 346 11.86 -23.10 -2.02
C ALA A 346 11.63 -22.70 -3.47
N LEU A 347 11.29 -21.44 -3.72
CA LEU A 347 11.02 -21.01 -5.09
C LEU A 347 12.30 -20.95 -5.92
N ALA A 348 13.43 -20.58 -5.29
CA ALA A 348 14.69 -20.61 -6.00
C ALA A 348 15.08 -22.03 -6.40
N LEU A 349 14.86 -22.99 -5.50
CA LEU A 349 15.13 -24.38 -5.84
C LEU A 349 14.19 -24.87 -6.93
N ALA A 350 12.93 -24.44 -6.90
CA ALA A 350 11.99 -24.84 -7.93
C ALA A 350 12.36 -24.27 -9.29
N ALA A 351 12.86 -23.02 -9.31
CA ALA A 351 13.22 -22.38 -10.56
C ALA A 351 14.37 -23.09 -11.26
N GLY A 352 15.22 -23.78 -10.50
CA GLY A 352 16.29 -24.56 -11.10
C GLY A 352 17.66 -24.35 -10.48
N ALA A 353 17.74 -23.51 -9.46
CA ALA A 353 19.01 -23.32 -8.77
C ALA A 353 19.37 -24.56 -7.96
N SER A 354 20.68 -24.83 -7.89
CA SER A 354 21.18 -25.96 -7.12
C SER A 354 21.51 -25.59 -5.67
N ASN A 355 21.71 -24.31 -5.38
CA ASN A 355 22.02 -23.85 -4.04
C ASN A 355 21.50 -22.43 -3.90
N VAL A 356 21.38 -21.99 -2.64
CA VAL A 356 20.86 -20.67 -2.32
C VAL A 356 21.82 -19.98 -1.37
N MET A 357 22.14 -18.73 -1.67
CA MET A 357 23.04 -17.92 -0.86
C MET A 357 22.23 -17.08 0.12
N ILE A 358 22.54 -17.20 1.40
CA ILE A 358 21.85 -16.47 2.45
C ILE A 358 22.82 -15.50 3.10
N GLY A 359 22.42 -14.24 3.21
CA GLY A 359 23.31 -13.20 3.69
C GLY A 359 22.93 -12.57 5.01
N SER A 360 22.42 -11.34 4.97
CA SER A 360 22.20 -10.56 6.18
C SER A 360 21.19 -11.20 7.12
N TRP A 361 20.35 -12.11 6.63
CA TRP A 361 19.38 -12.77 7.49
C TRP A 361 20.06 -13.50 8.64
N PHE A 362 21.19 -14.13 8.37
CA PHE A 362 21.94 -14.84 9.40
C PHE A 362 22.76 -13.90 10.28
N ALA A 363 22.79 -12.61 9.99
CA ALA A 363 23.54 -11.67 10.82
C ALA A 363 22.98 -11.62 12.23
N GLY A 364 21.66 -11.62 12.37
CA GLY A 364 21.04 -11.58 13.68
C GLY A 364 21.02 -12.92 14.38
N THR A 365 22.20 -13.50 14.60
CA THR A 365 22.33 -14.77 15.31
C THR A 365 23.50 -14.68 16.27
N TYR A 366 23.52 -15.62 17.23
CA TYR A 366 24.62 -15.65 18.19
C TYR A 366 25.94 -15.97 17.51
N GLU A 367 25.93 -16.91 16.56
CA GLU A 367 27.17 -17.37 15.95
C GLU A 367 27.76 -16.37 14.97
N SER A 368 27.07 -15.28 14.67
CA SER A 368 27.65 -14.26 13.81
C SER A 368 28.80 -13.56 14.54
N PRO A 369 29.83 -13.14 13.81
CA PRO A 369 31.01 -12.57 14.49
C PRO A 369 30.76 -11.23 15.16
N GLY A 370 29.66 -10.55 14.83
CA GLY A 370 29.39 -9.27 15.46
C GLY A 370 29.03 -9.42 16.93
N ASP A 371 29.29 -8.35 17.69
CA ASP A 371 28.97 -8.35 19.11
C ASP A 371 27.49 -8.04 19.32
N LEU A 372 26.95 -8.56 20.42
CA LEU A 372 25.56 -8.34 20.75
C LEU A 372 25.33 -6.92 21.27
N LEU A 373 24.24 -6.30 20.81
CA LEU A 373 23.82 -4.99 21.27
C LEU A 373 22.38 -5.07 21.75
N PHE A 374 21.97 -4.07 22.52
CA PHE A 374 20.63 -4.04 23.11
C PHE A 374 20.00 -2.69 22.84
N ASP A 375 18.74 -2.71 22.38
CA ASP A 375 18.00 -1.49 22.09
C ASP A 375 17.53 -0.84 23.40
N ARG A 376 16.77 0.25 23.26
CA ARG A 376 16.19 0.91 24.42
C ARG A 376 15.29 -0.04 25.20
N ASP A 377 14.56 -0.89 24.49
CA ASP A 377 13.71 -1.91 25.10
C ASP A 377 14.47 -3.18 25.41
N ASP A 378 15.80 -3.10 25.52
CA ASP A 378 16.71 -4.21 25.84
C ASP A 378 16.57 -5.40 24.88
N ARG A 379 15.94 -5.19 23.74
CA ARG A 379 15.84 -6.26 22.74
C ARG A 379 17.20 -6.48 22.09
N PRO A 380 17.66 -7.71 21.95
CA PRO A 380 18.96 -7.94 21.33
C PRO A 380 18.91 -7.69 19.84
N TYR A 381 19.97 -7.06 19.33
CA TYR A 381 20.10 -6.79 17.90
C TYR A 381 21.58 -6.77 17.55
N LYS A 382 21.86 -6.87 16.25
CA LYS A 382 23.21 -6.73 15.74
C LYS A 382 23.21 -5.81 14.53
N GLU A 383 24.35 -5.16 14.30
CA GLU A 383 24.51 -4.23 13.19
C GLU A 383 25.06 -4.98 11.99
N SER A 384 24.24 -5.11 10.95
CA SER A 384 24.72 -5.60 9.66
C SER A 384 25.40 -4.48 8.90
N TYR A 385 26.54 -4.79 8.29
CA TYR A 385 27.38 -3.82 7.59
C TYR A 385 27.76 -2.66 8.50
N GLY A 386 28.33 -3.00 9.66
CA GLY A 386 28.81 -2.00 10.60
C GLY A 386 30.31 -1.80 10.54
N MET A 387 31.04 -2.43 11.47
CA MET A 387 32.49 -2.35 11.47
C MET A 387 33.12 -2.91 10.21
N ALA A 388 32.40 -3.77 9.49
CA ALA A 388 32.95 -4.41 8.29
C ALA A 388 33.40 -3.39 7.25
N SER A 389 32.83 -2.18 7.26
CA SER A 389 33.28 -1.13 6.36
C SER A 389 34.78 -0.91 6.45
N LYS A 390 35.34 -1.03 7.67
CA LYS A 390 36.78 -0.88 7.84
C LYS A 390 37.53 -1.84 6.93
N ARG A 391 37.11 -3.11 6.90
CA ARG A 391 37.73 -4.07 6.00
C ARG A 391 37.71 -3.57 4.56
N ALA A 392 36.58 -3.00 4.13
CA ALA A 392 36.49 -2.43 2.79
C ALA A 392 37.54 -1.35 2.61
N VAL A 393 37.62 -0.40 3.55
CA VAL A 393 38.61 0.65 3.40
C VAL A 393 40.01 0.10 3.60
N ALA A 394 40.13 -1.08 4.20
CA ALA A 394 41.43 -1.74 4.24
C ALA A 394 41.91 -2.06 2.84
N ALA A 395 41.00 -2.51 1.97
CA ALA A 395 41.35 -2.69 0.56
C ALA A 395 41.77 -1.37 -0.07
N ARG A 396 41.24 -0.25 0.44
CA ARG A 396 41.68 1.06 0.00
C ARG A 396 42.96 1.48 0.71
N THR A 397 43.18 1.00 1.94
CA THR A 397 44.34 1.42 2.70
C THR A 397 45.63 0.92 2.06
N ALA A 398 45.61 -0.30 1.53
CA ALA A 398 46.77 -0.83 0.81
C ALA A 398 47.02 -0.14 -0.51
N GLY A 399 46.08 0.67 -0.98
CA GLY A 399 46.20 1.31 -2.28
C GLY A 399 47.10 2.52 -2.31
N ASP A 400 46.67 3.56 -3.02
CA ASP A 400 47.51 4.71 -3.30
C ASP A 400 47.39 5.75 -2.19
N SER A 401 47.92 6.95 -2.45
CA SER A 401 47.92 8.04 -1.49
C SER A 401 46.50 8.39 -1.05
N SER A 402 46.42 9.15 0.04
CA SER A 402 45.13 9.62 0.54
C SER A 402 44.36 10.41 -0.50
N PHE A 403 45.08 11.05 -1.43
CA PHE A 403 44.41 11.77 -2.51
C PHE A 403 43.58 10.83 -3.36
N ASP A 404 44.17 9.70 -3.79
CA ASP A 404 43.41 8.75 -4.59
C ASP A 404 42.32 8.07 -3.77
N ARG A 405 42.55 7.85 -2.47
CA ARG A 405 41.52 7.27 -1.63
C ARG A 405 40.31 8.18 -1.52
N ALA A 406 40.55 9.49 -1.38
CA ALA A 406 39.43 10.43 -1.33
C ALA A 406 38.77 10.58 -2.69
N ARG A 407 39.57 10.53 -3.76
CA ARG A 407 39.02 10.64 -5.11
C ARG A 407 38.08 9.48 -5.42
N LYS A 408 38.55 8.26 -5.16
CA LYS A 408 37.68 7.09 -5.34
C LYS A 408 36.52 7.09 -4.35
N GLY A 409 36.74 7.62 -3.14
CA GLY A 409 35.70 7.65 -2.14
C GLY A 409 34.66 8.72 -2.34
N LEU A 410 34.84 9.59 -3.33
CA LEU A 410 33.85 10.63 -3.59
C LEU A 410 32.56 10.03 -4.13
N PHE A 411 32.67 9.14 -5.12
CA PHE A 411 31.50 8.47 -5.71
C PHE A 411 31.13 7.21 -4.95
N GLU A 412 30.97 7.32 -3.64
CA GLU A 412 30.58 6.19 -2.81
C GLU A 412 29.57 6.65 -1.77
N GLU A 413 28.57 5.81 -1.51
CA GLU A 413 27.56 6.12 -0.52
C GLU A 413 28.02 5.75 0.88
N GLY A 414 27.29 6.24 1.87
CA GLY A 414 27.54 5.89 3.25
C GLY A 414 27.20 4.44 3.53
N ILE A 415 27.63 3.98 4.71
CA ILE A 415 27.45 2.59 5.09
C ILE A 415 25.98 2.31 5.32
N SER A 416 25.50 1.19 4.78
CA SER A 416 24.09 0.81 4.90
C SER A 416 23.91 -0.15 6.09
N THR A 417 24.25 0.36 7.27
CA THR A 417 24.08 -0.41 8.50
C THR A 417 22.61 -0.72 8.73
N SER A 418 22.34 -1.94 9.20
CA SER A 418 20.97 -2.38 9.43
C SER A 418 20.84 -3.03 10.80
N ARG A 419 19.71 -2.80 11.45
CA ARG A 419 19.44 -3.38 12.76
C ARG A 419 18.77 -4.73 12.57
N MET A 420 19.54 -5.81 12.67
CA MET A 420 18.99 -7.16 12.57
C MET A 420 18.66 -7.63 13.99
N SER A 421 17.38 -7.65 14.31
CA SER A 421 16.94 -8.14 15.61
C SER A 421 17.04 -9.66 15.69
N LEU A 422 17.42 -10.15 16.86
CA LEU A 422 17.49 -11.59 17.10
C LEU A 422 16.13 -12.09 17.56
N ASP A 423 15.68 -13.19 16.96
CA ASP A 423 14.43 -13.80 17.37
C ASP A 423 14.64 -14.51 18.70
N PRO A 424 13.88 -14.18 19.74
CA PRO A 424 14.05 -14.90 21.02
C PRO A 424 13.83 -16.39 20.91
N ALA A 425 12.89 -16.81 20.05
CA ALA A 425 12.66 -18.23 19.83
C ALA A 425 13.65 -18.85 18.86
N ARG A 426 14.35 -18.03 18.08
CA ARG A 426 15.29 -18.50 17.06
C ARG A 426 16.59 -17.72 17.14
N GLY A 427 17.14 -17.58 18.34
CA GLY A 427 18.37 -16.84 18.51
C GLY A 427 19.57 -17.51 17.84
N GLY A 428 19.59 -18.83 17.84
CA GLY A 428 20.67 -19.57 17.20
C GLY A 428 20.40 -19.83 15.73
N VAL A 429 21.49 -19.85 14.95
CA VAL A 429 21.36 -20.07 13.52
C VAL A 429 20.81 -21.46 13.20
N GLU A 430 20.99 -22.42 14.12
CA GLU A 430 20.43 -23.75 13.88
C GLU A 430 18.91 -23.70 13.85
N ASP A 431 18.29 -22.80 14.61
CA ASP A 431 16.84 -22.64 14.53
C ASP A 431 16.43 -22.08 13.18
N LEU A 432 17.19 -21.15 12.63
CA LEU A 432 16.88 -20.63 11.29
C LEU A 432 17.06 -21.70 10.23
N LEU A 433 18.09 -22.53 10.37
CA LEU A 433 18.27 -23.64 9.45
C LEU A 433 17.11 -24.62 9.55
N ASP A 434 16.64 -24.89 10.76
CA ASP A 434 15.47 -25.75 10.92
C ASP A 434 14.26 -25.14 10.23
N HIS A 435 14.06 -23.84 10.39
CA HIS A 435 12.95 -23.14 9.75
C HIS A 435 13.01 -23.30 8.23
N ILE A 436 14.17 -23.02 7.65
CA ILE A 436 14.32 -23.06 6.20
C ILE A 436 14.13 -24.48 5.67
N THR A 437 14.77 -25.45 6.32
CA THR A 437 14.66 -26.83 5.87
C THR A 437 13.24 -27.36 6.04
N SER A 438 12.54 -26.94 7.09
CA SER A 438 11.15 -27.32 7.23
C SER A 438 10.31 -26.80 6.09
N GLY A 439 10.53 -25.54 5.70
CA GLY A 439 9.81 -25.00 4.56
C GLY A 439 10.10 -25.75 3.27
N VAL A 440 11.38 -26.05 3.03
CA VAL A 440 11.75 -26.76 1.80
C VAL A 440 11.17 -28.16 1.78
N ARG A 441 11.23 -28.88 2.91
CA ARG A 441 10.69 -30.23 2.97
C ARG A 441 9.19 -30.23 2.76
N SER A 442 8.48 -29.25 3.34
CA SER A 442 7.05 -29.16 3.11
C SER A 442 6.75 -28.90 1.65
N THR A 443 7.54 -28.04 1.00
CA THR A 443 7.35 -27.82 -0.43
C THR A 443 7.54 -29.10 -1.22
N CYS A 444 8.57 -29.87 -0.88
CA CYS A 444 8.82 -31.12 -1.60
C CYS A 444 7.69 -32.12 -1.41
N THR A 445 7.13 -32.19 -0.19
CA THR A 445 6.02 -33.11 0.03
C THR A 445 4.77 -32.64 -0.68
N TYR A 446 4.54 -31.33 -0.77
CA TYR A 446 3.40 -30.82 -1.51
C TYR A 446 3.53 -31.12 -3.00
N VAL A 447 4.72 -30.94 -3.56
CA VAL A 447 4.91 -31.25 -4.98
C VAL A 447 4.92 -32.77 -5.19
N GLY A 448 5.39 -33.53 -4.22
CA GLY A 448 5.51 -34.96 -4.36
C GLY A 448 6.86 -35.36 -4.89
N ALA A 449 7.90 -34.68 -4.43
CA ALA A 449 9.27 -34.93 -4.85
C ALA A 449 10.07 -35.50 -3.69
N ALA A 450 10.80 -36.57 -3.95
CA ALA A 450 11.67 -37.16 -2.94
C ALA A 450 13.02 -36.47 -2.84
N ASN A 451 13.37 -35.60 -3.78
CA ASN A 451 14.67 -34.94 -3.79
C ASN A 451 14.57 -33.68 -4.63
N LEU A 452 15.61 -32.85 -4.54
CA LEU A 452 15.62 -31.59 -5.27
C LEU A 452 15.53 -31.75 -6.79
N PRO A 453 16.25 -32.68 -7.44
CA PRO A 453 16.04 -32.86 -8.88
C PRO A 453 14.59 -33.18 -9.23
N GLU A 454 13.92 -34.02 -8.44
CA GLU A 454 12.51 -34.27 -8.66
C GLU A 454 11.68 -33.01 -8.42
N LEU A 455 12.09 -32.18 -7.46
CA LEU A 455 11.38 -30.93 -7.23
C LEU A 455 11.45 -30.03 -8.45
N HIS A 456 12.61 -29.94 -9.08
CA HIS A 456 12.71 -29.12 -10.29
C HIS A 456 11.98 -29.76 -11.46
N GLU A 457 11.96 -31.09 -11.53
CA GLU A 457 11.34 -31.75 -12.67
C GLU A 457 9.81 -31.75 -12.61
N LYS A 458 9.23 -31.75 -11.42
CA LYS A 458 7.79 -31.99 -11.27
C LYS A 458 6.99 -30.76 -10.85
N VAL A 459 7.64 -29.66 -10.47
CA VAL A 459 6.91 -28.51 -9.95
C VAL A 459 6.03 -27.89 -11.04
N VAL A 460 4.86 -27.40 -10.63
CA VAL A 460 3.96 -26.63 -11.49
C VAL A 460 3.71 -25.29 -10.82
N LEU A 461 3.78 -24.21 -11.60
CA LEU A 461 3.73 -22.86 -11.08
C LEU A 461 2.60 -22.07 -11.72
N GLY A 462 2.02 -21.15 -10.93
CA GLY A 462 1.04 -20.22 -11.44
C GLY A 462 1.41 -18.80 -11.08
N VAL A 463 0.73 -17.85 -11.71
CA VAL A 463 1.00 -16.43 -11.57
C VAL A 463 -0.22 -15.75 -10.97
N GLN A 464 0.01 -14.85 -10.02
CA GLN A 464 -1.06 -14.10 -9.37
C GLN A 464 -0.87 -12.61 -9.61
N SER A 465 -1.99 -11.89 -9.64
CA SER A 465 -1.95 -10.44 -9.74
C SER A 465 -1.56 -9.81 -8.40
N ALA A 466 -1.29 -8.50 -8.46
CA ALA A 466 -0.95 -7.76 -7.24
C ALA A 466 -2.17 -7.52 -6.36
N ALA A 467 -3.39 -7.66 -6.91
CA ALA A 467 -4.58 -7.35 -6.15
C ALA A 467 -4.76 -8.24 -4.93
N GLY A 468 -4.17 -9.43 -4.94
CA GLY A 468 -4.22 -10.29 -3.77
C GLY A 468 -3.44 -9.77 -2.59
N PHE A 469 -2.58 -8.76 -2.79
CA PHE A 469 -1.80 -8.18 -1.70
C PHE A 469 -2.49 -7.00 -1.03
N ALA A 470 -3.66 -6.61 -1.49
CA ALA A 470 -4.39 -5.49 -0.90
C ALA A 470 -4.86 -5.82 0.51
N MET B 1 -21.28 -23.03 -15.65
CA MET B 1 -20.03 -22.36 -15.98
C MET B 1 -20.16 -20.86 -15.77
N VAL B 2 -19.22 -20.28 -15.04
CA VAL B 2 -19.23 -18.84 -14.79
C VAL B 2 -18.93 -18.09 -16.07
N ARG B 3 -19.76 -17.12 -16.41
N ARG B 3 -19.76 -17.10 -16.40
CA ARG B 3 -19.58 -16.30 -17.60
CA ARG B 3 -19.59 -16.28 -17.59
C ARG B 3 -18.85 -15.01 -17.24
N PHE B 4 -17.98 -14.57 -18.14
CA PHE B 4 -17.16 -13.39 -17.95
C PHE B 4 -17.45 -12.39 -19.06
N LEU B 5 -17.23 -11.11 -18.75
CA LEU B 5 -17.42 -10.07 -19.75
C LEU B 5 -16.48 -10.30 -20.92
N ASP B 6 -16.85 -9.74 -22.08
CA ASP B 6 -16.07 -9.93 -23.28
C ASP B 6 -14.68 -9.31 -23.13
N GLY B 7 -13.66 -10.06 -23.55
CA GLY B 7 -12.29 -9.61 -23.48
C GLY B 7 -11.61 -9.79 -22.14
N HIS B 8 -12.34 -10.18 -21.10
CA HIS B 8 -11.76 -10.39 -19.77
C HIS B 8 -11.14 -11.78 -19.73
N THR B 9 -9.89 -11.87 -20.16
CA THR B 9 -9.14 -13.12 -20.16
C THR B 9 -7.78 -12.88 -19.53
N PRO B 10 -7.71 -12.84 -18.20
CA PRO B 10 -6.43 -12.55 -17.54
C PRO B 10 -5.43 -13.68 -17.71
N ALA B 11 -4.15 -13.31 -17.66
CA ALA B 11 -3.05 -14.26 -17.73
C ALA B 11 -2.56 -14.67 -16.34
N TYR B 12 -3.47 -14.75 -15.37
CA TYR B 12 -3.10 -15.09 -14.00
C TYR B 12 -4.33 -15.62 -13.29
N ASP B 13 -4.12 -16.15 -12.08
CA ASP B 13 -5.22 -16.64 -11.27
C ASP B 13 -5.85 -15.52 -10.46
N LEU B 14 -7.13 -15.67 -10.17
CA LEU B 14 -7.94 -14.60 -9.60
C LEU B 14 -8.25 -14.88 -8.14
N THR B 15 -8.12 -13.85 -7.31
CA THR B 15 -8.60 -13.89 -5.93
C THR B 15 -9.98 -13.23 -5.87
N TYR B 16 -10.56 -13.18 -4.67
CA TYR B 16 -11.83 -12.50 -4.50
C TYR B 16 -11.71 -11.01 -4.77
N ASN B 17 -10.52 -10.43 -4.55
CA ASN B 17 -10.31 -9.02 -4.83
C ASN B 17 -10.20 -8.71 -6.31
N ASP B 18 -10.06 -9.72 -7.17
CA ASP B 18 -9.88 -9.50 -8.60
C ASP B 18 -11.17 -9.49 -9.39
N VAL B 19 -12.31 -9.86 -8.78
CA VAL B 19 -13.53 -10.07 -9.54
C VAL B 19 -14.69 -9.32 -8.90
N PHE B 20 -15.71 -9.06 -9.71
CA PHE B 20 -16.94 -8.44 -9.24
C PHE B 20 -18.12 -9.01 -10.03
N VAL B 21 -19.29 -8.92 -9.43
CA VAL B 21 -20.53 -9.38 -10.04
C VAL B 21 -21.22 -8.21 -10.73
N VAL B 22 -21.69 -8.43 -11.95
CA VAL B 22 -22.39 -7.41 -12.73
C VAL B 22 -23.88 -7.63 -12.56
N PRO B 23 -24.64 -6.63 -12.12
CA PRO B 23 -26.09 -6.82 -11.92
C PRO B 23 -26.81 -7.13 -13.22
N GLY B 24 -27.62 -8.18 -13.19
CA GLY B 24 -28.48 -8.53 -14.30
C GLY B 24 -29.91 -8.06 -14.07
N ARG B 25 -30.77 -8.36 -15.05
CA ARG B 25 -32.19 -8.11 -14.89
C ARG B 25 -32.77 -9.04 -13.83
N SER B 26 -33.60 -8.48 -12.96
CA SER B 26 -34.02 -9.19 -11.75
C SER B 26 -35.52 -9.04 -11.53
N ASP B 27 -36.20 -10.17 -11.34
CA ASP B 27 -37.59 -10.19 -10.93
C ASP B 27 -37.78 -10.41 -9.44
N VAL B 28 -36.70 -10.59 -8.69
CA VAL B 28 -36.79 -10.90 -7.26
C VAL B 28 -37.11 -9.61 -6.52
N ALA B 29 -38.36 -9.50 -6.06
CA ALA B 29 -38.81 -8.26 -5.42
C ALA B 29 -38.09 -8.00 -4.11
N SER B 30 -37.93 -9.03 -3.27
CA SER B 30 -37.38 -8.84 -1.94
C SER B 30 -36.41 -9.96 -1.62
N ARG B 31 -35.56 -9.71 -0.61
CA ARG B 31 -34.60 -10.72 -0.19
C ARG B 31 -35.26 -11.95 0.43
N PHE B 32 -36.48 -11.81 0.93
CA PHE B 32 -37.16 -12.95 1.56
C PHE B 32 -37.69 -13.94 0.54
N ASP B 33 -37.78 -13.56 -0.74
CA ASP B 33 -38.20 -14.49 -1.78
C ASP B 33 -37.10 -15.44 -2.19
N VAL B 34 -35.89 -15.29 -1.67
CA VAL B 34 -34.74 -16.09 -2.08
C VAL B 34 -34.64 -17.31 -1.18
N ASP B 35 -34.50 -18.48 -1.79
CA ASP B 35 -34.34 -19.74 -1.07
C ASP B 35 -32.86 -20.11 -1.05
N LEU B 36 -32.29 -20.20 0.14
CA LEU B 36 -30.86 -20.45 0.31
C LEU B 36 -30.51 -21.92 0.54
N SER B 37 -31.46 -22.84 0.34
CA SER B 37 -31.20 -24.24 0.61
C SER B 37 -30.16 -24.80 -0.34
N THR B 38 -29.32 -25.70 0.18
CA THR B 38 -28.26 -26.33 -0.57
C THR B 38 -28.69 -27.70 -1.08
N VAL B 39 -28.04 -28.16 -2.14
CA VAL B 39 -28.38 -29.41 -2.81
C VAL B 39 -27.29 -30.45 -2.70
N ASP B 40 -26.25 -30.21 -1.90
CA ASP B 40 -25.13 -31.13 -1.83
C ASP B 40 -25.40 -32.35 -0.96
N GLY B 41 -26.61 -32.50 -0.43
CA GLY B 41 -26.92 -33.62 0.43
C GLY B 41 -26.51 -33.45 1.88
N SER B 42 -25.94 -32.31 2.24
CA SER B 42 -25.60 -32.05 3.64
C SER B 42 -26.81 -31.68 4.48
N GLY B 43 -27.93 -31.32 3.85
CA GLY B 43 -29.14 -31.01 4.57
C GLY B 43 -29.21 -29.62 5.18
N THR B 44 -28.22 -28.77 4.93
CA THR B 44 -28.27 -27.41 5.43
C THR B 44 -29.24 -26.57 4.61
N THR B 45 -29.90 -25.63 5.28
CA THR B 45 -30.79 -24.69 4.61
C THR B 45 -30.13 -23.34 4.36
N ILE B 46 -28.95 -23.12 4.92
CA ILE B 46 -28.12 -21.95 4.59
C ILE B 46 -26.77 -22.49 4.15
N PRO B 47 -26.05 -21.78 3.27
CA PRO B 47 -24.78 -22.32 2.77
C PRO B 47 -23.64 -22.33 3.79
N VAL B 48 -23.87 -21.85 5.01
CA VAL B 48 -22.81 -21.72 6.00
C VAL B 48 -22.56 -23.07 6.67
N VAL B 49 -21.30 -23.51 6.66
CA VAL B 49 -20.83 -24.65 7.43
C VAL B 49 -19.71 -24.18 8.34
N VAL B 50 -19.69 -24.68 9.58
CA VAL B 50 -18.71 -24.25 10.58
C VAL B 50 -17.56 -25.24 10.60
N ALA B 51 -16.34 -24.72 10.51
CA ALA B 51 -15.15 -25.55 10.41
C ALA B 51 -14.91 -26.34 11.68
N ASN B 52 -14.20 -27.45 11.53
CA ASN B 52 -13.87 -28.34 12.64
C ASN B 52 -12.62 -27.86 13.37
N MET B 53 -12.71 -26.66 13.92
CA MET B 53 -11.65 -26.07 14.72
C MET B 53 -12.03 -26.15 16.19
N THR B 54 -11.08 -26.56 17.04
CA THR B 54 -11.37 -26.72 18.45
C THR B 54 -11.80 -25.41 19.10
N ALA B 55 -11.24 -24.29 18.64
CA ALA B 55 -11.59 -22.99 19.20
C ALA B 55 -12.96 -22.51 18.76
N VAL B 56 -13.63 -23.21 17.85
CA VAL B 56 -14.91 -22.80 17.31
C VAL B 56 -15.99 -23.87 17.50
N ALA B 57 -15.65 -25.12 17.20
CA ALA B 57 -16.64 -26.20 17.16
C ALA B 57 -16.97 -26.67 18.58
N GLY B 58 -17.88 -25.93 19.23
CA GLY B 58 -18.40 -26.31 20.52
C GLY B 58 -19.82 -26.89 20.42
N ARG B 59 -20.31 -27.36 21.57
CA ARG B 59 -21.67 -27.89 21.60
C ARG B 59 -22.71 -26.78 21.54
N ARG B 60 -22.45 -25.66 22.24
CA ARG B 60 -23.29 -24.48 22.08
C ARG B 60 -23.26 -24.00 20.63
N MET B 61 -22.07 -24.01 20.03
CA MET B 61 -21.94 -23.65 18.62
C MET B 61 -22.80 -24.56 17.75
N ALA B 62 -22.72 -25.87 17.99
CA ALA B 62 -23.46 -26.82 17.17
C ALA B 62 -24.96 -26.59 17.30
N GLU B 63 -25.45 -26.43 18.53
CA GLU B 63 -26.87 -26.20 18.73
C GLU B 63 -27.33 -24.93 18.04
N THR B 64 -26.63 -23.81 18.30
CA THR B 64 -27.09 -22.52 17.78
C THR B 64 -27.03 -22.49 16.26
N VAL B 65 -25.98 -23.05 15.67
CA VAL B 65 -25.86 -23.00 14.21
C VAL B 65 -26.86 -23.95 13.55
N ALA B 66 -27.04 -25.15 14.12
CA ALA B 66 -27.98 -26.10 13.53
C ALA B 66 -29.41 -25.59 13.61
N ARG B 67 -29.75 -24.87 14.69
CA ARG B 67 -31.11 -24.36 14.79
C ARG B 67 -31.44 -23.38 13.67
N ARG B 68 -30.46 -22.60 13.23
CA ARG B 68 -30.66 -21.61 12.17
C ARG B 68 -30.43 -22.17 10.78
N GLY B 69 -30.17 -23.46 10.64
CA GLY B 69 -30.03 -24.09 9.34
C GLY B 69 -28.61 -24.41 8.92
N GLY B 70 -27.60 -24.09 9.72
CA GLY B 70 -26.24 -24.46 9.45
C GLY B 70 -25.90 -25.82 10.01
N ILE B 71 -24.60 -26.15 9.96
CA ILE B 71 -24.11 -27.40 10.51
C ILE B 71 -22.69 -27.18 11.01
N VAL B 72 -22.32 -27.89 12.06
CA VAL B 72 -21.01 -27.76 12.70
C VAL B 72 -20.32 -29.13 12.66
N VAL B 73 -19.03 -29.11 12.33
CA VAL B 73 -18.21 -30.31 12.29
C VAL B 73 -17.37 -30.38 13.55
N LEU B 74 -17.47 -31.50 14.27
CA LEU B 74 -16.69 -31.67 15.48
C LEU B 74 -15.23 -31.97 15.15
N PRO B 75 -14.30 -31.54 15.99
CA PRO B 75 -12.88 -31.81 15.73
C PRO B 75 -12.57 -33.29 15.69
N GLN B 76 -11.52 -33.64 14.96
CA GLN B 76 -11.18 -35.05 14.76
C GLN B 76 -10.66 -35.72 16.02
N ASP B 77 -10.02 -34.97 16.92
CA ASP B 77 -9.33 -35.56 18.05
C ASP B 77 -10.20 -35.64 19.30
N LEU B 78 -11.45 -35.23 19.21
CA LEU B 78 -12.36 -35.35 20.35
C LEU B 78 -12.59 -36.83 20.65
N PRO B 79 -12.52 -37.24 21.92
CA PRO B 79 -12.75 -38.65 22.25
C PRO B 79 -14.18 -39.08 21.90
N ILE B 80 -14.34 -40.36 21.60
CA ILE B 80 -15.61 -40.87 21.11
C ILE B 80 -16.71 -40.71 22.15
N THR B 81 -16.38 -40.82 23.43
CA THR B 81 -17.39 -40.61 24.47
C THR B 81 -17.89 -39.18 24.46
N ALA B 82 -16.97 -38.21 24.35
CA ALA B 82 -17.38 -36.81 24.27
C ALA B 82 -18.17 -36.54 23.01
N VAL B 83 -17.81 -37.21 21.91
CA VAL B 83 -18.57 -37.06 20.67
C VAL B 83 -20.00 -37.54 20.87
N SER B 84 -20.17 -38.72 21.48
CA SER B 84 -21.51 -39.25 21.70
C SER B 84 -22.31 -38.34 22.62
N GLU B 85 -21.68 -37.83 23.69
CA GLU B 85 -22.37 -36.94 24.60
C GLU B 85 -22.83 -35.66 23.90
N THR B 86 -21.94 -35.07 23.09
CA THR B 86 -22.29 -33.85 22.37
C THR B 86 -23.41 -34.10 21.36
N VAL B 87 -23.35 -35.24 20.66
CA VAL B 87 -24.40 -35.54 19.69
C VAL B 87 -25.74 -35.71 20.37
N ASP B 88 -25.75 -36.41 21.52
CA ASP B 88 -27.01 -36.58 22.25
C ASP B 88 -27.54 -35.24 22.74
N PHE B 89 -26.65 -34.39 23.28
CA PHE B 89 -27.09 -33.09 23.75
C PHE B 89 -27.68 -32.25 22.61
N VAL B 90 -27.03 -32.25 21.46
CA VAL B 90 -27.52 -31.48 20.32
C VAL B 90 -28.86 -32.02 19.85
N LYS B 91 -28.98 -33.34 19.75
CA LYS B 91 -30.20 -33.95 19.24
C LYS B 91 -31.33 -33.99 20.27
N SER B 92 -31.08 -33.56 21.50
CA SER B 92 -32.14 -33.41 22.49
C SER B 92 -32.65 -31.98 22.61
N ARG B 93 -32.12 -31.06 21.82
CA ARG B 93 -32.54 -29.67 21.87
C ARG B 93 -33.86 -29.45 21.13
N ASP B 94 -34.53 -28.36 21.48
CA ASP B 94 -35.76 -27.96 20.82
C ASP B 94 -35.46 -27.18 19.53
N LEU B 95 -36.36 -27.31 18.57
CA LEU B 95 -36.14 -26.68 17.26
C LEU B 95 -36.40 -25.17 17.26
N VAL B 96 -37.12 -24.65 18.26
CA VAL B 96 -37.52 -23.25 18.29
C VAL B 96 -36.97 -22.54 19.52
N VAL B 97 -37.07 -23.16 20.68
CA VAL B 97 -36.72 -22.52 21.94
C VAL B 97 -35.26 -22.82 22.25
N ASP B 98 -34.50 -21.77 22.57
CA ASP B 98 -33.07 -21.92 22.85
C ASP B 98 -32.84 -22.37 24.28
N THR B 99 -31.80 -23.18 24.47
CA THR B 99 -31.44 -23.66 25.80
C THR B 99 -30.79 -22.53 26.60
N PRO B 100 -31.37 -22.14 27.73
CA PRO B 100 -30.84 -21.01 28.48
C PRO B 100 -29.75 -21.40 29.48
N VAL B 101 -29.02 -20.38 29.92
CA VAL B 101 -28.16 -20.54 31.09
C VAL B 101 -29.03 -20.59 32.34
N THR B 102 -28.80 -21.59 33.17
CA THR B 102 -29.61 -21.81 34.36
C THR B 102 -28.72 -21.83 35.61
N LEU B 103 -29.30 -21.38 36.72
CA LEU B 103 -28.55 -21.24 37.97
C LEU B 103 -29.40 -21.69 39.13
N SER B 104 -28.78 -22.42 40.06
CA SER B 104 -29.40 -22.67 41.34
C SER B 104 -29.23 -21.47 42.26
N PRO B 105 -30.13 -21.27 43.22
CA PRO B 105 -30.03 -20.08 44.08
C PRO B 105 -28.86 -20.11 45.06
N GLU B 106 -28.03 -21.16 45.06
CA GLU B 106 -26.92 -21.25 46.00
C GLU B 106 -25.56 -20.94 45.37
N ASP B 107 -25.46 -20.82 44.05
CA ASP B 107 -24.17 -20.54 43.43
C ASP B 107 -23.74 -19.10 43.69
N SER B 108 -22.42 -18.90 43.74
CA SER B 108 -21.87 -17.57 43.95
C SER B 108 -22.25 -16.62 42.82
N VAL B 109 -22.35 -15.34 43.17
CA VAL B 109 -22.67 -14.32 42.19
C VAL B 109 -21.58 -14.23 41.13
N SER B 110 -20.32 -14.43 41.53
CA SER B 110 -19.22 -14.37 40.57
C SER B 110 -19.36 -15.45 39.50
N ASP B 111 -19.75 -16.66 39.92
CA ASP B 111 -19.95 -17.73 38.95
C ASP B 111 -21.12 -17.42 38.02
N ALA B 112 -22.18 -16.80 38.54
CA ALA B 112 -23.28 -16.38 37.69
C ALA B 112 -22.82 -15.35 36.66
N ASN B 113 -22.01 -14.39 37.09
CA ASN B 113 -21.49 -13.39 36.15
C ASN B 113 -20.65 -14.07 35.09
N ALA B 114 -19.79 -15.00 35.49
CA ALA B 114 -18.94 -15.69 34.52
C ALA B 114 -19.77 -16.48 33.52
N LEU B 115 -20.82 -17.17 33.99
CA LEU B 115 -21.66 -17.96 33.10
C LEU B 115 -22.57 -17.10 32.23
N LEU B 116 -22.83 -15.86 32.64
CA LEU B 116 -23.74 -15.00 31.86
C LEU B 116 -23.25 -14.78 30.44
N HIS B 117 -21.94 -14.76 30.23
CA HIS B 117 -21.38 -14.48 28.91
C HIS B 117 -21.37 -15.71 28.00
N LYS B 118 -21.82 -16.86 28.48
CA LYS B 118 -21.80 -18.08 27.67
C LYS B 118 -22.90 -18.11 26.62
N ARG B 119 -23.85 -17.18 26.66
CA ARG B 119 -24.92 -17.10 25.68
C ARG B 119 -25.16 -15.65 25.32
N ALA B 120 -25.81 -15.45 24.17
CA ALA B 120 -26.14 -14.11 23.70
C ALA B 120 -27.37 -13.52 24.37
N HIS B 121 -28.08 -14.31 25.20
CA HIS B 121 -29.32 -13.83 25.80
C HIS B 121 -29.09 -12.66 26.74
N GLY B 122 -27.96 -12.65 27.44
CA GLY B 122 -27.65 -11.58 28.37
C GLY B 122 -28.36 -11.67 29.69
N ALA B 123 -29.13 -12.73 29.94
CA ALA B 123 -29.80 -12.91 31.22
C ALA B 123 -29.92 -14.40 31.49
N ALA B 124 -29.82 -14.76 32.78
CA ALA B 124 -29.95 -16.14 33.22
C ALA B 124 -31.24 -16.31 34.01
N VAL B 125 -31.75 -17.54 34.00
CA VAL B 125 -32.97 -17.89 34.72
C VAL B 125 -32.59 -18.78 35.90
N VAL B 126 -32.97 -18.35 37.10
CA VAL B 126 -32.70 -19.12 38.30
C VAL B 126 -33.74 -20.23 38.43
N VAL B 127 -33.28 -21.44 38.70
CA VAL B 127 -34.14 -22.61 38.76
C VAL B 127 -34.09 -23.19 40.16
N PHE B 128 -35.25 -23.60 40.67
CA PHE B 128 -35.36 -24.28 41.95
C PHE B 128 -36.30 -25.46 41.76
N GLU B 129 -35.85 -26.64 42.19
CA GLU B 129 -36.56 -27.92 42.01
C GLU B 129 -37.22 -28.00 40.63
N GLY B 130 -36.43 -27.64 39.61
CA GLY B 130 -36.89 -27.70 38.24
C GLY B 130 -37.88 -26.61 37.84
N ARG B 131 -38.07 -25.59 38.66
CA ARG B 131 -39.00 -24.53 38.33
C ARG B 131 -38.28 -23.19 38.25
N PRO B 132 -38.67 -22.31 37.34
CA PRO B 132 -38.05 -20.99 37.28
C PRO B 132 -38.61 -20.07 38.35
N ILE B 133 -37.71 -19.32 38.99
CA ILE B 133 -38.09 -18.44 40.09
C ILE B 133 -37.74 -16.98 39.83
N GLY B 134 -36.88 -16.67 38.88
CA GLY B 134 -36.54 -15.28 38.62
C GLY B 134 -35.48 -15.18 37.55
N LEU B 135 -35.31 -13.95 37.06
CA LEU B 135 -34.26 -13.63 36.09
C LEU B 135 -33.14 -12.86 36.78
N VAL B 136 -31.95 -12.98 36.21
CA VAL B 136 -30.78 -12.24 36.68
C VAL B 136 -30.04 -11.70 35.47
N THR B 137 -29.75 -10.40 35.49
CA THR B 137 -29.04 -9.73 34.40
C THR B 137 -27.64 -9.35 34.85
N GLU B 138 -26.86 -8.84 33.89
CA GLU B 138 -25.49 -8.41 34.19
C GLU B 138 -25.51 -7.25 35.19
N ALA B 139 -26.30 -6.21 34.91
CA ALA B 139 -26.30 -5.02 35.76
C ALA B 139 -26.78 -5.34 37.17
N ASN B 140 -27.65 -6.34 37.32
CA ASN B 140 -28.16 -6.68 38.64
C ASN B 140 -27.06 -7.28 39.51
N CYS B 141 -26.37 -8.30 38.98
CA CYS B 141 -25.32 -8.96 39.75
C CYS B 141 -24.05 -8.12 39.85
N ALA B 142 -23.86 -7.15 38.96
CA ALA B 142 -22.63 -6.36 38.97
C ALA B 142 -22.55 -5.41 40.17
N GLY B 143 -23.70 -5.04 40.75
CA GLY B 143 -23.71 -4.04 41.80
C GLY B 143 -23.74 -4.61 43.21
N VAL B 144 -23.27 -5.85 43.38
CA VAL B 144 -23.37 -6.55 44.66
C VAL B 144 -22.00 -7.07 45.05
N ASP B 145 -21.91 -7.54 46.30
CA ASP B 145 -20.64 -8.00 46.85
C ASP B 145 -20.12 -9.20 46.08
N ARG B 146 -18.78 -9.34 46.06
CA ARG B 146 -18.15 -10.46 45.38
C ARG B 146 -18.53 -11.81 45.96
N PHE B 147 -18.95 -11.86 47.22
CA PHE B 147 -19.30 -13.12 47.87
C PHE B 147 -20.81 -13.31 48.02
N ALA B 148 -21.61 -12.42 47.45
CA ALA B 148 -23.05 -12.56 47.51
C ALA B 148 -23.51 -13.78 46.72
N ARG B 149 -24.71 -14.25 47.04
CA ARG B 149 -25.29 -15.41 46.38
C ARG B 149 -26.40 -14.99 45.42
N VAL B 150 -26.84 -15.95 44.62
CA VAL B 150 -27.83 -15.67 43.59
C VAL B 150 -29.19 -15.39 44.21
N ARG B 151 -29.53 -16.11 45.28
CA ARG B 151 -30.85 -16.06 45.90
C ARG B 151 -31.39 -14.63 46.04
N ASP B 152 -30.66 -13.77 46.74
CA ASP B 152 -31.12 -12.42 47.04
C ASP B 152 -30.82 -11.42 45.93
N ILE B 153 -30.57 -11.90 44.71
CA ILE B 153 -30.38 -11.01 43.57
C ILE B 153 -31.49 -11.16 42.53
N ALA B 154 -32.01 -12.37 42.33
CA ALA B 154 -32.96 -12.62 41.25
C ALA B 154 -34.25 -11.83 41.47
N LEU B 155 -34.84 -11.39 40.36
CA LEU B 155 -36.12 -10.67 40.36
C LEU B 155 -37.19 -11.56 39.74
N SER B 156 -38.31 -11.71 40.44
CA SER B 156 -39.35 -12.64 40.04
C SER B 156 -40.25 -12.11 38.94
N ASP B 157 -40.09 -10.85 38.52
CA ASP B 157 -40.91 -10.27 37.46
C ASP B 157 -40.31 -10.64 36.11
N PHE B 158 -40.91 -11.61 35.43
CA PHE B 158 -40.47 -12.01 34.10
C PHE B 158 -41.66 -12.51 33.31
N VAL B 159 -41.57 -12.40 31.99
CA VAL B 159 -42.62 -12.87 31.10
C VAL B 159 -42.48 -14.38 30.90
N THR B 160 -43.60 -15.08 30.88
CA THR B 160 -43.60 -16.52 30.72
C THR B 160 -44.70 -16.93 29.74
N ALA B 161 -44.49 -18.07 29.10
CA ALA B 161 -45.45 -18.58 28.13
C ALA B 161 -45.31 -20.10 28.02
N PRO B 162 -46.38 -20.80 27.66
CA PRO B 162 -46.27 -22.24 27.40
C PRO B 162 -45.54 -22.50 26.10
N VAL B 163 -44.88 -23.66 26.05
CA VAL B 163 -44.22 -24.09 24.82
C VAL B 163 -45.26 -24.35 23.74
N GLY B 164 -44.90 -24.04 22.49
CA GLY B 164 -45.77 -24.26 21.36
C GLY B 164 -46.60 -23.06 20.94
N THR B 165 -46.55 -21.97 21.70
CA THR B 165 -47.27 -20.77 21.30
C THR B 165 -46.60 -20.12 20.09
N ASP B 166 -47.38 -19.36 19.35
CA ASP B 166 -46.89 -18.71 18.15
C ASP B 166 -45.78 -17.73 18.50
N PRO B 167 -44.63 -17.80 17.84
CA PRO B 167 -43.55 -16.83 18.13
C PRO B 167 -43.96 -15.39 17.95
N ARG B 168 -44.93 -15.11 17.07
CA ARG B 168 -45.44 -13.74 16.95
C ARG B 168 -46.09 -13.29 18.24
N GLU B 169 -46.81 -14.19 18.91
CA GLU B 169 -47.40 -13.85 20.20
C GLU B 169 -46.32 -13.57 21.24
N VAL B 170 -45.23 -14.34 21.22
CA VAL B 170 -44.12 -14.08 22.13
C VAL B 170 -43.50 -12.72 21.85
N PHE B 171 -43.39 -12.36 20.56
CA PHE B 171 -42.90 -11.03 20.21
C PHE B 171 -43.82 -9.95 20.76
N ASP B 172 -45.14 -10.15 20.63
CA ASP B 172 -46.09 -9.16 21.12
C ASP B 172 -46.00 -9.02 22.64
N LEU B 173 -45.85 -10.14 23.34
CA LEU B 173 -45.77 -10.11 24.80
C LEU B 173 -44.55 -9.34 25.28
N LEU B 174 -43.45 -9.44 24.55
CA LEU B 174 -42.17 -8.85 24.95
C LEU B 174 -42.03 -7.40 24.51
N GLU B 175 -43.02 -6.83 23.84
CA GLU B 175 -42.88 -5.49 23.27
C GLU B 175 -42.62 -4.45 24.35
N HIS B 176 -43.37 -4.49 25.43
CA HIS B 176 -43.25 -3.52 26.51
C HIS B 176 -42.59 -4.10 27.75
N ALA B 177 -42.09 -5.33 27.68
CA ALA B 177 -41.44 -5.94 28.83
C ALA B 177 -40.11 -5.25 29.11
N PRO B 178 -39.74 -5.08 30.39
CA PRO B 178 -38.44 -4.48 30.69
C PRO B 178 -37.26 -5.36 30.32
N ILE B 179 -37.47 -6.67 30.19
CA ILE B 179 -36.43 -7.61 29.82
C ILE B 179 -36.85 -8.32 28.54
N ASP B 180 -35.93 -8.43 27.59
CA ASP B 180 -36.21 -8.95 26.26
C ASP B 180 -36.28 -10.48 26.21
N VAL B 181 -36.36 -11.15 27.35
CA VAL B 181 -36.31 -12.61 27.41
C VAL B 181 -37.62 -13.12 28.00
N ALA B 182 -38.29 -14.01 27.27
CA ALA B 182 -39.49 -14.67 27.75
C ALA B 182 -39.16 -16.13 28.06
N VAL B 183 -39.67 -16.63 29.19
CA VAL B 183 -39.39 -17.99 29.60
C VAL B 183 -40.52 -18.89 29.09
N MET B 184 -40.16 -19.86 28.26
CA MET B 184 -41.10 -20.86 27.79
C MET B 184 -41.03 -22.07 28.72
N THR B 185 -42.20 -22.58 29.08
CA THR B 185 -42.31 -23.66 30.06
C THR B 185 -43.22 -24.77 29.53
N ALA B 186 -42.86 -26.00 29.86
CA ALA B 186 -43.68 -27.15 29.51
C ALA B 186 -45.03 -27.06 30.23
N PRO B 187 -46.04 -27.78 29.74
CA PRO B 187 -47.34 -27.77 30.43
C PRO B 187 -47.26 -28.27 31.86
N ASP B 188 -46.25 -29.07 32.19
CA ASP B 188 -46.01 -29.45 33.58
C ASP B 188 -45.50 -28.29 34.43
N GLY B 189 -45.15 -27.17 33.80
CA GLY B 189 -44.63 -26.02 34.52
C GLY B 189 -43.13 -26.02 34.73
N THR B 190 -42.43 -27.07 34.30
CA THR B 190 -40.99 -27.11 34.39
C THR B 190 -40.35 -26.20 33.34
N LEU B 191 -39.13 -25.76 33.64
CA LEU B 191 -38.40 -24.88 32.73
C LEU B 191 -38.07 -25.61 31.44
N ALA B 192 -38.54 -25.04 30.32
CA ALA B 192 -38.26 -25.59 29.00
C ALA B 192 -37.22 -24.79 28.24
N GLY B 193 -37.24 -23.47 28.33
CA GLY B 193 -36.20 -22.68 27.71
C GLY B 193 -36.57 -21.21 27.69
N VAL B 194 -35.90 -20.45 26.83
CA VAL B 194 -36.12 -19.02 26.71
C VAL B 194 -36.21 -18.64 25.24
N LEU B 195 -36.93 -17.55 24.98
CA LEU B 195 -36.94 -16.89 23.68
C LEU B 195 -36.56 -15.43 23.86
N THR B 196 -35.53 -15.01 23.12
CA THR B 196 -35.26 -13.59 22.96
C THR B 196 -36.18 -13.03 21.89
N ARG B 197 -36.53 -11.74 22.03
CA ARG B 197 -37.45 -11.12 21.08
C ARG B 197 -36.94 -11.23 19.65
N THR B 198 -35.63 -11.10 19.47
CA THR B 198 -35.04 -11.32 18.14
C THR B 198 -35.14 -12.78 17.72
N GLY B 199 -35.05 -13.71 18.67
CA GLY B 199 -35.17 -15.12 18.35
C GLY B 199 -36.53 -15.48 17.79
N ALA B 200 -37.58 -14.77 18.22
CA ALA B 200 -38.91 -15.05 17.68
C ALA B 200 -38.99 -14.72 16.20
N ILE B 201 -38.33 -13.64 15.78
CA ILE B 201 -38.28 -13.31 14.35
C ILE B 201 -37.39 -14.29 13.62
N ARG B 202 -36.23 -14.63 14.20
CA ARG B 202 -35.30 -15.55 13.54
C ARG B 202 -35.95 -16.90 13.32
N ALA B 203 -36.80 -17.34 14.25
CA ALA B 203 -37.50 -18.62 14.08
C ALA B 203 -38.44 -18.60 12.88
N GLY B 204 -38.89 -17.43 12.46
CA GLY B 204 -39.70 -17.32 11.27
C GLY B 204 -38.86 -17.15 10.02
N ILE B 205 -37.66 -16.59 10.18
CA ILE B 205 -36.78 -16.39 9.03
C ILE B 205 -36.07 -17.68 8.65
N TYR B 206 -35.49 -18.37 9.63
CA TYR B 206 -34.60 -19.51 9.36
C TYR B 206 -35.33 -20.82 9.62
N THR B 207 -35.18 -21.76 8.69
CA THR B 207 -35.67 -23.12 8.88
C THR B 207 -34.58 -24.01 9.45
N PRO B 208 -34.82 -24.70 10.56
CA PRO B 208 -33.76 -25.55 11.15
C PRO B 208 -33.39 -26.69 10.22
N ALA B 209 -32.13 -27.10 10.30
CA ALA B 209 -31.62 -28.24 9.55
C ALA B 209 -31.78 -29.49 10.39
N VAL B 210 -32.67 -30.38 9.97
CA VAL B 210 -33.05 -31.55 10.78
C VAL B 210 -32.88 -32.81 9.95
N ASP B 211 -32.58 -33.90 10.64
CA ASP B 211 -32.46 -35.21 10.01
C ASP B 211 -33.85 -35.82 9.81
N ALA B 212 -33.89 -37.08 9.37
CA ALA B 212 -35.17 -37.73 9.09
C ALA B 212 -36.03 -37.88 10.34
N LYS B 213 -35.41 -37.91 11.52
CA LYS B 213 -36.15 -38.03 12.78
C LYS B 213 -36.49 -36.67 13.38
N GLY B 214 -36.22 -35.58 12.67
CA GLY B 214 -36.56 -34.25 13.16
C GLY B 214 -35.65 -33.68 14.21
N ARG B 215 -34.47 -34.25 14.40
CA ARG B 215 -33.49 -33.71 15.34
C ARG B 215 -32.42 -32.92 14.61
N LEU B 216 -31.76 -32.03 15.35
CA LEU B 216 -30.74 -31.17 14.77
C LEU B 216 -29.58 -32.00 14.24
N ARG B 217 -29.01 -31.56 13.10
CA ARG B 217 -27.94 -32.26 12.44
C ARG B 217 -26.58 -31.85 12.99
N ILE B 218 -25.62 -32.77 12.92
CA ILE B 218 -24.25 -32.51 13.34
C ILE B 218 -23.33 -33.44 12.57
N ALA B 219 -22.09 -33.00 12.37
CA ALA B 219 -21.09 -33.77 11.63
C ALA B 219 -19.84 -33.90 12.46
N ALA B 220 -19.00 -34.87 12.07
CA ALA B 220 -17.76 -35.15 12.80
C ALA B 220 -16.65 -35.46 11.81
N ALA B 221 -15.42 -35.10 12.19
CA ALA B 221 -14.25 -35.28 11.34
C ALA B 221 -13.42 -36.49 11.79
N VAL B 222 -12.66 -37.04 10.85
CA VAL B 222 -11.73 -38.13 11.11
C VAL B 222 -10.37 -37.75 10.55
N GLY B 223 -9.33 -38.23 11.22
CA GLY B 223 -7.98 -38.07 10.70
C GLY B 223 -7.65 -39.11 9.65
N ILE B 224 -6.55 -38.85 8.92
CA ILE B 224 -6.11 -39.76 7.87
C ILE B 224 -5.19 -40.85 8.39
N ASN B 225 -4.91 -40.87 9.69
CA ASN B 225 -3.98 -41.83 10.27
C ASN B 225 -4.70 -42.78 11.21
N GLY B 226 -4.07 -43.93 11.45
CA GLY B 226 -4.69 -44.96 12.26
C GLY B 226 -5.70 -45.77 11.47
N ASP B 227 -6.64 -46.37 12.21
CA ASP B 227 -7.72 -47.15 11.61
C ASP B 227 -8.86 -46.18 11.30
N VAL B 228 -8.85 -45.66 10.06
CA VAL B 228 -9.87 -44.69 9.67
C VAL B 228 -11.24 -45.35 9.61
N GLY B 229 -11.29 -46.60 9.17
CA GLY B 229 -12.57 -47.28 9.07
C GLY B 229 -13.26 -47.46 10.41
N ALA B 230 -12.49 -47.88 11.41
CA ALA B 230 -13.06 -48.06 12.74
C ALA B 230 -13.56 -46.75 13.32
N LYS B 231 -12.78 -45.68 13.16
CA LYS B 231 -13.20 -44.37 13.66
C LYS B 231 -14.46 -43.90 12.96
N ALA B 232 -14.53 -44.08 11.64
CA ALA B 232 -15.71 -43.68 10.89
C ALA B 232 -16.93 -44.46 11.32
N GLN B 233 -16.78 -45.77 11.53
CA GLN B 233 -17.92 -46.57 11.98
C GLN B 233 -18.37 -46.16 13.37
N ALA B 234 -17.42 -45.88 14.26
CA ALA B 234 -17.78 -45.42 15.60
C ALA B 234 -18.53 -44.10 15.56
N LEU B 235 -18.06 -43.16 14.74
CA LEU B 235 -18.73 -41.86 14.65
C LEU B 235 -20.11 -42.00 14.03
N ALA B 236 -20.25 -42.85 13.02
CA ALA B 236 -21.56 -43.08 12.43
C ALA B 236 -22.52 -43.71 13.43
N GLU B 237 -22.03 -44.65 14.23
CA GLU B 237 -22.86 -45.24 15.27
C GLU B 237 -23.25 -44.23 16.33
N ALA B 238 -22.35 -43.27 16.63
CA ALA B 238 -22.66 -42.22 17.59
C ALA B 238 -23.74 -41.27 17.10
N GLY B 239 -24.10 -41.31 15.82
CA GLY B 239 -25.17 -40.50 15.29
C GLY B 239 -24.76 -39.31 14.45
N ALA B 240 -23.49 -39.20 14.09
CA ALA B 240 -23.06 -38.11 13.22
C ALA B 240 -23.68 -38.26 11.84
N ASP B 241 -24.21 -37.16 11.31
CA ASP B 241 -24.91 -37.17 10.04
C ASP B 241 -23.99 -37.02 8.84
N LEU B 242 -22.73 -36.65 9.05
CA LEU B 242 -21.83 -36.41 7.93
C LEU B 242 -20.40 -36.55 8.41
N LEU B 243 -19.54 -37.10 7.56
CA LEU B 243 -18.15 -37.37 7.91
C LEU B 243 -17.22 -36.56 7.03
N VAL B 244 -16.20 -35.96 7.65
CA VAL B 244 -15.21 -35.16 6.95
C VAL B 244 -13.84 -35.80 7.18
N ILE B 245 -13.20 -36.23 6.09
CA ILE B 245 -11.82 -36.70 6.14
C ILE B 245 -10.95 -35.51 5.77
N ASP B 246 -10.17 -35.02 6.73
CA ASP B 246 -9.48 -33.75 6.59
C ASP B 246 -7.98 -33.92 6.77
N THR B 247 -7.22 -33.34 5.83
CA THR B 247 -5.78 -33.21 5.98
C THR B 247 -5.34 -31.96 5.23
N ALA B 248 -4.17 -31.43 5.62
CA ALA B 248 -3.69 -30.20 5.03
C ALA B 248 -3.40 -30.35 3.54
N HIS B 249 -3.09 -31.57 3.09
CA HIS B 249 -2.81 -31.84 1.69
C HIS B 249 -3.57 -33.07 1.26
N GLY B 250 -4.74 -32.86 0.66
CA GLY B 250 -5.41 -33.92 -0.04
C GLY B 250 -4.63 -34.28 -1.29
N HIS B 251 -5.17 -35.23 -2.03
CA HIS B 251 -4.53 -35.71 -3.26
C HIS B 251 -3.16 -36.33 -2.95
N GLN B 252 -3.19 -37.29 -2.03
CA GLN B 252 -2.02 -38.08 -1.70
C GLN B 252 -2.49 -39.51 -1.39
N ALA B 253 -1.54 -40.44 -1.45
CA ALA B 253 -1.89 -41.85 -1.36
C ALA B 253 -2.66 -42.18 -0.08
N LYS B 254 -2.26 -41.58 1.03
CA LYS B 254 -2.91 -41.88 2.30
C LYS B 254 -4.38 -41.45 2.29
N MET B 255 -4.67 -40.29 1.68
CA MET B 255 -6.06 -39.88 1.57
C MET B 255 -6.87 -40.81 0.69
N LEU B 256 -6.31 -41.26 -0.43
CA LEU B 256 -7.04 -42.19 -1.28
C LEU B 256 -7.33 -43.48 -0.54
N ASP B 257 -6.35 -43.99 0.21
CA ASP B 257 -6.57 -45.21 0.99
C ASP B 257 -7.63 -45.01 2.05
N ALA B 258 -7.60 -43.86 2.75
CA ALA B 258 -8.58 -43.60 3.80
C ALA B 258 -9.99 -43.47 3.22
N ILE B 259 -10.12 -42.78 2.09
CA ILE B 259 -11.43 -42.62 1.47
C ILE B 259 -11.96 -43.98 1.01
N LYS B 260 -11.09 -44.81 0.42
CA LYS B 260 -11.53 -46.14 0.02
C LYS B 260 -11.97 -46.96 1.23
N ALA B 261 -11.22 -46.88 2.33
CA ALA B 261 -11.57 -47.63 3.53
C ALA B 261 -12.92 -47.19 4.08
N VAL B 262 -13.18 -45.88 4.11
CA VAL B 262 -14.45 -45.40 4.64
C VAL B 262 -15.60 -45.76 3.72
N ALA B 263 -15.40 -45.62 2.40
CA ALA B 263 -16.46 -45.93 1.46
C ALA B 263 -16.78 -47.42 1.43
N SER B 264 -15.79 -48.27 1.70
CA SER B 264 -16.05 -49.72 1.70
C SER B 264 -17.07 -50.11 2.75
N LEU B 265 -17.12 -49.39 3.88
CA LEU B 265 -18.08 -49.70 4.93
C LEU B 265 -19.52 -49.45 4.50
N ASP B 266 -19.74 -48.60 3.50
CA ASP B 266 -21.07 -48.30 2.99
C ASP B 266 -21.99 -47.78 4.09
N LEU B 267 -21.51 -46.76 4.82
CA LEU B 267 -22.28 -46.18 5.92
C LEU B 267 -23.47 -45.38 5.43
N GLY B 268 -23.50 -44.99 4.16
CA GLY B 268 -24.59 -44.23 3.61
C GLY B 268 -24.58 -42.75 3.91
N LEU B 269 -23.58 -42.25 4.63
CA LEU B 269 -23.45 -40.83 4.91
C LEU B 269 -22.69 -40.11 3.81
N PRO B 270 -22.95 -38.82 3.61
CA PRO B 270 -22.08 -38.04 2.71
C PRO B 270 -20.67 -37.96 3.27
N LEU B 271 -19.69 -38.02 2.37
CA LEU B 271 -18.28 -38.09 2.75
C LEU B 271 -17.56 -36.90 2.14
N VAL B 272 -16.94 -36.08 2.99
CA VAL B 272 -16.21 -34.89 2.57
C VAL B 272 -14.71 -35.17 2.69
N ALA B 273 -13.95 -34.72 1.70
CA ALA B 273 -12.51 -34.91 1.68
C ALA B 273 -11.82 -33.67 1.13
N GLY B 274 -10.66 -33.35 1.69
CA GLY B 274 -9.90 -32.20 1.24
C GLY B 274 -8.62 -32.08 2.03
N ASN B 275 -7.80 -31.10 1.66
CA ASN B 275 -8.14 -30.10 0.66
C ASN B 275 -7.35 -30.28 -0.63
N VAL B 276 -7.95 -29.90 -1.76
CA VAL B 276 -7.27 -29.87 -3.05
C VAL B 276 -7.57 -28.55 -3.72
N VAL B 277 -6.74 -28.19 -4.71
CA VAL B 277 -6.91 -26.95 -5.44
C VAL B 277 -6.81 -27.18 -6.94
N SER B 278 -6.89 -28.43 -7.37
CA SER B 278 -6.73 -28.78 -8.77
C SER B 278 -7.85 -29.70 -9.22
N ALA B 279 -8.15 -29.67 -10.51
CA ALA B 279 -9.18 -30.53 -11.07
C ALA B 279 -8.79 -32.00 -10.97
N GLU B 280 -7.50 -32.31 -11.19
CA GLU B 280 -7.04 -33.68 -11.09
C GLU B 280 -7.26 -34.23 -9.68
N GLY B 281 -6.94 -33.44 -8.66
CA GLY B 281 -7.15 -33.88 -7.30
C GLY B 281 -8.63 -34.10 -6.99
N THR B 282 -9.49 -33.22 -7.50
CA THR B 282 -10.92 -33.39 -7.29
C THR B 282 -11.41 -34.67 -7.95
N ARG B 283 -10.96 -34.95 -9.17
CA ARG B 283 -11.35 -36.18 -9.84
C ARG B 283 -10.87 -37.40 -9.07
N ASP B 284 -9.64 -37.37 -8.56
CA ASP B 284 -9.13 -38.50 -7.81
C ASP B 284 -9.92 -38.72 -6.53
N LEU B 285 -10.22 -37.65 -5.81
CA LEU B 285 -10.97 -37.78 -4.56
C LEU B 285 -12.39 -38.28 -4.80
N ILE B 286 -13.02 -37.83 -5.89
CA ILE B 286 -14.36 -38.32 -6.19
C ILE B 286 -14.34 -39.78 -6.62
N GLU B 287 -13.37 -40.15 -7.45
CA GLU B 287 -13.27 -41.55 -7.89
C GLU B 287 -12.96 -42.48 -6.72
N ALA B 288 -12.19 -42.01 -5.75
CA ALA B 288 -11.92 -42.82 -4.57
C ALA B 288 -13.17 -43.09 -3.76
N GLY B 289 -14.22 -42.30 -3.94
CA GLY B 289 -15.48 -42.52 -3.25
C GLY B 289 -16.00 -41.35 -2.46
N ALA B 290 -15.31 -40.21 -2.44
CA ALA B 290 -15.83 -39.04 -1.74
C ALA B 290 -16.99 -38.42 -2.51
N SER B 291 -17.97 -37.92 -1.77
CA SER B 291 -19.11 -37.25 -2.38
C SER B 291 -18.91 -35.75 -2.47
N ILE B 292 -18.20 -35.15 -1.52
CA ILE B 292 -17.97 -33.72 -1.48
C ILE B 292 -16.47 -33.48 -1.31
N VAL B 293 -15.94 -32.55 -2.08
CA VAL B 293 -14.51 -32.23 -2.06
C VAL B 293 -14.33 -30.85 -1.45
N LYS B 294 -13.51 -30.76 -0.42
CA LYS B 294 -13.23 -29.50 0.25
C LYS B 294 -12.03 -28.83 -0.42
N VAL B 295 -12.20 -27.56 -0.79
CA VAL B 295 -11.27 -26.86 -1.66
C VAL B 295 -10.57 -25.75 -0.89
N GLY B 296 -9.26 -25.66 -1.04
CA GLY B 296 -8.49 -24.54 -0.54
C GLY B 296 -7.19 -24.91 0.14
N VAL B 297 -6.09 -24.41 -0.40
CA VAL B 297 -4.75 -24.63 0.15
C VAL B 297 -3.98 -23.34 0.04
N GLY B 298 -3.47 -22.85 1.17
CA GLY B 298 -2.75 -21.60 1.21
C GLY B 298 -3.41 -20.50 0.43
N PRO B 299 -4.61 -20.10 0.84
CA PRO B 299 -5.39 -19.17 0.00
C PRO B 299 -4.79 -17.77 -0.07
N GLY B 300 -4.27 -17.26 1.04
CA GLY B 300 -3.80 -15.89 1.08
C GLY B 300 -2.38 -15.72 0.59
N ALA B 301 -2.14 -14.59 -0.07
CA ALA B 301 -0.81 -14.30 -0.62
C ALA B 301 0.23 -14.08 0.46
N MET B 302 -0.17 -13.85 1.70
CA MET B 302 0.76 -13.66 2.81
C MET B 302 0.41 -14.55 3.98
N CYS B 303 -0.27 -15.67 3.72
CA CYS B 303 -0.61 -16.60 4.78
C CYS B 303 0.64 -17.34 5.24
N THR B 304 0.48 -18.07 6.36
CA THR B 304 1.59 -18.83 6.92
C THR B 304 2.08 -19.90 5.94
N THR B 305 1.14 -20.60 5.30
CA THR B 305 1.52 -21.69 4.41
C THR B 305 2.34 -21.19 3.23
N ARG B 306 1.92 -20.09 2.61
CA ARG B 306 2.62 -19.61 1.43
C ARG B 306 3.94 -18.94 1.80
N MET B 307 4.00 -18.25 2.94
CA MET B 307 5.27 -17.69 3.37
C MET B 307 6.26 -18.78 3.77
N MET B 308 5.77 -19.91 4.26
CA MET B 308 6.67 -21.00 4.61
C MET B 308 7.13 -21.78 3.39
N THR B 309 6.23 -22.07 2.45
CA THR B 309 6.52 -23.01 1.38
C THR B 309 6.30 -22.46 -0.02
N GLY B 310 5.58 -21.36 -0.20
CA GLY B 310 5.25 -20.91 -1.53
C GLY B 310 4.18 -21.72 -2.22
N VAL B 311 3.49 -22.59 -1.50
CA VAL B 311 2.48 -23.48 -2.07
C VAL B 311 1.10 -22.92 -1.79
N GLY B 312 0.24 -22.92 -2.80
CA GLY B 312 -1.12 -22.47 -2.62
C GLY B 312 -1.74 -22.15 -3.97
N ARG B 313 -2.94 -21.57 -3.91
CA ARG B 313 -3.63 -21.11 -5.10
C ARG B 313 -4.64 -20.05 -4.70
N PRO B 314 -4.83 -19.01 -5.51
CA PRO B 314 -5.92 -18.07 -5.24
C PRO B 314 -7.27 -18.78 -5.21
N GLN B 315 -8.13 -18.35 -4.28
CA GLN B 315 -9.33 -19.11 -3.96
C GLN B 315 -10.31 -19.17 -5.12
N PHE B 316 -10.51 -18.05 -5.82
CA PHE B 316 -11.56 -18.00 -6.84
C PHE B 316 -11.28 -18.97 -7.97
N SER B 317 -10.07 -18.94 -8.53
CA SER B 317 -9.74 -19.81 -9.65
C SER B 317 -9.79 -21.27 -9.23
N ALA B 318 -9.29 -21.57 -8.03
CA ALA B 318 -9.33 -22.95 -7.54
C ALA B 318 -10.75 -23.44 -7.39
N VAL B 319 -11.64 -22.60 -6.82
CA VAL B 319 -13.02 -23.01 -6.63
C VAL B 319 -13.70 -23.21 -7.97
N VAL B 320 -13.44 -22.32 -8.93
CA VAL B 320 -14.06 -22.48 -10.26
C VAL B 320 -13.63 -23.79 -10.89
N GLU B 321 -12.32 -24.05 -10.91
CA GLU B 321 -11.82 -25.25 -11.56
C GLU B 321 -12.33 -26.51 -10.87
N CYS B 322 -12.27 -26.54 -9.54
CA CYS B 322 -12.70 -27.72 -8.82
C CYS B 322 -14.20 -27.95 -8.92
N ALA B 323 -15.00 -26.87 -8.89
CA ALA B 323 -16.43 -27.02 -9.03
C ALA B 323 -16.79 -27.56 -10.41
N ALA B 324 -16.13 -27.07 -11.46
CA ALA B 324 -16.39 -27.60 -12.79
C ALA B 324 -16.03 -29.07 -12.86
N ALA B 325 -14.85 -29.43 -12.33
CA ALA B 325 -14.43 -30.83 -12.37
C ALA B 325 -15.39 -31.73 -11.61
N ALA B 326 -15.87 -31.28 -10.45
CA ALA B 326 -16.77 -32.10 -9.65
C ALA B 326 -18.14 -32.22 -10.29
N ARG B 327 -18.67 -31.12 -10.83
CA ARG B 327 -19.95 -31.19 -11.53
C ARG B 327 -19.88 -32.07 -12.76
N GLN B 328 -18.68 -32.21 -13.34
CA GLN B 328 -18.53 -33.16 -14.44
C GLN B 328 -18.81 -34.58 -13.99
N LEU B 329 -18.45 -34.92 -12.75
CA LEU B 329 -18.70 -36.24 -12.18
C LEU B 329 -19.91 -36.28 -11.25
N GLY B 330 -20.69 -35.20 -11.18
CA GLY B 330 -21.84 -35.18 -10.31
C GLY B 330 -21.55 -35.00 -8.84
N GLY B 331 -20.36 -34.50 -8.49
CA GLY B 331 -20.03 -34.19 -7.12
C GLY B 331 -20.29 -32.74 -6.77
N HIS B 332 -19.89 -32.38 -5.56
CA HIS B 332 -20.01 -31.01 -5.08
C HIS B 332 -18.74 -30.62 -4.35
N VAL B 333 -18.53 -29.31 -4.20
CA VAL B 333 -17.33 -28.79 -3.57
C VAL B 333 -17.71 -27.83 -2.46
N TRP B 334 -16.88 -27.81 -1.41
CA TRP B 334 -16.99 -26.86 -0.31
C TRP B 334 -15.81 -25.91 -0.36
N ALA B 335 -16.09 -24.62 -0.21
CA ALA B 335 -15.04 -23.60 -0.22
C ALA B 335 -14.48 -23.42 1.19
N ASP B 336 -13.17 -23.66 1.34
CA ASP B 336 -12.53 -23.56 2.64
C ASP B 336 -11.41 -22.51 2.60
N GLY B 337 -11.71 -21.34 2.08
CA GLY B 337 -10.72 -20.31 1.85
C GLY B 337 -10.45 -19.35 2.99
N GLY B 338 -11.13 -19.49 4.13
CA GLY B 338 -10.97 -18.52 5.19
C GLY B 338 -11.80 -17.27 4.99
N VAL B 339 -13.12 -17.43 5.00
CA VAL B 339 -14.02 -16.30 4.77
C VAL B 339 -13.86 -15.25 5.86
N ARG B 340 -13.83 -13.99 5.45
CA ARG B 340 -13.78 -12.86 6.38
C ARG B 340 -14.85 -11.81 6.13
N HIS B 341 -15.50 -11.81 4.97
CA HIS B 341 -16.58 -10.90 4.63
C HIS B 341 -17.66 -11.67 3.91
N PRO B 342 -18.91 -11.19 3.94
CA PRO B 342 -19.98 -11.86 3.19
C PRO B 342 -19.71 -11.90 1.70
N ARG B 343 -18.94 -10.95 1.18
CA ARG B 343 -18.52 -10.97 -0.22
C ARG B 343 -17.87 -12.29 -0.58
N ASP B 344 -17.05 -12.84 0.32
CA ASP B 344 -16.36 -14.09 0.05
C ASP B 344 -17.35 -15.24 -0.09
N VAL B 345 -18.36 -15.30 0.79
CA VAL B 345 -19.37 -16.35 0.68
C VAL B 345 -20.15 -16.22 -0.62
N ALA B 346 -20.55 -14.99 -0.95
CA ALA B 346 -21.32 -14.79 -2.18
C ALA B 346 -20.52 -15.17 -3.41
N LEU B 347 -19.24 -14.80 -3.45
CA LEU B 347 -18.41 -15.11 -4.61
C LEU B 347 -18.11 -16.60 -4.69
N ALA B 348 -17.93 -17.25 -3.54
CA ALA B 348 -17.72 -18.70 -3.56
C ALA B 348 -18.95 -19.42 -4.08
N LEU B 349 -20.14 -18.97 -3.68
CA LEU B 349 -21.36 -19.57 -4.20
C LEU B 349 -21.52 -19.29 -5.70
N ALA B 350 -21.13 -18.10 -6.15
CA ALA B 350 -21.21 -17.79 -7.57
C ALA B 350 -20.24 -18.64 -8.38
N ALA B 351 -19.05 -18.90 -7.84
CA ALA B 351 -18.05 -19.69 -8.56
C ALA B 351 -18.51 -21.11 -8.79
N GLY B 352 -19.39 -21.64 -7.93
CA GLY B 352 -19.94 -22.96 -8.14
C GLY B 352 -19.92 -23.87 -6.93
N ALA B 353 -19.43 -23.35 -5.80
CA ALA B 353 -19.44 -24.14 -4.58
C ALA B 353 -20.86 -24.30 -4.06
N SER B 354 -21.13 -25.45 -3.46
CA SER B 354 -22.44 -25.71 -2.86
C SER B 354 -22.51 -25.30 -1.39
N ASN B 355 -21.38 -25.17 -0.72
CA ASN B 355 -21.34 -24.77 0.68
C ASN B 355 -20.04 -24.04 0.93
N VAL B 356 -19.99 -23.31 2.05
CA VAL B 356 -18.84 -22.51 2.42
C VAL B 356 -18.46 -22.84 3.84
N MET B 357 -17.17 -23.07 4.08
CA MET B 357 -16.64 -23.39 5.40
C MET B 357 -16.14 -22.11 6.05
N ILE B 358 -16.63 -21.83 7.26
CA ILE B 358 -16.25 -20.64 8.01
C ILE B 358 -15.53 -21.07 9.27
N GLY B 359 -14.36 -20.48 9.50
CA GLY B 359 -13.50 -20.90 10.59
C GLY B 359 -13.30 -19.89 11.70
N SER B 360 -12.12 -19.27 11.75
CA SER B 360 -11.75 -18.41 12.87
C SER B 360 -12.64 -17.20 13.02
N TRP B 361 -13.38 -16.82 11.98
CA TRP B 361 -14.27 -15.67 12.07
C TRP B 361 -15.31 -15.87 13.18
N PHE B 362 -15.82 -17.09 13.31
CA PHE B 362 -16.79 -17.39 14.34
C PHE B 362 -16.17 -17.58 15.72
N ALA B 363 -14.83 -17.55 15.82
CA ALA B 363 -14.19 -17.71 17.11
C ALA B 363 -14.56 -16.58 18.06
N GLY B 364 -14.62 -15.35 17.56
CA GLY B 364 -14.98 -14.22 18.39
C GLY B 364 -16.47 -14.08 18.62
N THR B 365 -17.08 -15.11 19.21
CA THR B 365 -18.50 -15.10 19.53
C THR B 365 -18.70 -15.69 20.91
N TYR B 366 -19.87 -15.42 21.49
CA TYR B 366 -20.19 -15.97 22.81
C TYR B 366 -20.27 -17.49 22.77
N GLU B 367 -20.89 -18.04 21.72
CA GLU B 367 -21.13 -19.47 21.65
C GLU B 367 -19.88 -20.29 21.37
N SER B 368 -18.76 -19.65 21.07
CA SER B 368 -17.52 -20.39 20.90
C SER B 368 -17.07 -20.97 22.23
N PRO B 369 -16.44 -22.15 22.21
CA PRO B 369 -16.08 -22.81 23.48
C PRO B 369 -15.01 -22.08 24.27
N GLY B 370 -14.27 -21.17 23.68
CA GLY B 370 -13.23 -20.46 24.41
C GLY B 370 -13.82 -19.50 25.44
N ASP B 371 -13.04 -19.23 26.48
CA ASP B 371 -13.47 -18.32 27.52
C ASP B 371 -13.25 -16.88 27.10
N LEU B 372 -14.08 -15.99 27.64
CA LEU B 372 -13.98 -14.57 27.32
C LEU B 372 -12.78 -13.93 28.02
N LEU B 373 -12.06 -13.09 27.29
CA LEU B 373 -10.96 -12.31 27.82
C LEU B 373 -11.20 -10.84 27.53
N PHE B 374 -10.47 -9.99 28.25
CA PHE B 374 -10.63 -8.54 28.13
C PHE B 374 -9.26 -7.90 27.95
N ASP B 375 -9.16 -6.99 26.97
CA ASP B 375 -7.92 -6.28 26.70
C ASP B 375 -7.69 -5.19 27.75
N ARG B 376 -6.61 -4.43 27.56
CA ARG B 376 -6.34 -3.30 28.46
C ARG B 376 -7.49 -2.30 28.43
N ASP B 377 -8.10 -2.09 27.26
CA ASP B 377 -9.25 -1.22 27.11
C ASP B 377 -10.56 -1.95 27.40
N ASP B 378 -10.51 -3.06 28.14
CA ASP B 378 -11.64 -3.89 28.54
C ASP B 378 -12.49 -4.36 27.36
N ARG B 379 -11.96 -4.28 26.15
CA ARG B 379 -12.67 -4.80 24.99
C ARG B 379 -12.68 -6.31 25.01
N PRO B 380 -13.81 -6.96 24.79
CA PRO B 380 -13.83 -8.43 24.82
C PRO B 380 -13.14 -9.02 23.60
N TYR B 381 -12.38 -10.09 23.83
CA TYR B 381 -11.70 -10.80 22.77
C TYR B 381 -11.55 -12.26 23.17
N LYS B 382 -11.26 -13.09 22.17
CA LYS B 382 -10.96 -14.50 22.41
C LYS B 382 -9.72 -14.90 21.63
N GLU B 383 -9.02 -15.91 22.15
CA GLU B 383 -7.80 -16.40 21.52
C GLU B 383 -8.13 -17.54 20.58
N SER B 384 -7.97 -17.30 19.28
CA SER B 384 -8.05 -18.36 18.29
C SER B 384 -6.73 -19.13 18.26
N TYR B 385 -6.85 -20.46 18.20
CA TYR B 385 -5.70 -21.37 18.26
C TYR B 385 -4.86 -21.12 19.51
N GLY B 386 -5.53 -21.18 20.66
CA GLY B 386 -4.86 -21.03 21.94
C GLY B 386 -4.63 -22.34 22.64
N MET B 387 -5.51 -22.68 23.60
CA MET B 387 -5.41 -23.94 24.31
C MET B 387 -5.57 -25.15 23.40
N ALA B 388 -6.17 -24.95 22.21
CA ALA B 388 -6.42 -26.06 21.29
C ALA B 388 -5.14 -26.77 20.90
N SER B 389 -3.99 -26.09 20.97
CA SER B 389 -2.72 -26.74 20.69
C SER B 389 -2.52 -27.98 21.53
N LYS B 390 -2.99 -27.94 22.78
CA LYS B 390 -2.90 -29.12 23.64
C LYS B 390 -3.52 -30.34 22.97
N ARG B 391 -4.72 -30.16 22.42
CA ARG B 391 -5.36 -31.26 21.70
C ARG B 391 -4.45 -31.80 20.61
N ALA B 392 -3.80 -30.91 19.86
CA ALA B 392 -2.86 -31.35 18.85
C ALA B 392 -1.75 -32.20 19.47
N VAL B 393 -1.13 -31.71 20.54
CA VAL B 393 -0.07 -32.49 21.16
C VAL B 393 -0.64 -33.73 21.84
N ALA B 394 -1.95 -33.73 22.09
CA ALA B 394 -2.59 -34.96 22.56
C ALA B 394 -2.46 -36.06 21.52
N ALA B 395 -2.64 -35.70 20.24
CA ALA B 395 -2.39 -36.67 19.17
C ALA B 395 -0.94 -37.12 19.19
N ARG B 396 -0.02 -36.26 19.65
CA ARG B 396 1.36 -36.66 19.83
C ARG B 396 1.57 -37.40 21.14
N THR B 397 0.73 -37.12 22.14
CA THR B 397 0.92 -37.75 23.45
C THR B 397 0.64 -39.24 23.39
N ALA B 398 -0.36 -39.64 22.60
CA ALA B 398 -0.65 -41.06 22.41
C ALA B 398 0.42 -41.77 21.60
N GLY B 399 1.33 -41.03 20.97
CA GLY B 399 2.31 -41.62 20.09
C GLY B 399 3.50 -42.25 20.81
N ASP B 400 4.70 -42.03 20.28
CA ASP B 400 5.89 -42.72 20.73
C ASP B 400 6.54 -41.98 21.89
N SER B 401 7.76 -42.38 22.23
CA SER B 401 8.52 -41.79 23.32
C SER B 401 8.71 -40.29 23.12
N SER B 402 9.10 -39.63 24.21
CA SER B 402 9.39 -38.19 24.15
C SER B 402 10.45 -37.87 23.12
N PHE B 403 11.35 -38.81 22.84
CA PHE B 403 12.36 -38.59 21.80
C PHE B 403 11.70 -38.38 20.44
N ASP B 404 10.77 -39.25 20.06
CA ASP B 404 10.08 -39.09 18.79
C ASP B 404 9.19 -37.86 18.79
N ARG B 405 8.60 -37.51 19.93
CA ARG B 405 7.77 -36.32 20.01
C ARG B 405 8.60 -35.06 19.77
N ALA B 406 9.81 -35.01 20.35
CA ALA B 406 10.68 -33.87 20.12
C ALA B 406 11.23 -33.88 18.69
N ARG B 407 11.51 -35.06 18.15
CA ARG B 407 12.02 -35.15 16.79
C ARG B 407 10.99 -34.64 15.78
N LYS B 408 9.74 -35.11 15.90
CA LYS B 408 8.69 -34.60 15.04
C LYS B 408 8.38 -33.14 15.32
N GLY B 409 8.52 -32.72 16.58
CA GLY B 409 8.25 -31.35 16.95
C GLY B 409 9.32 -30.35 16.58
N LEU B 410 10.45 -30.83 16.06
CA LEU B 410 11.50 -29.91 15.63
C LEU B 410 11.08 -29.10 14.42
N PHE B 411 10.54 -29.77 13.40
CA PHE B 411 10.07 -29.10 12.19
C PHE B 411 8.63 -28.63 12.32
N GLU B 412 8.33 -27.88 13.39
CA GLU B 412 7.01 -27.34 13.60
C GLU B 412 7.13 -25.91 14.13
N GLU B 413 6.23 -25.05 13.66
CA GLU B 413 6.23 -23.66 14.09
C GLU B 413 5.45 -23.50 15.40
N GLY B 414 5.62 -22.34 16.02
CA GLY B 414 4.86 -22.00 17.21
C GLY B 414 3.40 -21.79 16.91
N ILE B 415 2.62 -21.71 17.98
CA ILE B 415 1.17 -21.60 17.85
C ILE B 415 0.82 -20.23 17.28
N SER B 416 -0.08 -20.21 16.31
CA SER B 416 -0.51 -18.97 15.66
C SER B 416 -1.77 -18.42 16.32
N THR B 417 -1.63 -18.12 17.61
CA THR B 417 -2.74 -17.55 18.37
C THR B 417 -3.12 -16.20 17.79
N SER B 418 -4.43 -15.91 17.74
CA SER B 418 -4.92 -14.68 17.17
C SER B 418 -5.95 -14.06 18.10
N ARG B 419 -5.95 -12.72 18.19
CA ARG B 419 -6.90 -11.98 19.02
C ARG B 419 -8.13 -11.68 18.17
N MET B 420 -9.19 -12.48 18.34
CA MET B 420 -10.45 -12.24 17.66
C MET B 420 -11.32 -11.39 18.57
N SER B 421 -11.46 -10.12 18.23
CA SER B 421 -12.32 -9.21 19.00
C SER B 421 -13.78 -9.50 18.71
N LEU B 422 -14.60 -9.39 19.75
CA LEU B 422 -16.05 -9.55 19.61
C LEU B 422 -16.68 -8.22 19.22
N ASP B 423 -17.55 -8.26 18.23
CA ASP B 423 -18.27 -7.07 17.82
C ASP B 423 -19.34 -6.76 18.86
N PRO B 424 -19.35 -5.57 19.46
CA PRO B 424 -20.41 -5.27 20.44
C PRO B 424 -21.80 -5.34 19.83
N ALA B 425 -21.95 -4.94 18.57
CA ALA B 425 -23.25 -5.05 17.91
C ALA B 425 -23.53 -6.46 17.39
N ARG B 426 -22.52 -7.30 17.27
CA ARG B 426 -22.65 -8.65 16.73
C ARG B 426 -21.91 -9.65 17.61
N GLY B 427 -22.14 -9.57 18.92
CA GLY B 427 -21.47 -10.49 19.83
C GLY B 427 -21.90 -11.93 19.65
N GLY B 428 -23.16 -12.16 19.31
CA GLY B 428 -23.67 -13.50 19.09
C GLY B 428 -23.46 -13.96 17.66
N VAL B 429 -23.25 -15.26 17.49
CA VAL B 429 -23.03 -15.83 16.17
C VAL B 429 -24.26 -15.69 15.29
N GLU B 430 -25.45 -15.58 15.89
CA GLU B 430 -26.64 -15.38 15.08
C GLU B 430 -26.61 -14.05 14.35
N ASP B 431 -25.99 -13.03 14.95
CA ASP B 431 -25.82 -11.76 14.25
C ASP B 431 -24.89 -11.91 13.04
N LEU B 432 -23.83 -12.70 13.19
CA LEU B 432 -22.93 -12.93 12.05
C LEU B 432 -23.64 -13.73 10.96
N LEU B 433 -24.45 -14.71 11.35
CA LEU B 433 -25.24 -15.44 10.36
C LEU B 433 -26.20 -14.51 9.63
N ASP B 434 -26.83 -13.59 10.37
CA ASP B 434 -27.71 -12.61 9.74
C ASP B 434 -26.94 -11.76 8.75
N HIS B 435 -25.73 -11.32 9.13
CA HIS B 435 -24.90 -10.52 8.25
C HIS B 435 -24.60 -11.27 6.95
N ILE B 436 -24.14 -12.52 7.08
CA ILE B 436 -23.73 -13.29 5.92
C ILE B 436 -24.93 -13.59 5.02
N THR B 437 -26.05 -14.00 5.60
CA THR B 437 -27.22 -14.31 4.80
C THR B 437 -27.80 -13.07 4.16
N SER B 438 -27.71 -11.91 4.82
CA SER B 438 -28.14 -10.67 4.19
C SER B 438 -27.30 -10.37 2.96
N GLY B 439 -25.98 -10.54 3.07
CA GLY B 439 -25.13 -10.34 1.91
C GLY B 439 -25.47 -11.27 0.77
N VAL B 440 -25.67 -12.56 1.08
CA VAL B 440 -25.96 -13.54 0.04
C VAL B 440 -27.31 -13.25 -0.62
N ARG B 441 -28.31 -12.90 0.18
CA ARG B 441 -29.62 -12.60 -0.38
C ARG B 441 -29.58 -11.36 -1.27
N SER B 442 -28.84 -10.34 -0.85
CA SER B 442 -28.68 -9.16 -1.69
C SER B 442 -27.99 -9.51 -3.00
N THR B 443 -26.98 -10.37 -2.95
CA THR B 443 -26.33 -10.81 -4.19
C THR B 443 -27.32 -11.51 -5.10
N CYS B 444 -28.15 -12.38 -4.53
CA CYS B 444 -29.13 -13.11 -5.35
C CYS B 444 -30.14 -12.17 -5.98
N THR B 445 -30.58 -11.16 -5.24
CA THR B 445 -31.53 -10.20 -5.81
C THR B 445 -30.88 -9.34 -6.88
N TYR B 446 -29.60 -9.00 -6.71
CA TYR B 446 -28.91 -8.23 -7.74
C TYR B 446 -28.75 -9.05 -9.01
N VAL B 447 -28.40 -10.33 -8.88
CA VAL B 447 -28.28 -11.18 -10.07
C VAL B 447 -29.64 -11.50 -10.64
N GLY B 448 -30.66 -11.60 -9.79
CA GLY B 448 -31.98 -11.98 -10.24
C GLY B 448 -32.21 -13.48 -10.16
N ALA B 449 -31.68 -14.08 -9.10
CA ALA B 449 -31.78 -15.51 -8.88
C ALA B 449 -32.66 -15.79 -7.67
N ALA B 450 -33.61 -16.72 -7.83
CA ALA B 450 -34.46 -17.12 -6.72
C ALA B 450 -33.82 -18.16 -5.83
N ASN B 451 -32.70 -18.77 -6.24
CA ASN B 451 -32.06 -19.81 -5.45
C ASN B 451 -30.60 -19.92 -5.89
N LEU B 452 -29.83 -20.68 -5.10
CA LEU B 452 -28.41 -20.82 -5.38
C LEU B 452 -28.10 -21.44 -6.74
N PRO B 453 -28.79 -22.50 -7.20
CA PRO B 453 -28.53 -22.98 -8.57
C PRO B 453 -28.74 -21.91 -9.62
N GLU B 454 -29.78 -21.10 -9.48
CA GLU B 454 -29.97 -19.98 -10.41
C GLU B 454 -28.85 -18.95 -10.27
N LEU B 455 -28.34 -18.76 -9.04
CA LEU B 455 -27.22 -17.85 -8.84
C LEU B 455 -26.00 -18.31 -9.61
N HIS B 456 -25.72 -19.61 -9.58
CA HIS B 456 -24.57 -20.11 -10.33
C HIS B 456 -24.82 -20.08 -11.83
N GLU B 457 -26.07 -20.30 -12.26
CA GLU B 457 -26.37 -20.35 -13.68
C GLU B 457 -26.40 -18.97 -14.34
N LYS B 458 -26.77 -17.93 -13.61
CA LYS B 458 -27.05 -16.64 -14.22
C LYS B 458 -26.02 -15.55 -13.91
N VAL B 459 -25.07 -15.79 -13.01
CA VAL B 459 -24.13 -14.75 -12.61
C VAL B 459 -23.23 -14.36 -13.77
N VAL B 460 -22.89 -13.08 -13.85
CA VAL B 460 -21.92 -12.55 -14.79
C VAL B 460 -20.83 -11.83 -14.00
N LEU B 461 -19.58 -12.08 -14.34
CA LEU B 461 -18.45 -11.60 -13.57
C LEU B 461 -17.50 -10.78 -14.43
N GLY B 462 -16.87 -9.78 -13.80
CA GLY B 462 -15.83 -9.00 -14.45
C GLY B 462 -14.59 -8.95 -13.58
N VAL B 463 -13.50 -8.49 -14.20
CA VAL B 463 -12.18 -8.46 -13.58
C VAL B 463 -11.72 -7.01 -13.47
N GLN B 464 -11.14 -6.66 -12.33
CA GLN B 464 -10.64 -5.32 -12.07
C GLN B 464 -9.14 -5.37 -11.80
N SER B 465 -8.45 -4.28 -12.16
CA SER B 465 -7.04 -4.15 -11.85
C SER B 465 -6.84 -3.81 -10.38
N ALA B 466 -5.59 -3.88 -9.94
CA ALA B 466 -5.23 -3.52 -8.58
C ALA B 466 -5.27 -2.02 -8.35
N ALA B 467 -5.25 -1.21 -9.41
CA ALA B 467 -5.19 0.23 -9.24
C ALA B 467 -6.42 0.80 -8.53
N GLY B 468 -7.54 0.09 -8.58
CA GLY B 468 -8.71 0.53 -7.83
C GLY B 468 -8.56 0.45 -6.33
N PHE B 469 -7.54 -0.25 -5.84
CA PHE B 469 -7.31 -0.38 -4.40
C PHE B 469 -6.40 0.71 -3.85
N ALA B 470 -5.88 1.60 -4.68
CA ALA B 470 -5.00 2.66 -4.23
C ALA B 470 -5.75 3.66 -3.35
N MET C 1 -17.44 8.42 -29.21
CA MET C 1 -16.69 7.27 -28.73
C MET C 1 -15.32 7.70 -28.22
N VAL C 2 -14.98 7.28 -27.01
CA VAL C 2 -13.68 7.61 -26.43
C VAL C 2 -12.57 6.89 -27.17
N ARG C 3 -11.56 7.62 -27.59
N ARG C 3 -11.55 7.62 -27.58
CA ARG C 3 -10.41 7.05 -28.29
CA ARG C 3 -10.41 7.06 -28.29
C ARG C 3 -9.29 6.75 -27.31
N PHE C 4 -8.59 5.65 -27.55
CA PHE C 4 -7.52 5.19 -26.69
C PHE C 4 -6.23 5.10 -27.50
N LEU C 5 -5.10 5.23 -26.81
CA LEU C 5 -3.81 5.10 -27.46
C LEU C 5 -3.67 3.72 -28.07
N ASP C 6 -2.79 3.62 -29.07
CA ASP C 6 -2.61 2.36 -29.77
C ASP C 6 -2.06 1.30 -28.83
N GLY C 7 -2.63 0.10 -28.90
CA GLY C 7 -2.20 -1.01 -28.09
C GLY C 7 -2.78 -1.05 -26.69
N HIS C 8 -3.47 0.00 -26.25
CA HIS C 8 -4.06 0.05 -24.91
C HIS C 8 -5.40 -0.68 -24.95
N THR C 9 -5.34 -2.00 -24.75
CA THR C 9 -6.54 -2.85 -24.73
C THR C 9 -6.47 -3.73 -23.49
N PRO C 10 -6.84 -3.20 -22.33
CA PRO C 10 -6.75 -3.98 -21.10
C PRO C 10 -7.77 -5.11 -21.07
N ALA C 11 -7.42 -6.17 -20.32
CA ALA C 11 -8.29 -7.30 -20.12
C ALA C 11 -9.10 -7.18 -18.83
N TYR C 12 -9.48 -5.96 -18.45
CA TYR C 12 -10.20 -5.73 -17.21
C TYR C 12 -10.93 -4.40 -17.32
N ASP C 13 -11.80 -4.13 -16.35
CA ASP C 13 -12.53 -2.87 -16.31
C ASP C 13 -11.70 -1.79 -15.63
N LEU C 14 -11.94 -0.55 -16.03
CA LEU C 14 -11.11 0.58 -15.64
C LEU C 14 -11.82 1.46 -14.63
N THR C 15 -11.08 1.87 -13.60
CA THR C 15 -11.53 2.91 -12.67
C THR C 15 -10.93 4.24 -13.10
N TYR C 16 -11.26 5.30 -12.34
CA TYR C 16 -10.67 6.59 -12.61
C TYR C 16 -9.16 6.59 -12.39
N ASN C 17 -8.66 5.72 -11.50
CA ASN C 17 -7.23 5.62 -11.27
C ASN C 17 -6.50 4.91 -12.39
N ASP C 18 -7.20 4.26 -13.31
CA ASP C 18 -6.57 3.49 -14.37
C ASP C 18 -6.32 4.29 -15.64
N VAL C 19 -6.86 5.50 -15.76
CA VAL C 19 -6.84 6.21 -17.03
C VAL C 19 -6.34 7.63 -16.84
N PHE C 20 -5.85 8.21 -17.93
CA PHE C 20 -5.41 9.60 -17.95
C PHE C 20 -5.73 10.20 -19.31
N VAL C 21 -5.83 11.52 -19.33
CA VAL C 21 -6.10 12.28 -20.56
C VAL C 21 -4.78 12.75 -21.15
N VAL C 22 -4.63 12.59 -22.46
CA VAL C 22 -3.43 13.01 -23.18
C VAL C 22 -3.70 14.38 -23.79
N PRO C 23 -2.88 15.39 -23.51
CA PRO C 23 -3.14 16.73 -24.08
C PRO C 23 -3.05 16.74 -25.59
N GLY C 24 -4.07 17.32 -26.23
CA GLY C 24 -4.07 17.53 -27.65
C GLY C 24 -3.70 18.96 -28.01
N ARG C 25 -3.70 19.24 -29.31
CA ARG C 25 -3.52 20.60 -29.78
C ARG C 25 -4.73 21.44 -29.40
N SER C 26 -4.47 22.65 -28.91
CA SER C 26 -5.51 23.46 -28.27
C SER C 26 -5.45 24.90 -28.75
N ASP C 27 -6.59 25.42 -29.20
CA ASP C 27 -6.74 26.83 -29.52
C ASP C 27 -7.41 27.63 -28.40
N VAL C 28 -7.80 26.98 -27.31
CA VAL C 28 -8.52 27.65 -26.23
C VAL C 28 -7.53 28.45 -25.42
N ALA C 29 -7.57 29.77 -25.59
CA ALA C 29 -6.57 30.64 -24.94
C ALA C 29 -6.72 30.62 -23.42
N SER C 30 -7.94 30.71 -22.91
CA SER C 30 -8.15 30.84 -21.48
C SER C 30 -9.32 29.96 -21.05
N ARG C 31 -9.38 29.70 -19.73
CA ARG C 31 -10.45 28.89 -19.19
C ARG C 31 -11.82 29.56 -19.30
N PHE C 32 -11.86 30.88 -19.41
CA PHE C 32 -13.13 31.59 -19.50
C PHE C 32 -13.77 31.47 -20.87
N ASP C 33 -13.03 31.03 -21.89
CA ASP C 33 -13.60 30.80 -23.20
C ASP C 33 -14.39 29.50 -23.29
N VAL C 34 -14.37 28.69 -22.24
CA VAL C 34 -15.01 27.38 -22.26
C VAL C 34 -16.45 27.51 -21.77
N ASP C 35 -17.38 26.94 -22.53
CA ASP C 35 -18.79 26.93 -22.17
C ASP C 35 -19.14 25.57 -21.56
N LEU C 36 -19.59 25.59 -20.31
CA LEU C 36 -19.85 24.36 -19.57
C LEU C 36 -21.32 23.95 -19.59
N SER C 37 -22.14 24.56 -20.44
CA SER C 37 -23.56 24.24 -20.46
C SER C 37 -23.81 22.82 -20.92
N THR C 38 -24.80 22.17 -20.32
CA THR C 38 -25.18 20.81 -20.63
C THR C 38 -26.33 20.76 -21.61
N VAL C 39 -26.45 19.64 -22.32
CA VAL C 39 -27.44 19.46 -23.38
C VAL C 39 -28.45 18.39 -23.04
N ASP C 40 -28.46 17.86 -21.82
CA ASP C 40 -29.35 16.77 -21.47
C ASP C 40 -30.77 17.22 -21.19
N GLY C 41 -31.08 18.50 -21.35
CA GLY C 41 -32.42 18.99 -21.06
C GLY C 41 -32.69 19.30 -19.61
N SER C 42 -31.70 19.12 -18.73
CA SER C 42 -31.87 19.49 -17.33
C SER C 42 -31.78 20.98 -17.09
N GLY C 43 -31.26 21.74 -18.05
CA GLY C 43 -31.19 23.18 -17.93
C GLY C 43 -30.06 23.71 -17.08
N THR C 44 -29.16 22.86 -16.61
CA THR C 44 -28.01 23.33 -15.85
C THR C 44 -26.97 23.94 -16.78
N THR C 45 -26.29 24.96 -16.28
CA THR C 45 -25.19 25.59 -17.01
C THR C 45 -23.82 25.10 -16.56
N ILE C 46 -23.77 24.34 -15.48
CA ILE C 46 -22.55 23.63 -15.06
C ILE C 46 -22.91 22.16 -14.94
N PRO C 47 -21.97 21.24 -15.16
CA PRO C 47 -22.33 19.81 -15.13
C PRO C 47 -22.63 19.26 -13.74
N VAL C 48 -22.54 20.07 -12.69
CA VAL C 48 -22.71 19.60 -11.32
C VAL C 48 -24.19 19.48 -10.99
N VAL C 49 -24.60 18.30 -10.52
CA VAL C 49 -25.92 18.05 -9.95
C VAL C 49 -25.73 17.55 -8.54
N VAL C 50 -26.58 17.99 -7.62
CA VAL C 50 -26.47 17.65 -6.20
C VAL C 50 -27.40 16.49 -5.90
N ALA C 51 -26.87 15.45 -5.27
CA ALA C 51 -27.62 14.24 -5.01
C ALA C 51 -28.76 14.47 -4.04
N ASN C 52 -29.77 13.60 -4.12
CA ASN C 52 -30.94 13.68 -3.26
C ASN C 52 -30.69 12.97 -1.93
N MET C 53 -29.72 13.48 -1.20
CA MET C 53 -29.39 12.98 0.13
C MET C 53 -29.90 13.96 1.17
N THR C 54 -30.54 13.44 2.22
CA THR C 54 -31.12 14.30 3.24
C THR C 54 -30.07 15.16 3.93
N ALA C 55 -28.86 14.63 4.09
CA ALA C 55 -27.79 15.37 4.74
C ALA C 55 -27.22 16.47 3.86
N VAL C 56 -27.62 16.55 2.59
CA VAL C 56 -27.07 17.50 1.63
C VAL C 56 -28.15 18.37 1.02
N ALA C 57 -29.27 17.76 0.59
CA ALA C 57 -30.28 18.45 -0.19
C ALA C 57 -31.16 19.31 0.74
N GLY C 58 -30.66 20.51 1.05
CA GLY C 58 -31.42 21.49 1.79
C GLY C 58 -31.95 22.61 0.90
N ARG C 59 -32.75 23.49 1.51
CA ARG C 59 -33.28 24.62 0.76
C ARG C 59 -32.20 25.68 0.52
N ARG C 60 -31.34 25.92 1.51
CA ARG C 60 -30.18 26.77 1.30
C ARG C 60 -29.29 26.17 0.21
N MET C 61 -29.10 24.85 0.26
CA MET C 61 -28.34 24.16 -0.77
C MET C 61 -28.95 24.40 -2.15
N ALA C 62 -30.27 24.24 -2.25
CA ALA C 62 -30.94 24.40 -3.54
C ALA C 62 -30.76 25.81 -4.07
N GLU C 63 -30.99 26.81 -3.22
CA GLU C 63 -30.84 28.19 -3.66
C GLU C 63 -29.42 28.48 -4.12
N THR C 64 -28.43 28.14 -3.29
CA THR C 64 -27.05 28.50 -3.60
C THR C 64 -26.56 27.78 -4.85
N VAL C 65 -26.91 26.51 -5.00
CA VAL C 65 -26.43 25.76 -6.16
C VAL C 65 -27.14 26.21 -7.43
N ALA C 66 -28.46 26.45 -7.35
CA ALA C 66 -29.19 26.87 -8.54
C ALA C 66 -28.75 28.24 -9.00
N ARG C 67 -28.38 29.13 -8.07
CA ARG C 67 -27.93 30.45 -8.49
C ARG C 67 -26.67 30.39 -9.33
N ARG C 68 -25.78 29.44 -9.04
CA ARG C 68 -24.53 29.30 -9.77
C ARG C 68 -24.63 28.39 -10.98
N GLY C 69 -25.82 27.91 -11.31
CA GLY C 69 -26.03 27.11 -12.50
C GLY C 69 -26.21 25.62 -12.28
N GLY C 70 -26.12 25.14 -11.05
CA GLY C 70 -26.39 23.76 -10.73
C GLY C 70 -27.85 23.50 -10.46
N ILE C 71 -28.13 22.29 -9.98
CA ILE C 71 -29.49 21.92 -9.61
C ILE C 71 -29.42 20.91 -8.47
N VAL C 72 -30.41 20.95 -7.59
CA VAL C 72 -30.48 20.10 -6.41
C VAL C 72 -31.75 19.27 -6.47
N VAL C 73 -31.63 17.99 -6.14
CA VAL C 73 -32.75 17.07 -6.11
C VAL C 73 -33.19 16.87 -4.67
N LEU C 74 -34.48 17.12 -4.40
CA LEU C 74 -35.00 16.94 -3.06
C LEU C 74 -35.17 15.46 -2.74
N PRO C 75 -35.00 15.08 -1.47
CA PRO C 75 -35.17 13.67 -1.10
C PRO C 75 -36.57 13.16 -1.37
N GLN C 76 -36.68 11.86 -1.59
CA GLN C 76 -37.96 11.25 -1.97
C GLN C 76 -38.97 11.26 -0.83
N ASP C 77 -38.52 11.20 0.42
CA ASP C 77 -39.41 11.01 1.54
C ASP C 77 -39.87 12.32 2.17
N LEU C 78 -39.46 13.45 1.62
CA LEU C 78 -39.93 14.74 2.12
C LEU C 78 -41.44 14.86 1.88
N PRO C 79 -42.22 15.30 2.87
CA PRO C 79 -43.66 15.44 2.67
C PRO C 79 -43.97 16.49 1.60
N ILE C 80 -45.11 16.30 0.93
CA ILE C 80 -45.46 17.13 -0.21
C ILE C 80 -45.62 18.59 0.19
N THR C 81 -46.11 18.85 1.40
CA THR C 81 -46.23 20.24 1.85
C THR C 81 -44.86 20.88 1.99
N ALA C 82 -43.90 20.17 2.58
CA ALA C 82 -42.55 20.70 2.69
C ALA C 82 -41.92 20.88 1.32
N VAL C 83 -42.22 19.97 0.39
CA VAL C 83 -41.71 20.11 -0.97
C VAL C 83 -42.24 21.40 -1.60
N SER C 84 -43.55 21.64 -1.47
CA SER C 84 -44.13 22.85 -2.05
C SER C 84 -43.55 24.10 -1.41
N GLU C 85 -43.38 24.09 -0.09
CA GLU C 85 -42.81 25.24 0.59
C GLU C 85 -41.38 25.52 0.12
N THR C 86 -40.57 24.46 0.01
CA THR C 86 -39.19 24.64 -0.44
C THR C 86 -39.14 25.13 -1.88
N VAL C 87 -40.01 24.60 -2.75
CA VAL C 87 -40.01 25.05 -4.14
C VAL C 87 -40.39 26.51 -4.23
N ASP C 88 -41.41 26.93 -3.46
CA ASP C 88 -41.80 28.34 -3.48
C ASP C 88 -40.68 29.23 -2.96
N PHE C 89 -40.02 28.81 -1.86
CA PHE C 89 -38.92 29.60 -1.33
C PHE C 89 -37.79 29.73 -2.34
N VAL C 90 -37.44 28.64 -3.01
CA VAL C 90 -36.36 28.69 -4.00
C VAL C 90 -36.74 29.58 -5.17
N LYS C 91 -37.97 29.45 -5.66
CA LYS C 91 -38.41 30.21 -6.82
C LYS C 91 -38.77 31.66 -6.49
N SER C 92 -38.73 32.05 -5.22
CA SER C 92 -38.90 33.45 -4.85
C SER C 92 -37.57 34.17 -4.62
N ARG C 93 -36.44 33.48 -4.79
CA ARG C 93 -35.14 34.09 -4.57
C ARG C 93 -34.72 34.95 -5.76
N ASP C 94 -33.79 35.86 -5.50
CA ASP C 94 -33.22 36.71 -6.53
C ASP C 94 -32.09 35.99 -7.26
N LEU C 95 -31.93 36.33 -8.54
CA LEU C 95 -30.93 35.65 -9.37
C LEU C 95 -29.51 36.10 -9.09
N VAL C 96 -29.31 37.26 -8.46
CA VAL C 96 -27.99 37.83 -8.25
C VAL C 96 -27.67 38.00 -6.78
N VAL C 97 -28.62 38.52 -6.00
CA VAL C 97 -28.38 38.86 -4.60
C VAL C 97 -28.74 37.66 -3.74
N ASP C 98 -27.84 37.29 -2.83
CA ASP C 98 -28.05 36.13 -1.97
C ASP C 98 -28.91 36.50 -0.78
N THR C 99 -29.72 35.55 -0.34
CA THR C 99 -30.58 35.75 0.83
C THR C 99 -29.75 35.70 2.11
N PRO C 100 -29.71 36.77 2.89
CA PRO C 100 -28.85 36.80 4.07
C PRO C 100 -29.52 36.22 5.31
N VAL C 101 -28.67 35.93 6.30
CA VAL C 101 -29.17 35.67 7.65
C VAL C 101 -29.60 36.99 8.28
N THR C 102 -30.81 37.00 8.83
CA THR C 102 -31.37 38.22 9.39
C THR C 102 -31.76 37.98 10.85
N LEU C 103 -31.67 39.05 11.64
CA LEU C 103 -31.90 38.97 13.08
C LEU C 103 -32.69 40.17 13.55
N SER C 104 -33.66 39.93 14.43
CA SER C 104 -34.29 41.01 15.15
C SER C 104 -33.42 41.44 16.32
N PRO C 105 -33.52 42.70 16.76
CA PRO C 105 -32.66 43.16 17.85
C PRO C 105 -32.97 42.57 19.21
N GLU C 106 -33.95 41.68 19.32
CA GLU C 106 -34.31 41.10 20.62
C GLU C 106 -33.82 39.67 20.81
N ASP C 107 -33.31 39.01 19.77
CA ASP C 107 -32.85 37.64 19.93
C ASP C 107 -31.55 37.58 20.72
N SER C 108 -31.36 36.47 21.43
CA SER C 108 -30.16 36.27 22.22
C SER C 108 -28.91 36.25 21.33
N VAL C 109 -27.79 36.68 21.92
CA VAL C 109 -26.52 36.68 21.21
C VAL C 109 -26.11 35.26 20.85
N SER C 110 -26.41 34.30 21.73
CA SER C 110 -26.06 32.90 21.45
C SER C 110 -26.77 32.39 20.20
N ASP C 111 -28.05 32.75 20.05
CA ASP C 111 -28.79 32.33 18.86
C ASP C 111 -28.22 32.99 17.61
N ALA C 112 -27.80 34.25 17.72
CA ALA C 112 -27.14 34.91 16.59
C ALA C 112 -25.86 34.20 16.21
N ASN C 113 -25.05 33.82 17.20
CA ASN C 113 -23.82 33.09 16.91
C ASN C 113 -24.13 31.77 16.23
N ALA C 114 -25.14 31.05 16.73
CA ALA C 114 -25.49 29.77 16.13
C ALA C 114 -25.96 29.94 14.69
N LEU C 115 -26.76 30.98 14.41
CA LEU C 115 -27.26 31.20 13.06
C LEU C 115 -26.18 31.75 12.13
N LEU C 116 -25.12 32.35 12.67
CA LEU C 116 -24.08 32.93 11.81
C LEU C 116 -23.43 31.89 10.91
N HIS C 117 -23.34 30.65 11.35
CA HIS C 117 -22.68 29.61 10.57
C HIS C 117 -23.57 29.01 9.49
N LYS C 118 -24.82 29.45 9.38
CA LYS C 118 -25.74 28.89 8.39
C LYS C 118 -25.47 29.39 6.98
N ARG C 119 -24.60 30.39 6.81
CA ARG C 119 -24.24 30.91 5.50
C ARG C 119 -22.75 31.17 5.46
N ALA C 120 -22.21 31.27 4.24
CA ALA C 120 -20.80 31.55 4.04
C ALA C 120 -20.45 33.02 4.18
N HIS C 121 -21.45 33.89 4.34
CA HIS C 121 -21.19 35.33 4.39
C HIS C 121 -20.35 35.72 5.60
N GLY C 122 -20.54 35.03 6.73
CA GLY C 122 -19.80 35.33 7.93
C GLY C 122 -20.29 36.54 8.69
N ALA C 123 -21.38 37.17 8.27
CA ALA C 123 -21.94 38.30 8.98
C ALA C 123 -23.45 38.31 8.77
N ALA C 124 -24.17 38.74 9.80
CA ALA C 124 -25.63 38.84 9.75
C ALA C 124 -26.04 40.31 9.76
N VAL C 125 -27.22 40.58 9.21
CA VAL C 125 -27.77 41.92 9.14
C VAL C 125 -28.97 41.98 10.09
N VAL C 126 -28.93 42.92 11.03
CA VAL C 126 -30.02 43.10 11.97
C VAL C 126 -31.12 43.91 11.30
N VAL C 127 -32.36 43.44 11.43
CA VAL C 127 -33.50 44.06 10.77
C VAL C 127 -34.48 44.55 11.83
N PHE C 128 -35.02 45.74 11.60
CA PHE C 128 -36.07 46.30 12.45
C PHE C 128 -37.14 46.88 11.54
N GLU C 129 -38.39 46.49 11.81
CA GLU C 129 -39.56 46.85 10.99
C GLU C 129 -39.22 46.81 9.49
N GLY C 130 -38.57 45.71 9.09
CA GLY C 130 -38.22 45.50 7.71
C GLY C 130 -37.07 46.35 7.19
N ARG C 131 -36.35 47.04 8.06
CA ARG C 131 -35.24 47.87 7.63
C ARG C 131 -33.93 47.40 8.25
N PRO C 132 -32.82 47.47 7.52
CA PRO C 132 -31.54 47.09 8.11
C PRO C 132 -30.99 48.20 8.99
N ILE C 133 -30.46 47.80 10.15
CA ILE C 133 -29.95 48.75 11.13
C ILE C 133 -28.48 48.55 11.46
N GLY C 134 -27.89 47.41 11.13
CA GLY C 134 -26.49 47.20 11.44
C GLY C 134 -26.05 45.80 11.06
N LEU C 135 -24.74 45.61 11.05
CA LEU C 135 -24.14 44.31 10.81
C LEU C 135 -23.59 43.74 12.11
N VAL C 136 -23.53 42.41 12.16
CA VAL C 136 -22.95 41.70 13.31
C VAL C 136 -22.06 40.58 12.77
N THR C 137 -20.84 40.52 13.26
CA THR C 137 -19.86 39.52 12.86
C THR C 137 -19.62 38.54 13.99
N GLU C 138 -18.85 37.50 13.68
CA GLU C 138 -18.51 36.49 14.69
C GLU C 138 -17.71 37.12 15.82
N ALA C 139 -16.64 37.84 15.49
CA ALA C 139 -15.75 38.40 16.52
C ALA C 139 -16.48 39.40 17.40
N ASN C 140 -17.49 40.09 16.85
CA ASN C 140 -18.22 41.08 17.65
C ASN C 140 -19.05 40.40 18.73
N CYS C 141 -19.86 39.41 18.35
CA CYS C 141 -20.71 38.72 19.32
C CYS C 141 -19.93 37.77 20.22
N ALA C 142 -18.73 37.35 19.80
CA ALA C 142 -17.97 36.39 20.60
C ALA C 142 -17.42 37.00 21.89
N GLY C 143 -17.25 38.32 21.94
CA GLY C 143 -16.62 38.95 23.08
C GLY C 143 -17.58 39.51 24.11
N VAL C 144 -18.81 38.99 24.15
CA VAL C 144 -19.86 39.55 24.99
C VAL C 144 -20.47 38.43 25.84
N ASP C 145 -21.29 38.84 26.81
CA ASP C 145 -21.88 37.89 27.75
C ASP C 145 -22.79 36.91 27.02
N ARG C 146 -22.91 35.71 27.60
CA ARG C 146 -23.76 34.67 27.03
C ARG C 146 -25.23 35.08 26.99
N PHE C 147 -25.66 36.00 27.84
CA PHE C 147 -27.06 36.41 27.90
C PHE C 147 -27.30 37.78 27.26
N ALA C 148 -26.29 38.36 26.64
CA ALA C 148 -26.45 39.64 25.98
C ALA C 148 -27.39 39.52 24.78
N ARG C 149 -27.94 40.65 24.36
CA ARG C 149 -28.85 40.70 23.23
C ARG C 149 -28.18 41.31 22.02
N VAL C 150 -28.85 41.20 20.88
CA VAL C 150 -28.28 41.66 19.62
C VAL C 150 -28.21 43.18 19.57
N ARG C 151 -29.22 43.85 20.13
CA ARG C 151 -29.37 45.30 20.05
C ARG C 151 -28.05 46.05 20.29
N ASP C 152 -27.45 45.84 21.45
CA ASP C 152 -26.25 46.58 21.84
C ASP C 152 -24.96 45.97 21.30
N ILE C 153 -25.04 45.13 20.27
CA ILE C 153 -23.85 44.59 19.62
C ILE C 153 -23.69 45.09 18.19
N ALA C 154 -24.79 45.28 17.46
CA ALA C 154 -24.71 45.61 16.04
C ALA C 154 -24.03 46.96 15.82
N LEU C 155 -23.28 47.05 14.72
CA LEU C 155 -22.61 48.28 14.32
C LEU C 155 -23.28 48.82 13.06
N SER C 156 -23.65 50.10 13.08
CA SER C 156 -24.42 50.70 12.01
C SER C 156 -23.59 51.09 10.80
N ASP C 157 -22.26 50.94 10.86
CA ASP C 157 -21.40 51.28 9.73
C ASP C 157 -21.34 50.09 8.77
N PHE C 158 -22.07 50.18 7.66
CA PHE C 158 -22.04 49.15 6.65
C PHE C 158 -22.29 49.77 5.29
N VAL C 159 -21.79 49.12 4.25
CA VAL C 159 -21.98 49.58 2.88
C VAL C 159 -23.35 49.14 2.38
N THR C 160 -24.02 50.02 1.65
CA THR C 160 -25.36 49.74 1.14
C THR C 160 -25.45 50.21 -0.31
N ALA C 161 -26.36 49.58 -1.05
CA ALA C 161 -26.55 49.91 -2.45
C ALA C 161 -27.97 49.52 -2.87
N PRO C 162 -28.54 50.20 -3.86
CA PRO C 162 -29.83 49.77 -4.40
C PRO C 162 -29.69 48.51 -5.23
N VAL C 163 -30.77 47.73 -5.27
CA VAL C 163 -30.80 46.54 -6.11
C VAL C 163 -30.74 46.93 -7.58
N GLY C 164 -30.07 46.11 -8.38
CA GLY C 164 -29.94 46.34 -9.79
C GLY C 164 -28.68 47.06 -10.22
N THR C 165 -27.86 47.52 -9.27
CA THR C 165 -26.61 48.15 -9.63
C THR C 165 -25.62 47.12 -10.17
N ASP C 166 -24.68 47.59 -10.96
CA ASP C 166 -23.69 46.73 -11.58
C ASP C 166 -22.85 46.04 -10.50
N PRO C 167 -22.71 44.72 -10.54
CA PRO C 167 -21.87 44.04 -9.54
C PRO C 167 -20.43 44.54 -9.51
N ARG C 168 -19.91 45.04 -10.63
CA ARG C 168 -18.57 45.64 -10.61
C ARG C 168 -18.54 46.86 -9.71
N GLU C 169 -19.61 47.66 -9.71
CA GLU C 169 -19.68 48.81 -8.81
C GLU C 169 -19.71 48.35 -7.35
N VAL C 170 -20.43 47.27 -7.07
CA VAL C 170 -20.45 46.73 -5.71
C VAL C 170 -19.06 46.26 -5.30
N PHE C 171 -18.33 45.65 -6.24
CA PHE C 171 -16.96 45.25 -5.96
C PHE C 171 -16.10 46.47 -5.64
N ASP C 172 -16.25 47.54 -6.42
CA ASP C 172 -15.47 48.75 -6.19
C ASP C 172 -15.79 49.36 -4.84
N LEU C 173 -17.07 49.38 -4.47
CA LEU C 173 -17.47 49.97 -3.19
C LEU C 173 -16.88 49.22 -2.01
N LEU C 174 -16.76 47.90 -2.14
CA LEU C 174 -16.29 47.04 -1.05
C LEU C 174 -14.78 46.94 -0.97
N GLU C 175 -14.04 47.60 -1.86
CA GLU C 175 -12.59 47.41 -1.91
C GLU C 175 -11.92 47.82 -0.61
N HIS C 176 -12.29 48.96 -0.06
CA HIS C 176 -11.69 49.47 1.16
C HIS C 176 -12.61 49.36 2.36
N ALA C 177 -13.75 48.70 2.21
CA ALA C 177 -14.68 48.55 3.33
C ALA C 177 -14.09 47.60 4.37
N PRO C 178 -14.31 47.87 5.67
CA PRO C 178 -13.82 46.95 6.69
C PRO C 178 -14.54 45.61 6.70
N ILE C 179 -15.75 45.54 6.15
CA ILE C 179 -16.53 44.32 6.08
C ILE C 179 -16.83 44.01 4.62
N ASP C 180 -16.64 42.77 4.22
CA ASP C 180 -16.73 42.35 2.82
C ASP C 180 -18.17 42.15 2.35
N VAL C 181 -19.16 42.64 3.10
CA VAL C 181 -20.57 42.40 2.79
C VAL C 181 -21.24 43.74 2.55
N ALA C 182 -21.88 43.87 1.38
CA ALA C 182 -22.66 45.05 1.05
C ALA C 182 -24.14 44.69 1.08
N VAL C 183 -24.96 45.56 1.67
CA VAL C 183 -26.39 45.30 1.79
C VAL C 183 -27.10 45.93 0.59
N MET C 184 -27.77 45.11 -0.19
CA MET C 184 -28.60 45.58 -1.29
C MET C 184 -30.02 45.75 -0.79
N THR C 185 -30.63 46.87 -1.17
CA THR C 185 -31.95 47.24 -0.68
C THR C 185 -32.86 47.65 -1.84
N ALA C 186 -34.13 47.29 -1.71
CA ALA C 186 -35.13 47.69 -2.70
C ALA C 186 -35.28 49.22 -2.70
N PRO C 187 -35.81 49.79 -3.78
CA PRO C 187 -36.02 51.24 -3.80
C PRO C 187 -36.93 51.73 -2.68
N ASP C 188 -37.80 50.87 -2.14
CA ASP C 188 -38.57 51.23 -0.96
C ASP C 188 -37.71 51.32 0.30
N GLY C 189 -36.45 50.90 0.23
CA GLY C 189 -35.57 50.92 1.38
C GLY C 189 -35.63 49.70 2.26
N THR C 190 -36.48 48.73 1.94
CA THR C 190 -36.53 47.49 2.70
C THR C 190 -35.35 46.60 2.35
N LEU C 191 -35.00 45.72 3.29
CA LEU C 191 -33.89 44.80 3.09
C LEU C 191 -34.19 43.83 1.96
N ALA C 192 -33.32 43.83 0.95
CA ALA C 192 -33.44 42.91 -0.18
C ALA C 192 -32.44 41.77 -0.13
N GLY C 193 -31.22 42.02 0.29
CA GLY C 193 -30.26 40.94 0.46
C GLY C 193 -28.85 41.48 0.66
N VAL C 194 -27.87 40.62 0.45
CA VAL C 194 -26.47 40.97 0.61
C VAL C 194 -25.66 40.45 -0.57
N LEU C 195 -24.55 41.13 -0.84
CA LEU C 195 -23.54 40.66 -1.77
C LEU C 195 -22.19 40.62 -1.06
N THR C 196 -21.56 39.45 -1.09
CA THR C 196 -20.16 39.35 -0.73
C THR C 196 -19.30 39.77 -1.92
N ARG C 197 -18.12 40.32 -1.62
CA ARG C 197 -17.26 40.81 -2.69
C ARG C 197 -16.92 39.71 -3.69
N THR C 198 -16.74 38.48 -3.20
CA THR C 198 -16.54 37.35 -4.09
C THR C 198 -17.81 37.03 -4.88
N GLY C 199 -18.98 37.24 -4.27
CA GLY C 199 -20.22 36.99 -4.97
C GLY C 199 -20.42 37.88 -6.18
N ALA C 200 -19.89 39.11 -6.12
CA ALA C 200 -19.99 40.01 -7.27
C ALA C 200 -19.24 39.47 -8.47
N ILE C 201 -18.07 38.86 -8.23
CA ILE C 201 -17.34 38.23 -9.33
C ILE C 201 -18.04 36.96 -9.78
N ARG C 202 -18.52 36.15 -8.84
CA ARG C 202 -19.19 34.91 -9.20
C ARG C 202 -20.42 35.17 -10.05
N ALA C 203 -21.13 36.28 -9.77
CA ALA C 203 -22.30 36.63 -10.58
C ALA C 203 -21.93 36.93 -12.03
N GLY C 204 -20.69 37.31 -12.29
CA GLY C 204 -20.24 37.51 -13.65
C GLY C 204 -19.69 36.24 -14.26
N ILE C 205 -19.20 35.33 -13.42
CA ILE C 205 -18.65 34.08 -13.92
C ILE C 205 -19.76 33.08 -14.25
N TYR C 206 -20.71 32.91 -13.33
CA TYR C 206 -21.71 31.84 -13.43
C TYR C 206 -23.04 32.40 -13.90
N THR C 207 -23.66 31.72 -14.86
CA THR C 207 -25.02 32.03 -15.29
C THR C 207 -26.02 31.19 -14.53
N PRO C 208 -27.02 31.79 -13.89
CA PRO C 208 -28.00 31.00 -13.12
C PRO C 208 -28.80 30.08 -14.03
N ALA C 209 -29.22 28.95 -13.47
CA ALA C 209 -30.07 28.00 -14.17
C ALA C 209 -31.52 28.32 -13.86
N VAL C 210 -32.26 28.79 -14.86
CA VAL C 210 -33.60 29.32 -14.66
C VAL C 210 -34.56 28.61 -15.61
N ASP C 211 -35.81 28.49 -15.17
CA ASP C 211 -36.86 27.91 -15.99
C ASP C 211 -37.39 28.96 -16.98
N ALA C 212 -38.46 28.61 -17.69
CA ALA C 212 -39.01 29.52 -18.70
C ALA C 212 -39.53 30.81 -18.08
N LYS C 213 -39.92 30.79 -16.81
CA LYS C 213 -40.41 31.99 -16.13
C LYS C 213 -39.29 32.76 -15.43
N GLY C 214 -38.04 32.36 -15.60
CA GLY C 214 -36.93 33.07 -15.01
C GLY C 214 -36.69 32.82 -13.55
N ARG C 215 -37.28 31.78 -12.98
CA ARG C 215 -37.05 31.42 -11.58
C ARG C 215 -36.05 30.26 -11.49
N LEU C 216 -35.43 30.14 -10.33
CA LEU C 216 -34.42 29.11 -10.12
C LEU C 216 -35.04 27.72 -10.24
N ARG C 217 -34.27 26.79 -10.81
CA ARG C 217 -34.74 25.43 -11.05
C ARG C 217 -34.50 24.54 -9.84
N ILE C 218 -35.35 23.53 -9.69
CA ILE C 218 -35.22 22.54 -8.63
C ILE C 218 -35.86 21.25 -9.09
N ALA C 219 -35.37 20.13 -8.56
CA ALA C 219 -35.87 18.81 -8.92
C ALA C 219 -36.24 18.05 -7.66
N ALA C 220 -37.04 16.99 -7.85
CA ALA C 220 -37.51 16.18 -6.73
C ALA C 220 -37.50 14.71 -7.13
N ALA C 221 -37.27 13.85 -6.14
CA ALA C 221 -37.19 12.41 -6.35
C ALA C 221 -38.46 11.70 -5.90
N VAL C 222 -38.70 10.53 -6.48
CA VAL C 222 -39.80 9.66 -6.10
C VAL C 222 -39.26 8.27 -5.85
N GLY C 223 -39.91 7.57 -4.91
CA GLY C 223 -39.59 6.18 -4.68
C GLY C 223 -40.26 5.26 -5.69
N ILE C 224 -39.79 4.01 -5.72
CA ILE C 224 -40.35 3.01 -6.63
C ILE C 224 -41.53 2.27 -6.05
N ASN C 225 -41.94 2.59 -4.82
CA ASN C 225 -43.01 1.89 -4.15
C ASN C 225 -44.22 2.81 -3.95
N GLY C 226 -45.37 2.19 -3.75
CA GLY C 226 -46.60 2.94 -3.62
C GLY C 226 -47.14 3.37 -4.98
N ASP C 227 -47.94 4.43 -4.95
CA ASP C 227 -48.51 5.01 -6.17
C ASP C 227 -47.51 6.01 -6.71
N VAL C 228 -46.64 5.53 -7.61
CA VAL C 228 -45.61 6.40 -8.17
C VAL C 228 -46.23 7.49 -9.04
N GLY C 229 -47.29 7.15 -9.76
CA GLY C 229 -47.92 8.14 -10.62
C GLY C 229 -48.50 9.31 -9.86
N ALA C 230 -49.20 9.02 -8.76
CA ALA C 230 -49.79 10.09 -7.96
C ALA C 230 -48.70 10.99 -7.36
N LYS C 231 -47.63 10.39 -6.85
CA LYS C 231 -46.54 11.17 -6.28
C LYS C 231 -45.88 12.04 -7.34
N ALA C 232 -45.66 11.48 -8.53
CA ALA C 232 -45.06 12.26 -9.62
C ALA C 232 -45.95 13.41 -10.02
N GLN C 233 -47.26 13.18 -10.12
CA GLN C 233 -48.17 14.26 -10.48
C GLN C 233 -48.19 15.34 -9.42
N ALA C 234 -48.19 14.94 -8.14
CA ALA C 234 -48.16 15.93 -7.07
C ALA C 234 -46.88 16.77 -7.11
N LEU C 235 -45.74 16.12 -7.33
CA LEU C 235 -44.48 16.87 -7.38
C LEU C 235 -44.44 17.79 -8.59
N ALA C 236 -44.95 17.34 -9.73
CA ALA C 236 -45.00 18.20 -10.90
C ALA C 236 -45.91 19.39 -10.67
N GLU C 237 -47.05 19.18 -10.01
CA GLU C 237 -47.93 20.29 -9.68
C GLU C 237 -47.28 21.25 -8.70
N ALA C 238 -46.45 20.74 -7.78
CA ALA C 238 -45.75 21.59 -6.84
C ALA C 238 -44.70 22.47 -7.51
N GLY C 239 -44.36 22.21 -8.77
CA GLY C 239 -43.44 23.04 -9.50
C GLY C 239 -42.04 22.48 -9.70
N ALA C 240 -41.82 21.21 -9.39
CA ALA C 240 -40.51 20.61 -9.64
C ALA C 240 -40.24 20.52 -11.13
N ASP C 241 -39.04 20.92 -11.54
CA ASP C 241 -38.68 20.97 -12.95
C ASP C 241 -38.17 19.64 -13.48
N LEU C 242 -37.86 18.67 -12.62
CA LEU C 242 -37.29 17.42 -13.08
C LEU C 242 -37.56 16.35 -12.04
N LEU C 243 -37.81 15.13 -12.49
CA LEU C 243 -38.17 14.02 -11.62
C LEU C 243 -37.12 12.93 -11.71
N VAL C 244 -36.73 12.39 -10.56
CA VAL C 244 -35.75 11.32 -10.47
C VAL C 244 -36.41 10.12 -9.80
N ILE C 245 -36.50 9.00 -10.54
CA ILE C 245 -36.95 7.74 -9.97
C ILE C 245 -35.69 6.98 -9.56
N ASP C 246 -35.51 6.79 -8.26
CA ASP C 246 -34.24 6.31 -7.72
C ASP C 246 -34.44 5.03 -6.91
N THR C 247 -33.61 4.03 -7.19
CA THR C 247 -33.51 2.85 -6.36
C THR C 247 -32.09 2.31 -6.45
N ALA C 248 -31.71 1.53 -5.44
CA ALA C 248 -30.34 1.03 -5.39
C ALA C 248 -30.03 0.09 -6.55
N HIS C 249 -31.06 -0.57 -7.10
CA HIS C 249 -30.89 -1.48 -8.23
C HIS C 249 -31.95 -1.18 -9.27
N GLY C 250 -31.57 -0.38 -10.26
CA GLY C 250 -32.38 -0.26 -11.45
C GLY C 250 -32.35 -1.56 -12.23
N HIS C 251 -33.03 -1.56 -13.36
CA HIS C 251 -33.12 -2.73 -14.22
C HIS C 251 -33.79 -3.90 -13.48
N GLN C 252 -34.98 -3.61 -12.97
CA GLN C 252 -35.83 -4.61 -12.35
C GLN C 252 -37.28 -4.27 -12.68
N ALA C 253 -38.15 -5.28 -12.53
CA ALA C 253 -39.52 -5.14 -12.99
C ALA C 253 -40.22 -3.93 -12.36
N LYS C 254 -39.99 -3.70 -11.07
CA LYS C 254 -40.66 -2.60 -10.39
C LYS C 254 -40.25 -1.25 -10.97
N MET C 255 -38.97 -1.09 -11.32
CA MET C 255 -38.55 0.15 -11.96
C MET C 255 -39.19 0.33 -13.32
N LEU C 256 -39.27 -0.73 -14.12
CA LEU C 256 -39.91 -0.60 -15.43
C LEU C 256 -41.36 -0.20 -15.27
N ASP C 257 -42.07 -0.82 -14.31
CA ASP C 257 -43.47 -0.45 -14.08
C ASP C 257 -43.60 0.99 -13.63
N ALA C 258 -42.72 1.44 -12.72
CA ALA C 258 -42.79 2.81 -12.24
C ALA C 258 -42.51 3.82 -13.35
N ILE C 259 -41.51 3.54 -14.18
CA ILE C 259 -41.18 4.44 -15.28
C ILE C 259 -42.34 4.50 -16.27
N LYS C 260 -42.95 3.35 -16.57
CA LYS C 260 -44.11 3.36 -17.46
C LYS C 260 -45.25 4.16 -16.87
N ALA C 261 -45.50 4.00 -15.56
CA ALA C 261 -46.58 4.74 -14.92
C ALA C 261 -46.34 6.24 -14.97
N VAL C 262 -45.11 6.67 -14.72
CA VAL C 262 -44.81 8.10 -14.74
C VAL C 262 -44.89 8.66 -16.15
N ALA C 263 -44.36 7.92 -17.13
CA ALA C 263 -44.38 8.39 -18.51
C ALA C 263 -45.79 8.44 -19.07
N SER C 264 -46.68 7.56 -18.60
CA SER C 264 -48.06 7.57 -19.10
C SER C 264 -48.76 8.89 -18.80
N LEU C 265 -48.41 9.54 -17.68
CA LEU C 265 -49.03 10.80 -17.33
C LEU C 265 -48.67 11.93 -18.30
N ASP C 266 -47.56 11.80 -19.03
CA ASP C 266 -47.13 12.80 -20.00
C ASP C 266 -46.98 14.17 -19.36
N LEU C 267 -46.23 14.22 -18.26
CA LEU C 267 -46.01 15.47 -17.54
C LEU C 267 -45.11 16.43 -18.31
N GLY C 268 -44.35 15.94 -19.29
CA GLY C 268 -43.47 16.78 -20.06
C GLY C 268 -42.15 17.12 -19.41
N LEU C 269 -41.88 16.63 -18.21
CA LEU C 269 -40.61 16.85 -17.54
C LEU C 269 -39.60 15.80 -17.93
N PRO C 270 -38.31 16.13 -17.88
CA PRO C 270 -37.29 15.08 -18.02
C PRO C 270 -37.37 14.09 -16.87
N LEU C 271 -37.15 12.81 -17.18
CA LEU C 271 -37.30 11.73 -16.23
C LEU C 271 -35.98 11.00 -16.08
N VAL C 272 -35.45 10.95 -14.86
CA VAL C 272 -34.19 10.30 -14.56
C VAL C 272 -34.47 8.99 -13.83
N ALA C 273 -33.74 7.94 -14.20
CA ALA C 273 -33.90 6.63 -13.59
C ALA C 273 -32.55 5.96 -13.40
N GLY C 274 -32.40 5.23 -12.30
CA GLY C 274 -31.16 4.53 -12.03
C GLY C 274 -31.28 3.77 -10.73
N ASN C 275 -30.22 3.02 -10.40
CA ASN C 275 -28.97 3.03 -11.15
C ASN C 275 -28.76 1.73 -11.91
N VAL C 276 -28.05 1.81 -13.04
CA VAL C 276 -27.63 0.64 -13.80
C VAL C 276 -26.17 0.80 -14.16
N VAL C 277 -25.53 -0.32 -14.51
CA VAL C 277 -24.12 -0.30 -14.88
C VAL C 277 -23.89 -1.10 -16.16
N SER C 278 -24.97 -1.41 -16.88
CA SER C 278 -24.86 -2.22 -18.09
C SER C 278 -25.62 -1.56 -19.24
N ALA C 279 -25.20 -1.87 -20.45
CA ALA C 279 -25.87 -1.34 -21.64
C ALA C 279 -27.29 -1.86 -21.75
N GLU C 280 -27.51 -3.13 -21.42
CA GLU C 280 -28.84 -3.70 -21.47
C GLU C 280 -29.80 -2.97 -20.53
N GLY C 281 -29.34 -2.68 -19.31
CA GLY C 281 -30.18 -1.95 -18.38
C GLY C 281 -30.49 -0.54 -18.86
N THR C 282 -29.50 0.12 -19.47
CA THR C 282 -29.74 1.46 -20.01
C THR C 282 -30.77 1.41 -21.13
N ARG C 283 -30.66 0.42 -22.03
CA ARG C 283 -31.64 0.29 -23.09
C ARG C 283 -33.03 0.03 -22.54
N ASP C 284 -33.14 -0.83 -21.52
CA ASP C 284 -34.45 -1.12 -20.95
C ASP C 284 -35.05 0.12 -20.30
N LEU C 285 -34.24 0.87 -19.55
CA LEU C 285 -34.76 2.06 -18.87
C LEU C 285 -35.17 3.13 -19.88
N ILE C 286 -34.42 3.28 -20.97
CA ILE C 286 -34.80 4.26 -21.99
C ILE C 286 -36.06 3.83 -22.72
N GLU C 287 -36.17 2.55 -23.06
CA GLU C 287 -37.36 2.06 -23.75
C GLU C 287 -38.60 2.16 -22.87
N ALA C 288 -38.43 1.99 -21.56
CA ALA C 288 -39.56 2.15 -20.65
C ALA C 288 -40.08 3.58 -20.62
N GLY C 289 -39.28 4.55 -21.06
CA GLY C 289 -39.70 5.93 -21.13
C GLY C 289 -38.82 6.91 -20.40
N ALA C 290 -37.74 6.48 -19.77
CA ALA C 290 -36.84 7.43 -19.11
C ALA C 290 -36.03 8.20 -20.14
N SER C 291 -35.79 9.47 -19.85
CA SER C 291 -34.97 10.31 -20.72
C SER C 291 -33.51 10.31 -20.31
N ILE C 292 -33.21 10.20 -19.02
CA ILE C 292 -31.86 10.22 -18.50
C ILE C 292 -31.67 9.01 -17.60
N VAL C 293 -30.54 8.33 -17.75
CA VAL C 293 -30.24 7.12 -16.98
C VAL C 293 -29.10 7.44 -16.02
N LYS C 294 -29.33 7.19 -14.74
CA LYS C 294 -28.32 7.43 -13.72
C LYS C 294 -27.46 6.17 -13.54
N VAL C 295 -26.15 6.35 -13.60
CA VAL C 295 -25.21 5.23 -13.72
C VAL C 295 -24.38 5.13 -12.45
N GLY C 296 -24.25 3.91 -11.93
CA GLY C 296 -23.30 3.63 -10.86
C GLY C 296 -23.85 2.73 -9.78
N VAL C 297 -23.21 1.59 -9.58
CA VAL C 297 -23.58 0.61 -8.55
C VAL C 297 -22.30 0.08 -7.94
N GLY C 298 -22.17 0.20 -6.62
CA GLY C 298 -20.99 -0.23 -5.92
C GLY C 298 -19.70 0.17 -6.60
N PRO C 299 -19.46 1.47 -6.72
CA PRO C 299 -18.32 1.93 -7.54
C PRO C 299 -16.97 1.57 -6.95
N GLY C 300 -16.81 1.68 -5.64
CA GLY C 300 -15.51 1.49 -5.03
C GLY C 300 -15.19 0.04 -4.74
N ALA C 301 -13.91 -0.31 -4.88
CA ALA C 301 -13.46 -1.67 -4.65
C ALA C 301 -13.56 -2.08 -3.19
N MET C 302 -13.72 -1.14 -2.28
CA MET C 302 -13.86 -1.44 -0.85
C MET C 302 -15.07 -0.74 -0.26
N CYS C 303 -16.06 -0.43 -1.09
CA CYS C 303 -17.27 0.21 -0.60
C CYS C 303 -18.11 -0.80 0.18
N THR C 304 -19.14 -0.26 0.86
CA THR C 304 -20.02 -1.11 1.65
C THR C 304 -20.74 -2.14 0.78
N THR C 305 -21.23 -1.70 -0.39
CA THR C 305 -22.00 -2.59 -1.24
C THR C 305 -21.16 -3.76 -1.73
N ARG C 306 -19.93 -3.50 -2.16
CA ARG C 306 -19.11 -4.58 -2.69
C ARG C 306 -18.57 -5.48 -1.60
N MET C 307 -18.25 -4.93 -0.42
CA MET C 307 -17.83 -5.78 0.69
C MET C 307 -18.99 -6.63 1.20
N MET C 308 -20.22 -6.15 1.09
CA MET C 308 -21.36 -6.95 1.52
C MET C 308 -21.73 -8.02 0.50
N THR C 309 -21.73 -7.68 -0.78
CA THR C 309 -22.30 -8.55 -1.80
C THR C 309 -21.37 -8.90 -2.95
N GLY C 310 -20.26 -8.18 -3.14
CA GLY C 310 -19.44 -8.41 -4.30
C GLY C 310 -20.01 -7.90 -5.60
N VAL C 311 -21.06 -7.09 -5.54
CA VAL C 311 -21.75 -6.59 -6.73
C VAL C 311 -21.31 -5.16 -6.99
N GLY C 312 -21.01 -4.85 -8.25
CA GLY C 312 -20.65 -3.50 -8.62
C GLY C 312 -19.95 -3.51 -9.96
N ARG C 313 -19.42 -2.33 -10.32
CA ARG C 313 -18.63 -2.18 -11.53
C ARG C 313 -17.75 -0.97 -11.39
N PRO C 314 -16.52 -1.00 -11.89
CA PRO C 314 -15.70 0.22 -11.93
C PRO C 314 -16.41 1.32 -12.72
N GLN C 315 -16.27 2.56 -12.23
CA GLN C 315 -17.11 3.65 -12.72
C GLN C 315 -16.82 3.99 -14.18
N PHE C 316 -15.55 4.02 -14.57
CA PHE C 316 -15.21 4.50 -15.90
C PHE C 316 -15.79 3.61 -16.98
N SER C 317 -15.58 2.30 -16.88
CA SER C 317 -16.07 1.38 -17.89
C SER C 317 -17.59 1.39 -17.94
N ALA C 318 -18.24 1.44 -16.78
CA ALA C 318 -19.70 1.49 -16.74
C ALA C 318 -20.22 2.74 -17.41
N VAL C 319 -19.60 3.90 -17.13
CA VAL C 319 -20.05 5.14 -17.72
C VAL C 319 -19.85 5.12 -19.22
N VAL C 320 -18.71 4.59 -19.68
CA VAL C 320 -18.47 4.53 -21.13
C VAL C 320 -19.54 3.67 -21.81
N GLU C 321 -19.76 2.46 -21.28
CA GLU C 321 -20.71 1.55 -21.90
C GLU C 321 -22.12 2.12 -21.89
N CYS C 322 -22.55 2.67 -20.75
CA CYS C 322 -23.90 3.18 -20.65
C CYS C 322 -24.09 4.43 -21.50
N ALA C 323 -23.08 5.31 -21.56
CA ALA C 323 -23.19 6.50 -22.40
C ALA C 323 -23.29 6.12 -23.87
N ALA C 324 -22.50 5.14 -24.32
CA ALA C 324 -22.61 4.70 -25.70
C ALA C 324 -23.99 4.13 -25.97
N ALA C 325 -24.49 3.28 -25.07
CA ALA C 325 -25.80 2.67 -25.27
C ALA C 325 -26.90 3.73 -25.31
N ALA C 326 -26.82 4.74 -24.45
CA ALA C 326 -27.85 5.77 -24.40
C ALA C 326 -27.78 6.67 -25.62
N ARG C 327 -26.58 7.06 -26.04
CA ARG C 327 -26.46 7.88 -27.24
C ARG C 327 -26.91 7.13 -28.48
N GLN C 328 -26.87 5.79 -28.44
CA GLN C 328 -27.44 5.03 -29.55
C GLN C 328 -28.93 5.27 -29.67
N LEU C 329 -29.62 5.45 -28.55
CA LEU C 329 -31.05 5.73 -28.53
C LEU C 329 -31.38 7.20 -28.32
N GLY C 330 -30.39 8.09 -28.35
CA GLY C 330 -30.64 9.49 -28.15
C GLY C 330 -30.90 9.92 -26.72
N GLY C 331 -30.52 9.10 -25.74
CA GLY C 331 -30.65 9.46 -24.34
C GLY C 331 -29.36 10.06 -23.80
N HIS C 332 -29.38 10.30 -22.49
CA HIS C 332 -28.21 10.82 -21.78
C HIS C 332 -28.05 10.08 -20.47
N VAL C 333 -26.85 10.16 -19.91
CA VAL C 333 -26.53 9.46 -18.68
C VAL C 333 -25.95 10.43 -17.66
N TRP C 334 -26.24 10.16 -16.39
CA TRP C 334 -25.67 10.89 -15.26
C TRP C 334 -24.73 9.96 -14.50
N ALA C 335 -23.55 10.47 -14.16
CA ALA C 335 -22.56 9.69 -13.41
C ALA C 335 -22.81 9.85 -11.92
N ASP C 336 -23.07 8.73 -11.24
CA ASP C 336 -23.37 8.75 -9.81
C ASP C 336 -22.35 7.90 -9.05
N GLY C 337 -21.07 8.11 -9.33
CA GLY C 337 -20.02 7.29 -8.78
C GLY C 337 -19.44 7.69 -7.44
N GLY C 338 -19.92 8.78 -6.84
CA GLY C 338 -19.31 9.26 -5.62
C GLY C 338 -18.06 10.08 -5.85
N VAL C 339 -18.23 11.23 -6.50
CA VAL C 339 -17.10 12.09 -6.82
C VAL C 339 -16.42 12.59 -5.55
N ARG C 340 -15.09 12.57 -5.55
CA ARG C 340 -14.30 13.11 -4.45
C ARG C 340 -13.22 14.10 -4.89
N HIS C 341 -12.88 14.16 -6.17
CA HIS C 341 -11.92 15.09 -6.72
C HIS C 341 -12.45 15.61 -8.04
N PRO C 342 -12.01 16.80 -8.47
CA PRO C 342 -12.44 17.31 -9.78
C PRO C 342 -12.02 16.40 -10.93
N ARG C 343 -10.95 15.63 -10.75
CA ARG C 343 -10.56 14.63 -11.74
C ARG C 343 -11.70 13.70 -12.08
N ASP C 344 -12.48 13.30 -11.08
CA ASP C 344 -13.59 12.39 -11.32
C ASP C 344 -14.66 13.03 -12.20
N VAL C 345 -14.98 14.30 -11.95
CA VAL C 345 -15.97 14.99 -12.78
C VAL C 345 -15.45 15.12 -14.22
N ALA C 346 -14.18 15.51 -14.37
CA ALA C 346 -13.63 15.67 -15.71
C ALA C 346 -13.62 14.36 -16.47
N LEU C 347 -13.23 13.27 -15.81
CA LEU C 347 -13.17 11.97 -16.48
C LEU C 347 -14.57 11.45 -16.80
N ALA C 348 -15.54 11.70 -15.91
CA ALA C 348 -16.91 11.30 -16.21
C ALA C 348 -17.45 12.05 -17.41
N LEU C 349 -17.15 13.34 -17.52
CA LEU C 349 -17.58 14.10 -18.69
C LEU C 349 -16.88 13.61 -19.94
N ALA C 350 -15.59 13.24 -19.83
CA ALA C 350 -14.87 12.73 -20.98
C ALA C 350 -15.43 11.39 -21.44
N ALA C 351 -15.83 10.54 -20.49
CA ALA C 351 -16.35 9.22 -20.84
C ALA C 351 -17.65 9.31 -21.63
N GLY C 352 -18.41 10.39 -21.45
CA GLY C 352 -19.61 10.59 -22.23
C GLY C 352 -20.84 10.97 -21.44
N ALA C 353 -20.69 11.12 -20.12
CA ALA C 353 -21.81 11.56 -19.30
C ALA C 353 -22.13 13.02 -19.56
N SER C 354 -23.41 13.36 -19.49
CA SER C 354 -23.85 14.74 -19.67
C SER C 354 -23.90 15.52 -18.36
N ASN C 355 -23.96 14.83 -17.22
CA ASN C 355 -24.00 15.48 -15.92
C ASN C 355 -23.37 14.56 -14.90
N VAL C 356 -23.01 15.12 -13.75
CA VAL C 356 -22.35 14.38 -12.69
C VAL C 356 -23.09 14.63 -11.39
N MET C 357 -23.37 13.56 -10.65
CA MET C 357 -24.07 13.64 -9.37
C MET C 357 -23.04 13.68 -8.25
N ILE C 358 -23.14 14.69 -7.39
CA ILE C 358 -22.22 14.86 -6.27
C ILE C 358 -23.01 14.72 -4.98
N GLY C 359 -22.51 13.88 -4.08
CA GLY C 359 -23.22 13.54 -2.86
C GLY C 359 -22.59 14.01 -1.57
N SER C 360 -22.01 13.08 -0.82
CA SER C 360 -21.53 13.38 0.53
C SER C 360 -20.42 14.41 0.55
N TRP C 361 -19.75 14.66 -0.57
CA TRP C 361 -18.69 15.66 -0.61
C TRP C 361 -19.22 17.04 -0.22
N PHE C 362 -20.43 17.37 -0.66
CA PHE C 362 -21.04 18.64 -0.33
C PHE C 362 -21.63 18.67 1.08
N ALA C 363 -21.62 17.54 1.79
CA ALA C 363 -22.15 17.53 3.15
C ALA C 363 -21.36 18.44 4.07
N GLY C 364 -20.04 18.46 3.94
CA GLY C 364 -19.21 19.31 4.76
C GLY C 364 -19.16 20.75 4.30
N THR C 365 -20.32 21.39 4.24
CA THR C 365 -20.42 22.80 3.85
C THR C 365 -21.41 23.50 4.76
N TYR C 366 -21.33 24.83 4.77
CA TYR C 366 -22.25 25.62 5.59
C TYR C 366 -23.69 25.45 5.12
N GLU C 367 -23.90 25.45 3.80
CA GLU C 367 -25.25 25.42 3.25
C GLU C 367 -25.94 24.06 3.39
N SER C 368 -25.23 23.04 3.84
CA SER C 368 -25.87 21.76 4.08
C SER C 368 -26.82 21.86 5.26
N PRO C 369 -27.94 21.13 5.23
CA PRO C 369 -28.95 21.28 6.29
C PRO C 369 -28.48 20.79 7.66
N GLY C 370 -27.42 20.01 7.74
CA GLY C 370 -26.96 19.52 9.03
C GLY C 370 -26.36 20.64 9.87
N ASP C 371 -26.41 20.46 11.18
CA ASP C 371 -25.85 21.43 12.10
C ASP C 371 -24.35 21.27 12.23
N LEU C 372 -23.67 22.37 12.53
CA LEU C 372 -22.22 22.35 12.67
C LEU C 372 -21.82 21.70 14.00
N LEU C 373 -20.78 20.86 13.94
CA LEU C 373 -20.20 20.24 15.11
C LEU C 373 -18.71 20.54 15.13
N PHE C 374 -18.10 20.34 16.30
CA PHE C 374 -16.69 20.64 16.51
C PHE C 374 -16.01 19.45 17.17
N ASP C 375 -14.85 19.06 16.63
CA ASP C 375 -14.08 17.95 17.17
C ASP C 375 -13.36 18.37 18.44
N ARG C 376 -12.56 17.45 18.99
CA ARG C 376 -11.75 17.78 20.16
C ARG C 376 -10.80 18.93 19.87
N ASP C 377 -10.25 18.98 18.65
CA ASP C 377 -9.39 20.06 18.21
C ASP C 377 -10.18 21.23 17.66
N ASP C 378 -11.46 21.35 18.01
CA ASP C 378 -12.39 22.41 17.60
C ASP C 378 -12.49 22.56 16.08
N ARG C 379 -12.04 21.57 15.33
CA ARG C 379 -12.19 21.61 13.88
C ARG C 379 -13.64 21.40 13.50
N PRO C 380 -14.21 22.20 12.61
CA PRO C 380 -15.61 22.02 12.24
C PRO C 380 -15.81 20.78 11.39
N TYR C 381 -16.89 20.05 11.66
CA TYR C 381 -17.24 18.86 10.89
C TYR C 381 -18.75 18.70 10.92
N LYS C 382 -19.25 17.87 10.00
CA LYS C 382 -20.65 17.51 9.97
C LYS C 382 -20.79 16.01 9.79
N GLU C 383 -21.90 15.47 10.29
CA GLU C 383 -22.17 14.04 10.21
C GLU C 383 -22.98 13.75 8.95
N SER C 384 -22.36 13.06 8.00
CA SER C 384 -23.07 12.53 6.85
C SER C 384 -23.79 11.24 7.24
N TYR C 385 -25.04 11.12 6.78
CA TYR C 385 -25.91 10.00 7.13
C TYR C 385 -26.05 9.85 8.65
N GLY C 386 -26.45 10.94 9.30
CA GLY C 386 -26.68 10.94 10.72
C GLY C 386 -28.16 10.86 11.08
N MET C 387 -28.76 12.01 11.39
CA MET C 387 -30.18 12.05 11.71
C MET C 387 -31.06 11.61 10.54
N ALA C 388 -30.53 11.64 9.31
CA ALA C 388 -31.30 11.29 8.13
C ALA C 388 -31.86 9.87 8.21
N SER C 389 -31.22 8.99 8.99
CA SER C 389 -31.74 7.65 9.18
C SER C 389 -33.18 7.67 9.65
N LYS C 390 -33.53 8.64 10.50
CA LYS C 390 -34.90 8.77 10.96
C LYS C 390 -35.87 8.84 9.79
N ARG C 391 -35.54 9.68 8.80
CA ARG C 391 -36.38 9.77 7.61
C ARG C 391 -36.56 8.40 6.97
N ALA C 392 -35.48 7.63 6.88
CA ALA C 392 -35.59 6.27 6.35
C ALA C 392 -36.57 5.44 7.18
N VAL C 393 -36.43 5.45 8.50
CA VAL C 393 -37.35 4.67 9.31
C VAL C 393 -38.73 5.29 9.29
N ALA C 394 -38.82 6.56 8.89
CA ALA C 394 -40.14 7.16 8.66
C ALA C 394 -40.88 6.41 7.56
N ALA C 395 -40.16 6.05 6.49
CA ALA C 395 -40.75 5.21 5.46
C ALA C 395 -41.17 3.87 6.03
N ARG C 396 -40.48 3.40 7.07
CA ARG C 396 -40.91 2.19 7.77
C ARG C 396 -42.01 2.49 8.78
N THR C 397 -42.05 3.71 9.31
CA THR C 397 -43.04 4.04 10.34
C THR C 397 -44.45 4.04 9.76
N ALA C 398 -44.60 4.51 8.52
CA ALA C 398 -45.90 4.47 7.85
C ALA C 398 -46.32 3.06 7.48
N GLY C 399 -45.41 2.08 7.57
CA GLY C 399 -45.71 0.74 7.14
C GLY C 399 -46.52 -0.08 8.13
N ASP C 400 -46.14 -1.34 8.31
CA ASP C 400 -46.93 -2.30 9.07
C ASP C 400 -46.57 -2.25 10.54
N SER C 401 -47.03 -3.24 11.30
CA SER C 401 -46.79 -3.33 12.73
C SER C 401 -45.30 -3.37 13.04
N SER C 402 -44.99 -3.13 14.32
CA SER C 402 -43.60 -3.20 14.78
C SER C 402 -42.97 -4.55 14.49
N PHE C 403 -43.78 -5.61 14.43
CA PHE C 403 -43.26 -6.93 14.08
C PHE C 403 -42.64 -6.91 12.69
N ASP C 404 -43.37 -6.39 11.70
CA ASP C 404 -42.84 -6.32 10.35
C ASP C 404 -41.67 -5.36 10.25
N ARG C 405 -41.70 -4.27 11.03
CA ARG C 405 -40.58 -3.34 11.01
C ARG C 405 -39.31 -3.99 11.53
N ALA C 406 -39.42 -4.79 12.60
CA ALA C 406 -38.25 -5.49 13.11
C ALA C 406 -37.83 -6.62 12.17
N ARG C 407 -38.80 -7.28 11.53
CA ARG C 407 -38.47 -8.35 10.59
C ARG C 407 -37.68 -7.81 9.40
N LYS C 408 -38.18 -6.73 8.79
CA LYS C 408 -37.44 -6.10 7.70
C LYS C 408 -36.14 -5.49 8.18
N GLY C 409 -36.11 -4.99 9.42
CA GLY C 409 -34.92 -4.38 9.96
C GLY C 409 -33.85 -5.35 10.41
N LEU C 410 -34.13 -6.64 10.37
CA LEU C 410 -33.14 -7.63 10.75
C LEU C 410 -31.99 -7.68 9.74
N PHE C 411 -32.33 -7.75 8.46
CA PHE C 411 -31.34 -7.77 7.39
C PHE C 411 -30.94 -6.38 6.95
N GLU C 412 -30.55 -5.52 7.90
CA GLU C 412 -30.10 -4.18 7.60
C GLU C 412 -28.90 -3.84 8.48
N GLU C 413 -27.94 -3.13 7.89
CA GLU C 413 -26.74 -2.73 8.62
C GLU C 413 -26.99 -1.44 9.40
N GLY C 414 -26.07 -1.14 10.30
CA GLY C 414 -26.11 0.10 11.04
C GLY C 414 -25.83 1.30 10.16
N ILE C 415 -26.09 2.48 10.72
CA ILE C 415 -25.95 3.71 9.95
C ILE C 415 -24.48 3.97 9.67
N SER C 416 -24.18 4.34 8.43
CA SER C 416 -22.80 4.61 8.00
C SER C 416 -22.48 6.10 8.12
N THR C 417 -22.59 6.60 9.35
CA THR C 417 -22.28 8.00 9.61
C THR C 417 -20.82 8.28 9.30
N SER C 418 -20.55 9.45 8.72
CA SER C 418 -19.20 9.82 8.33
C SER C 418 -18.89 11.24 8.80
N ARG C 419 -17.65 11.46 9.22
CA ARG C 419 -17.20 12.78 9.67
C ARG C 419 -16.67 13.54 8.46
N MET C 420 -17.49 14.43 7.90
CA MET C 420 -17.06 15.28 6.79
C MET C 420 -16.54 16.58 7.37
N SER C 421 -15.22 16.74 7.36
CA SER C 421 -14.61 17.97 7.84
C SER C 421 -14.80 19.09 6.83
N LEU C 422 -15.01 20.30 7.35
CA LEU C 422 -15.14 21.49 6.51
C LEU C 422 -13.75 22.07 6.24
N ASP C 423 -13.50 22.39 4.98
CA ASP C 423 -12.24 23.02 4.62
C ASP C 423 -12.28 24.47 5.06
N PRO C 424 -11.32 24.92 5.88
CA PRO C 424 -11.33 26.35 6.29
C PRO C 424 -11.24 27.29 5.11
N ALA C 425 -10.48 26.92 4.08
CA ALA C 425 -10.39 27.76 2.88
C ALA C 425 -11.58 27.57 1.95
N ARG C 426 -12.35 26.49 2.10
CA ARG C 426 -13.47 26.17 1.23
C ARG C 426 -14.68 25.76 2.05
N GLY C 427 -15.01 26.56 3.07
CA GLY C 427 -16.14 26.24 3.91
C GLY C 427 -17.47 26.33 3.18
N GLY C 428 -17.59 27.25 2.24
CA GLY C 428 -18.81 27.40 1.47
C GLY C 428 -18.82 26.52 0.24
N VAL C 429 -20.02 26.06 -0.14
CA VAL C 429 -20.14 25.19 -1.30
C VAL C 429 -19.76 25.91 -2.59
N GLU C 430 -19.84 27.24 -2.61
CA GLU C 430 -19.43 27.96 -3.80
C GLU C 430 -17.94 27.81 -4.05
N ASP C 431 -17.13 27.68 -2.99
CA ASP C 431 -15.72 27.41 -3.17
C ASP C 431 -15.49 26.02 -3.79
N LEU C 432 -16.28 25.03 -3.37
CA LEU C 432 -16.15 23.71 -3.97
C LEU C 432 -16.59 23.72 -5.44
N LEU C 433 -17.64 24.47 -5.74
CA LEU C 433 -18.05 24.62 -7.14
C LEU C 433 -16.96 25.28 -7.96
N ASP C 434 -16.30 26.30 -7.40
CA ASP C 434 -15.18 26.94 -8.08
C ASP C 434 -14.06 25.95 -8.33
N HIS C 435 -13.76 25.12 -7.33
CA HIS C 435 -12.73 24.10 -7.47
C HIS C 435 -13.05 23.15 -8.62
N ILE C 436 -14.28 22.62 -8.62
CA ILE C 436 -14.65 21.62 -9.62
C ILE C 436 -14.67 22.24 -11.02
N THR C 437 -15.26 23.43 -11.15
CA THR C 437 -15.33 24.07 -12.46
C THR C 437 -13.94 24.47 -12.95
N SER C 438 -13.04 24.86 -12.05
CA SER C 438 -11.67 25.14 -12.46
C SER C 438 -11.01 23.89 -13.02
N GLY C 439 -11.19 22.75 -12.35
CA GLY C 439 -10.64 21.51 -12.88
C GLY C 439 -11.19 21.17 -14.25
N VAL C 440 -12.51 21.29 -14.42
CA VAL C 440 -13.14 20.94 -15.69
C VAL C 440 -12.67 21.88 -16.79
N ARG C 441 -12.59 23.18 -16.51
CA ARG C 441 -12.15 24.13 -17.52
C ARG C 441 -10.70 23.88 -17.91
N SER C 442 -9.84 23.56 -16.94
CA SER C 442 -8.46 23.22 -17.28
C SER C 442 -8.40 21.98 -18.14
N THR C 443 -9.23 20.98 -17.85
CA THR C 443 -9.27 19.79 -18.71
C THR C 443 -9.67 20.15 -20.13
N CYS C 444 -10.68 21.01 -20.27
CA CYS C 444 -11.15 21.40 -21.60
C CYS C 444 -10.06 22.16 -22.36
N THR C 445 -9.33 23.03 -21.68
CA THR C 445 -8.25 23.75 -22.35
C THR C 445 -7.10 22.83 -22.73
N TYR C 446 -6.81 21.83 -21.90
CA TYR C 446 -5.76 20.87 -22.24
C TYR C 446 -6.16 20.04 -23.46
N VAL C 447 -7.42 19.60 -23.52
CA VAL C 447 -7.88 18.84 -24.67
C VAL C 447 -8.02 19.74 -25.89
N GLY C 448 -8.37 21.00 -25.67
CA GLY C 448 -8.61 21.92 -26.77
C GLY C 448 -10.07 21.93 -27.20
N ALA C 449 -10.96 21.84 -26.22
CA ALA C 449 -12.40 21.81 -26.45
C ALA C 449 -13.02 23.09 -25.92
N ALA C 450 -13.87 23.72 -26.74
CA ALA C 450 -14.59 24.91 -26.31
C ALA C 450 -15.86 24.58 -25.52
N ASN C 451 -16.30 23.33 -25.51
CA ASN C 451 -17.52 22.95 -24.82
C ASN C 451 -17.48 21.46 -24.53
N LEU C 452 -18.43 21.02 -23.71
CA LEU C 452 -18.47 19.61 -23.31
C LEU C 452 -18.66 18.65 -24.48
N PRO C 453 -19.54 18.90 -25.46
CA PRO C 453 -19.58 17.99 -26.62
C PRO C 453 -18.24 17.86 -27.33
N GLU C 454 -17.52 18.96 -27.49
CA GLU C 454 -16.17 18.88 -28.07
C GLU C 454 -15.23 18.10 -27.15
N LEU C 455 -15.41 18.23 -25.83
CA LEU C 455 -14.59 17.47 -24.90
C LEU C 455 -14.79 15.97 -25.09
N HIS C 456 -16.03 15.55 -25.27
CA HIS C 456 -16.28 14.13 -25.50
C HIS C 456 -15.80 13.69 -26.88
N GLU C 457 -15.89 14.57 -27.88
CA GLU C 457 -15.51 14.19 -29.23
C GLU C 457 -14.01 14.13 -29.44
N LYS C 458 -13.23 14.94 -28.72
CA LYS C 458 -11.82 15.10 -29.03
C LYS C 458 -10.86 14.49 -28.01
N VAL C 459 -11.36 14.01 -26.87
CA VAL C 459 -10.48 13.52 -25.81
C VAL C 459 -9.75 12.26 -26.27
N VAL C 460 -8.51 12.12 -25.84
CA VAL C 460 -7.71 10.92 -26.04
C VAL C 460 -7.26 10.42 -24.67
N LEU C 461 -7.37 9.12 -24.44
CA LEU C 461 -7.14 8.54 -23.13
C LEU C 461 -6.08 7.44 -23.20
N GLY C 462 -5.32 7.31 -22.11
CA GLY C 462 -4.37 6.22 -21.97
C GLY C 462 -4.58 5.52 -20.64
N VAL C 463 -3.94 4.35 -20.53
CA VAL C 463 -4.08 3.46 -19.38
C VAL C 463 -2.74 3.32 -18.70
N GLN C 464 -2.74 3.37 -17.37
CA GLN C 464 -1.54 3.23 -16.56
C GLN C 464 -1.65 2.03 -15.64
N SER C 465 -0.49 1.42 -15.34
CA SER C 465 -0.45 0.33 -14.39
C SER C 465 -0.57 0.86 -12.96
N ALA C 466 -0.76 -0.07 -12.02
CA ALA C 466 -0.82 0.28 -10.61
C ALA C 466 0.54 0.65 -10.04
N ALA C 467 1.62 0.27 -10.71
CA ALA C 467 2.96 0.51 -10.17
C ALA C 467 3.27 1.99 -10.00
N GLY C 468 2.60 2.86 -10.75
CA GLY C 468 2.78 4.29 -10.55
C GLY C 468 2.26 4.81 -9.24
N PHE C 469 1.46 4.02 -8.52
CA PHE C 469 0.91 4.44 -7.24
C PHE C 469 1.78 4.04 -6.06
N ALA C 470 2.89 3.35 -6.29
CA ALA C 470 3.77 2.93 -5.22
C ALA C 470 4.46 4.13 -4.57
N MET D 1 16.67 3.65 -30.62
CA MET D 1 15.43 3.03 -30.16
C MET D 1 15.70 2.11 -28.97
N VAL D 2 14.94 2.29 -27.90
CA VAL D 2 15.09 1.45 -26.72
C VAL D 2 14.62 0.03 -27.01
N ARG D 3 15.46 -0.94 -26.70
N ARG D 3 15.47 -0.95 -26.69
CA ARG D 3 15.14 -2.35 -26.90
CA ARG D 3 15.15 -2.34 -26.90
C ARG D 3 14.57 -2.95 -25.63
N PHE D 4 13.60 -3.83 -25.79
CA PHE D 4 12.91 -4.47 -24.68
C PHE D 4 13.08 -5.98 -24.79
N LEU D 5 13.01 -6.65 -23.64
CA LEU D 5 13.09 -8.10 -23.62
C LEU D 5 11.96 -8.70 -24.43
N ASP D 6 12.17 -9.94 -24.89
CA ASP D 6 11.17 -10.60 -25.72
C ASP D 6 9.89 -10.82 -24.94
N GLY D 7 8.76 -10.53 -25.59
CA GLY D 7 7.46 -10.70 -24.99
C GLY D 7 7.00 -9.58 -24.09
N HIS D 8 7.87 -8.62 -23.77
CA HIS D 8 7.50 -7.49 -22.91
C HIS D 8 6.81 -6.44 -23.76
N THR D 9 5.49 -6.59 -23.90
CA THR D 9 4.66 -5.65 -24.67
C THR D 9 3.45 -5.29 -23.83
N PRO D 10 3.61 -4.37 -22.88
CA PRO D 10 2.49 -4.01 -22.01
C PRO D 10 1.40 -3.27 -22.75
N ALA D 11 0.17 -3.41 -22.25
CA ALA D 11 -0.98 -2.71 -22.77
C ALA D 11 -1.26 -1.40 -22.03
N TYR D 12 -0.22 -0.72 -21.57
CA TYR D 12 -0.37 0.50 -20.80
C TYR D 12 0.92 1.30 -20.89
N ASP D 13 0.88 2.53 -20.41
CA ASP D 13 2.06 3.38 -20.39
C ASP D 13 2.90 3.11 -19.14
N LEU D 14 4.20 3.33 -19.26
CA LEU D 14 5.16 2.94 -18.25
C LEU D 14 5.69 4.15 -17.50
N THR D 15 5.78 4.01 -16.18
CA THR D 15 6.48 4.97 -15.33
C THR D 15 7.90 4.45 -15.06
N TYR D 16 8.67 5.23 -14.30
CA TYR D 16 9.99 4.78 -13.92
C TYR D 16 9.93 3.55 -13.02
N ASN D 17 8.85 3.38 -12.27
CA ASN D 17 8.69 2.21 -11.42
C ASN D 17 8.35 0.95 -12.21
N ASP D 18 8.00 1.07 -13.49
CA ASP D 18 7.59 -0.08 -14.29
C ASP D 18 8.74 -0.74 -15.04
N VAL D 19 9.93 -0.14 -15.07
CA VAL D 19 10.99 -0.61 -15.95
C VAL D 19 12.29 -0.76 -15.18
N PHE D 20 13.17 -1.60 -15.72
CA PHE D 20 14.51 -1.79 -15.16
C PHE D 20 15.49 -2.02 -16.31
N VAL D 21 16.76 -1.75 -16.03
CA VAL D 21 17.84 -1.94 -16.99
C VAL D 21 18.48 -3.30 -16.75
N VAL D 22 18.71 -4.05 -17.82
CA VAL D 22 19.35 -5.36 -17.76
C VAL D 22 20.83 -5.19 -18.04
N PRO D 23 21.73 -5.64 -17.16
CA PRO D 23 23.17 -5.47 -17.41
C PRO D 23 23.62 -6.22 -18.64
N GLY D 24 24.37 -5.51 -19.50
CA GLY D 24 25.00 -6.11 -20.65
C GLY D 24 26.48 -6.39 -20.40
N ARG D 25 27.13 -6.92 -21.43
CA ARG D 25 28.57 -7.09 -21.38
C ARG D 25 29.25 -5.73 -21.41
N SER D 26 30.26 -5.56 -20.56
CA SER D 26 30.82 -4.24 -20.29
C SER D 26 32.34 -4.30 -20.29
N ASP D 27 32.97 -3.41 -21.07
CA ASP D 27 34.41 -3.21 -21.04
C ASP D 27 34.83 -2.01 -20.21
N VAL D 28 33.87 -1.28 -19.63
CA VAL D 28 34.17 -0.06 -18.89
C VAL D 28 34.72 -0.45 -17.53
N ALA D 29 36.03 -0.29 -17.34
CA ALA D 29 36.66 -0.76 -16.10
C ALA D 29 36.19 0.04 -14.90
N SER D 30 36.11 1.36 -15.02
CA SER D 30 35.81 2.21 -13.87
C SER D 30 34.83 3.30 -14.28
N ARG D 31 34.18 3.90 -13.27
CA ARG D 31 33.23 4.97 -13.53
C ARG D 31 33.90 6.22 -14.09
N PHE D 32 35.19 6.41 -13.86
CA PHE D 32 35.88 7.59 -14.33
C PHE D 32 36.17 7.53 -15.83
N ASP D 33 36.07 6.36 -16.45
CA ASP D 33 36.24 6.25 -17.89
C ASP D 33 35.02 6.71 -18.67
N VAL D 34 33.93 7.04 -17.99
CA VAL D 34 32.68 7.40 -18.65
C VAL D 34 32.65 8.91 -18.88
N ASP D 35 32.32 9.31 -20.10
CA ASP D 35 32.19 10.72 -20.47
C ASP D 35 30.71 11.10 -20.47
N LEU D 36 30.35 12.05 -19.62
CA LEU D 36 28.95 12.43 -19.44
C LEU D 36 28.55 13.66 -20.26
N SER D 37 29.38 14.09 -21.20
CA SER D 37 29.08 15.29 -21.97
C SER D 37 27.84 15.10 -22.84
N THR D 38 27.05 16.15 -22.97
CA THR D 38 25.82 16.14 -23.76
C THR D 38 26.08 16.71 -25.15
N VAL D 39 25.21 16.33 -26.09
CA VAL D 39 25.36 16.71 -27.49
C VAL D 39 24.23 17.60 -27.97
N ASP D 40 23.36 18.07 -27.08
CA ASP D 40 22.20 18.85 -27.49
C ASP D 40 22.53 20.30 -27.80
N GLY D 41 23.80 20.69 -27.74
CA GLY D 41 24.18 22.07 -28.00
C GLY D 41 24.03 23.00 -26.82
N SER D 42 23.60 22.50 -25.66
CA SER D 42 23.53 23.33 -24.46
C SER D 42 24.89 23.57 -23.83
N GLY D 43 25.90 22.80 -24.20
CA GLY D 43 27.24 23.00 -23.69
C GLY D 43 27.50 22.46 -22.30
N THR D 44 26.55 21.75 -21.70
CA THR D 44 26.78 21.14 -20.40
C THR D 44 27.65 19.90 -20.53
N THR D 45 28.48 19.67 -19.53
CA THR D 45 29.31 18.47 -19.47
C THR D 45 28.71 17.38 -18.57
N ILE D 46 27.66 17.71 -17.83
CA ILE D 46 26.88 16.71 -17.10
C ILE D 46 25.44 16.87 -17.55
N PRO D 47 24.62 15.80 -17.53
CA PRO D 47 23.25 15.92 -18.04
C PRO D 47 22.31 16.72 -17.16
N VAL D 48 22.77 17.23 -16.02
CA VAL D 48 21.91 17.92 -15.07
C VAL D 48 21.67 19.36 -15.52
N VAL D 49 20.40 19.75 -15.62
CA VAL D 49 19.99 21.14 -15.82
C VAL D 49 19.09 21.52 -14.67
N VAL D 50 19.23 22.75 -14.18
CA VAL D 50 18.48 23.23 -13.02
C VAL D 50 17.27 24.02 -13.51
N ALA D 51 16.10 23.67 -13.00
CA ALA D 51 14.84 24.27 -13.45
C ALA D 51 14.77 25.74 -13.10
N ASN D 52 13.95 26.47 -13.87
CA ASN D 52 13.77 27.90 -13.68
C ASN D 52 12.69 28.17 -12.63
N MET D 53 12.97 27.71 -11.42
CA MET D 53 12.09 27.94 -10.27
C MET D 53 12.71 29.00 -9.38
N THR D 54 11.89 29.95 -8.93
CA THR D 54 12.40 31.05 -8.12
C THR D 54 13.03 30.55 -6.82
N ALA D 55 12.47 29.47 -6.25
CA ALA D 55 13.01 28.93 -5.01
C ALA D 55 14.32 28.19 -5.20
N VAL D 56 14.77 27.99 -6.44
CA VAL D 56 15.97 27.23 -6.74
C VAL D 56 16.98 28.04 -7.54
N ALA D 57 16.52 28.74 -8.58
CA ALA D 57 17.40 29.40 -9.53
C ALA D 57 17.93 30.71 -8.93
N GLY D 58 18.99 30.58 -8.13
CA GLY D 58 19.70 31.73 -7.60
C GLY D 58 21.02 31.96 -8.31
N ARG D 59 21.67 33.07 -7.94
CA ARG D 59 22.98 33.37 -8.52
C ARG D 59 24.07 32.47 -7.94
N ARG D 60 24.00 32.19 -6.63
CA ARG D 60 24.89 31.20 -6.05
C ARG D 60 24.66 29.84 -6.71
N MET D 61 23.38 29.49 -6.92
CA MET D 61 23.04 28.26 -7.61
C MET D 61 23.68 28.23 -9.00
N ALA D 62 23.55 29.32 -9.75
CA ALA D 62 24.07 29.36 -11.11
C ALA D 62 25.58 29.18 -11.11
N GLU D 63 26.28 29.90 -10.24
CA GLU D 63 27.73 29.78 -10.17
C GLU D 63 28.16 28.37 -9.82
N THR D 64 27.59 27.81 -8.74
CA THR D 64 28.03 26.51 -8.26
C THR D 64 27.73 25.41 -9.27
N VAL D 65 26.56 25.46 -9.90
CA VAL D 65 26.20 24.41 -10.85
C VAL D 65 27.00 24.54 -12.13
N ALA D 66 27.20 25.78 -12.63
CA ALA D 66 27.95 25.96 -13.86
C ALA D 66 29.40 25.56 -13.68
N ARG D 67 29.98 25.79 -12.50
CA ARG D 67 31.36 25.40 -12.29
C ARG D 67 31.57 23.90 -12.42
N ARG D 68 30.58 23.11 -12.01
CA ARG D 68 30.68 21.65 -12.07
C ARG D 68 30.17 21.08 -13.38
N GLY D 69 29.80 21.91 -14.35
CA GLY D 69 29.39 21.44 -15.66
C GLY D 69 27.91 21.47 -15.95
N GLY D 70 27.08 21.88 -14.99
CA GLY D 70 25.66 22.05 -15.21
C GLY D 70 25.32 23.42 -15.73
N ILE D 71 24.03 23.71 -15.78
CA ILE D 71 23.53 25.01 -16.20
C ILE D 71 22.24 25.31 -15.47
N VAL D 72 22.01 26.58 -15.18
CA VAL D 72 20.84 27.04 -14.44
C VAL D 72 20.06 28.02 -15.30
N VAL D 73 18.74 27.87 -15.30
CA VAL D 73 17.83 28.73 -16.05
C VAL D 73 17.22 29.73 -15.09
N LEU D 74 17.36 31.03 -15.40
CA LEU D 74 16.79 32.06 -14.56
C LEU D 74 15.28 32.13 -14.75
N PRO D 75 14.53 32.49 -13.71
CA PRO D 75 13.07 32.59 -13.84
C PRO D 75 12.66 33.64 -14.86
N GLN D 76 11.48 33.44 -15.44
CA GLN D 76 11.01 34.32 -16.52
C GLN D 76 10.66 35.72 -16.03
N ASP D 77 10.23 35.86 -14.78
CA ASP D 77 9.71 37.13 -14.30
C ASP D 77 10.77 38.01 -13.64
N LEU D 78 12.01 37.57 -13.62
CA LEU D 78 13.09 38.39 -13.09
C LEU D 78 13.26 39.63 -13.96
N PRO D 79 13.37 40.83 -13.37
CA PRO D 79 13.56 42.03 -14.18
C PRO D 79 14.88 41.99 -14.95
N ILE D 80 14.89 42.67 -16.10
CA ILE D 80 16.02 42.59 -17.01
C ILE D 80 17.29 43.13 -16.37
N THR D 81 17.18 44.14 -15.51
CA THR D 81 18.36 44.65 -14.82
C THR D 81 18.94 43.60 -13.89
N ALA D 82 18.09 42.91 -13.14
CA ALA D 82 18.58 41.84 -12.27
C ALA D 82 19.17 40.70 -13.08
N VAL D 83 18.58 40.42 -14.24
CA VAL D 83 19.13 39.39 -15.12
C VAL D 83 20.54 39.76 -15.56
N SER D 84 20.72 41.01 -16.00
CA SER D 84 22.03 41.45 -16.44
C SER D 84 23.05 41.40 -15.31
N GLU D 85 22.63 41.84 -14.11
CA GLU D 85 23.53 41.81 -12.97
C GLU D 85 23.95 40.38 -12.63
N THR D 86 22.99 39.45 -12.61
CA THR D 86 23.30 38.06 -12.30
C THR D 86 24.21 37.45 -13.37
N VAL D 87 23.96 37.76 -14.64
CA VAL D 87 24.79 37.21 -15.69
C VAL D 87 26.22 37.72 -15.57
N ASP D 88 26.38 39.02 -15.28
CA ASP D 88 27.73 39.57 -15.11
C ASP D 88 28.42 38.94 -13.92
N PHE D 89 27.70 38.78 -12.80
CA PHE D 89 28.30 38.17 -11.62
C PHE D 89 28.75 36.73 -11.92
N VAL D 90 27.91 35.97 -12.60
CA VAL D 90 28.26 34.58 -12.91
C VAL D 90 29.46 34.53 -13.85
N LYS D 91 29.47 35.38 -14.87
CA LYS D 91 30.55 35.36 -15.86
C LYS D 91 31.82 36.04 -15.37
N SER D 92 31.81 36.63 -14.18
CA SER D 92 33.03 37.15 -13.58
C SER D 92 33.66 36.19 -12.57
N ARG D 93 33.07 35.01 -12.37
CA ARG D 93 33.59 34.05 -11.42
C ARG D 93 34.78 33.28 -12.00
N ASP D 94 35.57 32.70 -11.10
CA ASP D 94 36.70 31.87 -11.48
C ASP D 94 36.24 30.44 -11.76
N LEU D 95 36.94 29.77 -12.66
CA LEU D 95 36.56 28.42 -13.08
C LEU D 95 36.92 27.36 -12.06
N VAL D 96 37.83 27.64 -11.13
CA VAL D 96 38.33 26.65 -10.18
C VAL D 96 38.04 27.05 -8.74
N VAL D 97 38.30 28.31 -8.40
CA VAL D 97 38.20 28.77 -7.02
C VAL D 97 36.80 29.30 -6.78
N ASP D 98 36.18 28.85 -5.69
CA ASP D 98 34.82 29.24 -5.36
C ASP D 98 34.80 30.59 -4.66
N THR D 99 33.76 31.36 -4.92
CA THR D 99 33.59 32.67 -4.28
C THR D 99 33.17 32.50 -2.83
N PRO D 100 33.95 32.97 -1.88
CA PRO D 100 33.64 32.74 -0.47
C PRO D 100 32.70 33.80 0.12
N VAL D 101 32.14 33.45 1.27
CA VAL D 101 31.47 34.44 2.11
C VAL D 101 32.54 35.30 2.78
N THR D 102 32.38 36.62 2.68
CA THR D 102 33.36 37.54 3.21
C THR D 102 32.70 38.50 4.20
N LEU D 103 33.47 38.94 5.19
CA LEU D 103 32.97 39.77 6.27
C LEU D 103 33.97 40.85 6.61
N SER D 104 33.46 42.06 6.84
CA SER D 104 34.27 43.10 7.43
C SER D 104 34.34 42.92 8.94
N PRO D 105 35.41 43.39 9.59
CA PRO D 105 35.53 43.18 11.04
C PRO D 105 34.55 43.98 11.89
N GLU D 106 33.66 44.76 11.29
CA GLU D 106 32.71 45.57 12.06
C GLU D 106 31.29 45.00 12.07
N ASP D 107 30.99 43.99 11.27
CA ASP D 107 29.63 43.45 11.26
C ASP D 107 29.35 42.65 12.52
N SER D 108 28.08 42.63 12.92
CA SER D 108 27.66 41.90 14.10
C SER D 108 27.92 40.39 13.93
N VAL D 109 28.16 39.73 15.06
CA VAL D 109 28.39 38.30 15.05
C VAL D 109 27.14 37.56 14.57
N SER D 110 25.96 38.07 14.92
CA SER D 110 24.72 37.44 14.49
C SER D 110 24.60 37.43 12.96
N ASP D 111 24.96 38.55 12.33
CA ASP D 111 24.93 38.61 10.87
C ASP D 111 25.94 37.65 10.26
N ALA D 112 27.10 37.50 10.88
CA ALA D 112 28.08 36.52 10.40
C ALA D 112 27.53 35.12 10.49
N ASN D 113 26.87 34.79 11.61
CA ASN D 113 26.28 33.46 11.76
C ASN D 113 25.21 33.24 10.69
N ALA D 114 24.38 34.24 10.46
CA ALA D 114 23.33 34.10 9.44
C ALA D 114 23.92 33.89 8.06
N LEU D 115 24.98 34.63 7.72
CA LEU D 115 25.60 34.50 6.40
C LEU D 115 26.41 33.22 6.26
N LEU D 116 26.83 32.62 7.38
CA LEU D 116 27.64 31.40 7.29
C LEU D 116 26.94 30.27 6.56
N HIS D 117 25.62 30.20 6.65
CA HIS D 117 24.87 29.12 6.03
C HIS D 117 24.62 29.34 4.54
N LYS D 118 25.06 30.46 3.98
CA LYS D 118 24.82 30.74 2.57
C LYS D 118 25.72 29.95 1.64
N ARG D 119 26.73 29.25 2.16
CA ARG D 119 27.62 28.43 1.36
C ARG D 119 27.90 27.13 2.10
N ALA D 120 28.36 26.14 1.35
CA ALA D 120 28.69 24.83 1.91
C ALA D 120 30.07 24.81 2.58
N HIS D 121 30.84 25.90 2.47
CA HIS D 121 32.19 25.90 3.01
C HIS D 121 32.21 25.76 4.53
N GLY D 122 31.22 26.32 5.21
CA GLY D 122 31.15 26.25 6.65
C GLY D 122 32.07 27.20 7.38
N ALA D 123 32.79 28.07 6.67
CA ALA D 123 33.65 29.05 7.31
C ALA D 123 33.71 30.28 6.43
N ALA D 124 33.80 31.45 7.07
CA ALA D 124 33.90 32.72 6.38
C ALA D 124 35.29 33.31 6.58
N VAL D 125 35.71 34.15 5.62
CA VAL D 125 37.00 34.80 5.66
C VAL D 125 36.77 36.29 5.91
N VAL D 126 37.38 36.81 6.97
CA VAL D 126 37.26 38.22 7.30
C VAL D 126 38.22 39.02 6.43
N VAL D 127 37.73 40.10 5.83
CA VAL D 127 38.50 40.90 4.91
C VAL D 127 38.65 42.31 5.47
N PHE D 128 39.84 42.87 5.33
CA PHE D 128 40.12 44.25 5.71
C PHE D 128 40.93 44.88 4.59
N GLU D 129 40.47 46.04 4.12
CA GLU D 129 41.05 46.76 2.98
C GLU D 129 41.45 45.80 1.87
N GLY D 130 40.54 44.88 1.54
CA GLY D 130 40.76 43.92 0.49
C GLY D 130 41.74 42.81 0.81
N ARG D 131 42.13 42.66 2.07
CA ARG D 131 43.07 41.60 2.44
C ARG D 131 42.44 40.66 3.45
N PRO D 132 42.74 39.36 3.38
CA PRO D 132 42.21 38.43 4.37
C PRO D 132 43.00 38.51 5.67
N ILE D 133 42.28 38.50 6.79
CA ILE D 133 42.90 38.63 8.10
C ILE D 133 42.62 37.44 9.01
N GLY D 134 41.64 36.60 8.72
CA GLY D 134 41.35 35.48 9.58
C GLY D 134 40.14 34.71 9.10
N LEU D 135 39.97 33.52 9.66
CA LEU D 135 38.81 32.69 9.40
C LEU D 135 37.88 32.71 10.60
N VAL D 136 36.59 32.47 10.33
CA VAL D 136 35.58 32.37 11.38
C VAL D 136 34.68 31.18 11.05
N THR D 137 34.48 30.30 12.02
CA THR D 137 33.66 29.11 11.87
C THR D 137 32.39 29.26 12.69
N GLU D 138 31.48 28.29 12.51
CA GLU D 138 30.23 28.28 13.26
C GLU D 138 30.49 28.18 14.76
N ALA D 139 31.30 27.19 15.17
CA ALA D 139 31.52 26.95 16.60
C ALA D 139 32.21 28.14 17.26
N ASN D 140 33.03 28.89 16.51
CA ASN D 140 33.72 30.02 17.09
C ASN D 140 32.74 31.14 17.44
N CYS D 141 31.91 31.54 16.48
CA CYS D 141 30.96 32.62 16.72
C CYS D 141 29.78 32.20 17.59
N ALA D 142 29.51 30.88 17.70
CA ALA D 142 28.37 30.43 18.47
C ALA D 142 28.56 30.61 19.98
N GLY D 143 29.81 30.68 20.45
CA GLY D 143 30.07 30.72 21.87
C GLY D 143 30.29 32.11 22.43
N VAL D 144 29.77 33.13 21.76
CA VAL D 144 30.04 34.52 22.12
C VAL D 144 28.72 35.27 22.26
N ASP D 145 28.80 36.48 22.80
CA ASP D 145 27.62 37.29 23.06
C ASP D 145 26.89 37.62 21.77
N ARG D 146 25.57 37.80 21.89
CA ARG D 146 24.75 38.15 20.74
C ARG D 146 25.13 39.49 20.12
N PHE D 147 25.75 40.39 20.88
CA PHE D 147 26.12 41.71 20.37
C PHE D 147 27.60 41.84 20.08
N ALA D 148 28.36 40.75 20.19
CA ALA D 148 29.78 40.80 19.89
C ALA D 148 30.01 41.07 18.40
N ARG D 149 31.21 41.54 18.09
CA ARG D 149 31.59 41.85 16.72
C ARG D 149 32.55 40.80 16.17
N VAL D 150 32.78 40.87 14.86
CA VAL D 150 33.60 39.87 14.19
C VAL D 150 35.07 40.02 14.58
N ARG D 151 35.52 41.26 14.76
CA ARG D 151 36.93 41.57 15.00
C ARG D 151 37.59 40.62 16.01
N ASP D 152 37.05 40.57 17.22
CA ASP D 152 37.65 39.80 18.30
C ASP D 152 37.23 38.33 18.30
N ILE D 153 36.74 37.81 17.17
CA ILE D 153 36.43 36.40 17.04
C ILE D 153 37.33 35.69 16.03
N ALA D 154 37.73 36.37 14.95
CA ALA D 154 38.47 35.71 13.88
C ALA D 154 39.83 35.22 14.36
N LEU D 155 40.25 34.08 13.82
CA LEU D 155 41.56 33.49 14.11
C LEU D 155 42.44 33.60 12.88
N SER D 156 43.65 34.12 13.06
CA SER D 156 44.54 34.42 11.95
C SER D 156 45.28 33.20 11.42
N ASP D 157 45.14 32.04 12.05
CA ASP D 157 45.81 30.82 11.59
C ASP D 157 44.96 30.16 10.50
N PHE D 158 45.37 30.33 9.25
CA PHE D 158 44.69 29.70 8.13
C PHE D 158 45.69 29.41 7.03
N VAL D 159 45.38 28.40 6.22
CA VAL D 159 46.24 28.03 5.10
C VAL D 159 45.95 28.96 3.92
N THR D 160 47.01 29.36 3.22
CA THR D 160 46.87 30.27 2.09
C THR D 160 47.76 29.78 0.94
N ALA D 161 47.37 30.15 -0.27
CA ALA D 161 48.12 29.75 -1.45
C ALA D 161 47.86 30.75 -2.58
N PRO D 162 48.80 30.92 -3.50
CA PRO D 162 48.53 31.75 -4.67
C PRO D 162 47.59 31.07 -5.63
N VAL D 163 46.85 31.90 -6.38
CA VAL D 163 45.96 31.38 -7.42
C VAL D 163 46.78 30.73 -8.52
N GLY D 164 46.24 29.65 -9.10
CA GLY D 164 46.89 28.94 -10.17
C GLY D 164 47.71 27.75 -9.75
N THR D 165 47.88 27.52 -8.45
CA THR D 165 48.60 26.34 -8.00
C THR D 165 47.78 25.08 -8.26
N ASP D 166 48.48 23.96 -8.36
CA ASP D 166 47.85 22.69 -8.65
C ASP D 166 46.88 22.32 -7.53
N PRO D 167 45.63 21.98 -7.84
CA PRO D 167 44.69 21.59 -6.77
C PRO D 167 45.17 20.41 -5.94
N ARG D 168 45.99 19.52 -6.52
CA ARG D 168 46.56 18.44 -5.72
C ARG D 168 47.46 18.99 -4.62
N GLU D 169 48.21 20.05 -4.91
CA GLU D 169 49.02 20.68 -3.89
C GLU D 169 48.16 21.30 -2.79
N VAL D 170 47.03 21.90 -3.17
CA VAL D 170 46.12 22.44 -2.17
C VAL D 170 45.55 21.33 -1.30
N PHE D 171 45.26 20.17 -1.91
CA PHE D 171 44.81 19.03 -1.14
C PHE D 171 45.88 18.59 -0.15
N ASP D 172 47.14 18.53 -0.60
CA ASP D 172 48.22 18.12 0.28
C ASP D 172 48.40 19.10 1.43
N LEU D 173 48.29 20.40 1.15
CA LEU D 173 48.47 21.41 2.19
C LEU D 173 47.40 21.30 3.27
N LEU D 174 46.19 20.94 2.88
CA LEU D 174 45.04 20.88 3.79
C LEU D 174 44.92 19.57 4.54
N GLU D 175 45.84 18.62 4.31
CA GLU D 175 45.69 17.29 4.89
C GLU D 175 45.69 17.33 6.41
N HIS D 176 46.61 18.08 7.00
CA HIS D 176 46.74 18.16 8.45
C HIS D 176 46.25 19.49 9.00
N ALA D 177 45.66 20.34 8.17
CA ALA D 177 45.18 21.64 8.63
C ALA D 177 43.97 21.44 9.54
N PRO D 178 43.83 22.25 10.60
CA PRO D 178 42.65 22.13 11.45
C PRO D 178 41.37 22.58 10.77
N ILE D 179 41.46 23.39 9.72
CA ILE D 179 40.29 23.87 8.98
C ILE D 179 40.45 23.43 7.52
N ASP D 180 39.37 22.90 6.95
CA ASP D 180 39.40 22.30 5.62
C ASP D 180 39.35 23.34 4.49
N VAL D 181 39.57 24.61 4.79
CA VAL D 181 39.43 25.69 3.81
C VAL D 181 40.78 26.37 3.64
N ALA D 182 41.25 26.43 2.39
CA ALA D 182 42.46 27.15 2.05
C ALA D 182 42.10 28.42 1.29
N VAL D 183 42.75 29.53 1.63
CA VAL D 183 42.45 30.81 0.99
C VAL D 183 43.40 31.00 -0.19
N MET D 184 42.85 31.12 -1.38
CA MET D 184 43.62 31.44 -2.57
C MET D 184 43.62 32.94 -2.77
N THR D 185 44.80 33.47 -3.08
CA THR D 185 45.00 34.91 -3.19
C THR D 185 45.72 35.25 -4.49
N ALA D 186 45.33 36.38 -5.08
CA ALA D 186 46.00 36.89 -6.27
C ALA D 186 47.46 37.24 -5.94
N PRO D 187 48.32 37.32 -6.95
CA PRO D 187 49.71 37.71 -6.69
C PRO D 187 49.84 39.08 -6.05
N ASP D 188 48.84 39.96 -6.21
CA ASP D 188 48.82 41.22 -5.49
C ASP D 188 48.54 41.03 -4.00
N GLY D 189 48.17 39.83 -3.58
CA GLY D 189 47.86 39.57 -2.19
C GLY D 189 46.42 39.83 -1.79
N THR D 190 45.58 40.30 -2.71
CA THR D 190 44.18 40.50 -2.43
C THR D 190 43.43 39.16 -2.40
N LEU D 191 42.32 39.15 -1.68
CA LEU D 191 41.52 37.94 -1.56
C LEU D 191 40.92 37.56 -2.90
N ALA D 192 41.24 36.34 -3.35
CA ALA D 192 40.70 35.81 -4.60
C ALA D 192 39.61 34.78 -4.39
N GLY D 193 39.73 33.92 -3.40
CA GLY D 193 38.66 32.99 -3.09
C GLY D 193 39.12 31.92 -2.12
N VAL D 194 38.37 30.83 -2.06
CA VAL D 194 38.67 29.72 -1.17
C VAL D 194 38.53 28.40 -1.92
N LEU D 195 39.28 27.40 -1.46
CA LEU D 195 39.12 26.02 -1.89
C LEU D 195 38.87 25.14 -0.67
N THR D 196 37.77 24.40 -0.70
CA THR D 196 37.58 23.31 0.23
C THR D 196 38.35 22.09 -0.26
N ARG D 197 38.80 21.25 0.69
CA ARG D 197 39.59 20.09 0.32
C ARG D 197 38.84 19.18 -0.65
N THR D 198 37.52 19.06 -0.47
CA THR D 198 36.71 18.32 -1.44
C THR D 198 36.63 19.04 -2.78
N GLY D 199 36.64 20.37 -2.76
CA GLY D 199 36.60 21.13 -4.00
C GLY D 199 37.82 20.90 -4.87
N ALA D 200 38.97 20.63 -4.25
CA ALA D 200 40.18 20.35 -5.04
C ALA D 200 40.03 19.06 -5.84
N ILE D 201 39.38 18.05 -5.25
CA ILE D 201 39.11 16.82 -5.99
C ILE D 201 38.04 17.05 -7.04
N ARG D 202 36.99 17.77 -6.68
CA ARG D 202 35.90 18.02 -7.62
C ARG D 202 36.40 18.77 -8.85
N ALA D 203 37.36 19.69 -8.66
CA ALA D 203 37.93 20.41 -9.79
C ALA D 203 38.65 19.48 -10.76
N GLY D 204 39.11 18.33 -10.30
CA GLY D 204 39.71 17.35 -11.19
C GLY D 204 38.69 16.41 -11.78
N ILE D 205 37.57 16.22 -11.07
CA ILE D 205 36.53 15.32 -11.58
C ILE D 205 35.66 16.01 -12.63
N TYR D 206 35.21 17.23 -12.34
CA TYR D 206 34.22 17.91 -13.18
C TYR D 206 34.89 18.96 -14.06
N THR D 207 34.51 18.98 -15.33
CA THR D 207 34.94 20.04 -16.24
C THR D 207 33.89 21.14 -16.29
N PRO D 208 34.27 22.39 -16.06
CA PRO D 208 33.28 23.48 -16.08
C PRO D 208 32.67 23.65 -17.47
N ALA D 209 31.42 24.10 -17.48
CA ALA D 209 30.71 24.40 -18.73
C ALA D 209 30.92 25.87 -19.06
N VAL D 210 31.66 26.14 -20.13
CA VAL D 210 32.08 27.49 -20.45
C VAL D 210 31.69 27.81 -21.89
N ASP D 211 31.44 29.09 -22.14
CA ASP D 211 31.12 29.57 -23.47
C ASP D 211 32.41 29.76 -24.28
N ALA D 212 32.29 30.33 -25.47
CA ALA D 212 33.45 30.50 -26.34
C ALA D 212 34.49 31.43 -25.73
N LYS D 213 34.09 32.34 -24.84
CA LYS D 213 35.01 33.25 -24.18
C LYS D 213 35.55 32.69 -22.87
N GLY D 214 35.24 31.44 -22.53
CA GLY D 214 35.75 30.83 -21.32
C GLY D 214 35.07 31.23 -20.04
N ARG D 215 33.90 31.85 -20.11
CA ARG D 215 33.14 32.22 -18.92
C ARG D 215 32.01 31.21 -18.68
N LEU D 216 31.55 31.16 -17.44
CA LEU D 216 30.51 30.21 -17.06
C LEU D 216 29.21 30.50 -17.81
N ARG D 217 28.51 29.42 -18.18
CA ARG D 217 27.29 29.53 -18.95
C ARG D 217 26.07 29.72 -18.06
N ILE D 218 25.06 30.39 -18.59
CA ILE D 218 23.80 30.61 -17.89
C ILE D 218 22.70 30.78 -18.92
N ALA D 219 21.47 30.41 -18.54
CA ALA D 219 20.32 30.50 -19.43
C ALA D 219 19.21 31.27 -18.74
N ALA D 220 18.26 31.74 -19.54
CA ALA D 220 17.14 32.53 -19.04
C ALA D 220 15.86 32.13 -19.75
N ALA D 221 14.75 32.23 -19.03
CA ALA D 221 13.44 31.85 -19.55
C ALA D 221 12.61 33.07 -19.94
N VAL D 222 11.67 32.85 -20.86
CA VAL D 222 10.72 33.86 -21.29
C VAL D 222 9.32 33.30 -21.18
N GLY D 223 8.36 34.18 -20.88
CA GLY D 223 6.97 33.80 -20.89
C GLY D 223 6.38 33.80 -22.30
N ILE D 224 5.21 33.19 -22.43
CA ILE D 224 4.53 33.13 -23.72
C ILE D 224 3.63 34.32 -23.98
N ASN D 225 3.57 35.28 -23.06
CA ASN D 225 2.69 36.42 -23.18
C ASN D 225 3.49 37.71 -23.33
N GLY D 226 2.83 38.73 -23.86
CA GLY D 226 3.51 39.98 -24.14
C GLY D 226 4.32 39.92 -25.43
N ASP D 227 5.31 40.80 -25.50
CA ASP D 227 6.22 40.84 -26.64
C ASP D 227 7.36 39.86 -26.37
N VAL D 228 7.18 38.63 -26.85
CA VAL D 228 8.18 37.59 -26.60
C VAL D 228 9.47 37.92 -27.34
N GLY D 229 9.36 38.49 -28.54
CA GLY D 229 10.56 38.80 -29.30
C GLY D 229 11.44 39.83 -28.62
N ALA D 230 10.83 40.89 -28.10
CA ALA D 230 11.60 41.93 -27.42
C ALA D 230 12.28 41.36 -26.17
N LYS D 231 11.57 40.56 -25.39
CA LYS D 231 12.16 39.96 -24.20
C LYS D 231 13.31 39.03 -24.56
N ALA D 232 13.13 38.23 -25.61
CA ALA D 232 14.20 37.33 -26.03
C ALA D 232 15.42 38.10 -26.49
N GLN D 233 15.22 39.19 -27.25
CA GLN D 233 16.35 39.99 -27.70
C GLN D 233 17.06 40.64 -26.53
N ALA D 234 16.30 41.15 -25.56
CA ALA D 234 16.91 41.75 -24.38
C ALA D 234 17.74 40.72 -23.60
N LEU D 235 17.19 39.52 -23.42
CA LEU D 235 17.93 38.50 -22.67
C LEU D 235 19.18 38.06 -23.43
N ALA D 236 19.08 37.93 -24.75
CA ALA D 236 20.26 37.59 -25.54
C ALA D 236 21.32 38.67 -25.46
N GLU D 237 20.91 39.94 -25.49
CA GLU D 237 21.86 41.03 -25.33
C GLU D 237 22.48 41.03 -23.95
N ALA D 238 21.73 40.63 -22.92
CA ALA D 238 22.26 40.56 -21.57
C ALA D 238 23.31 39.46 -21.41
N GLY D 239 23.45 38.57 -22.39
CA GLY D 239 24.47 37.54 -22.36
C GLY D 239 24.01 36.14 -22.02
N ALA D 240 22.70 35.89 -21.98
CA ALA D 240 22.21 34.54 -21.74
C ALA D 240 22.58 33.63 -22.89
N ASP D 241 23.09 32.44 -22.57
CA ASP D 241 23.57 31.50 -23.57
C ASP D 241 22.46 30.61 -24.13
N LEU D 242 21.29 30.59 -23.51
CA LEU D 242 20.24 29.69 -23.96
C LEU D 242 18.90 30.24 -23.49
N LEU D 243 17.87 30.08 -24.31
CA LEU D 243 16.54 30.62 -24.03
C LEU D 243 15.54 29.49 -23.91
N VAL D 244 14.68 29.58 -22.89
CA VAL D 244 13.64 28.59 -22.63
C VAL D 244 12.29 29.29 -22.70
N ILE D 245 11.45 28.88 -23.65
CA ILE D 245 10.07 29.34 -23.71
C ILE D 245 9.23 28.30 -22.98
N ASP D 246 8.65 28.69 -21.84
CA ASP D 246 8.05 27.75 -20.92
C ASP D 246 6.59 28.09 -20.66
N THR D 247 5.73 27.08 -20.78
CA THR D 247 4.35 27.19 -20.34
C THR D 247 3.88 25.81 -19.89
N ALA D 248 2.83 25.81 -19.06
CA ALA D 248 2.34 24.55 -18.50
C ALA D 248 1.80 23.62 -19.59
N HIS D 249 1.33 24.19 -20.70
CA HIS D 249 0.79 23.40 -21.81
C HIS D 249 1.40 23.92 -23.11
N GLY D 250 2.46 23.26 -23.56
CA GLY D 250 2.92 23.46 -24.91
C GLY D 250 1.92 22.89 -25.89
N HIS D 251 2.26 22.99 -27.17
CA HIS D 251 1.39 22.52 -28.24
C HIS D 251 0.06 23.26 -28.24
N GLN D 252 0.17 24.59 -28.29
CA GLN D 252 -0.98 25.47 -28.43
C GLN D 252 -0.57 26.65 -29.30
N ALA D 253 -1.58 27.34 -29.84
CA ALA D 253 -1.32 28.36 -30.83
C ALA D 253 -0.37 29.44 -30.31
N LYS D 254 -0.54 29.85 -29.06
CA LYS D 254 0.30 30.90 -28.51
C LYS D 254 1.76 30.48 -28.46
N MET D 255 2.04 29.22 -28.11
CA MET D 255 3.41 28.75 -28.13
C MET D 255 4.00 28.73 -29.53
N LEU D 256 3.22 28.30 -30.52
CA LEU D 256 3.73 28.30 -31.89
C LEU D 256 4.05 29.71 -32.34
N ASP D 257 3.17 30.67 -32.02
CA ASP D 257 3.44 32.06 -32.38
C ASP D 257 4.68 32.59 -31.69
N ALA D 258 4.84 32.28 -30.39
CA ALA D 258 6.01 32.77 -29.65
C ALA D 258 7.30 32.17 -30.20
N ILE D 259 7.29 30.87 -30.50
CA ILE D 259 8.48 30.23 -31.04
C ILE D 259 8.83 30.83 -32.40
N LYS D 260 7.82 31.06 -33.24
CA LYS D 260 8.09 31.68 -34.53
C LYS D 260 8.66 33.08 -34.36
N ALA D 261 8.11 33.85 -33.42
CA ALA D 261 8.62 35.20 -33.19
C ALA D 261 10.07 35.19 -32.73
N VAL D 262 10.41 34.28 -31.82
CA VAL D 262 11.79 34.22 -31.33
C VAL D 262 12.74 33.74 -32.41
N ALA D 263 12.33 32.72 -33.18
CA ALA D 263 13.19 32.21 -34.23
C ALA D 263 13.40 33.20 -35.35
N SER D 264 12.41 34.07 -35.61
CA SER D 264 12.56 35.06 -36.67
C SER D 264 13.72 36.01 -36.40
N LEU D 265 14.01 36.30 -35.12
CA LEU D 265 15.10 37.19 -34.79
C LEU D 265 16.47 36.61 -35.14
N ASP D 266 16.57 35.30 -35.27
CA ASP D 266 17.82 34.62 -35.63
C ASP D 266 18.94 34.97 -34.65
N LEU D 267 18.66 34.81 -33.36
CA LEU D 267 19.64 35.12 -32.32
C LEU D 267 20.79 34.12 -32.30
N GLY D 268 20.62 32.95 -32.89
CA GLY D 268 21.67 31.95 -32.92
C GLY D 268 21.81 31.12 -31.66
N LEU D 269 20.99 31.35 -30.65
CA LEU D 269 21.01 30.56 -29.42
C LEU D 269 20.12 29.33 -29.56
N PRO D 270 20.43 28.27 -28.83
CA PRO D 270 19.49 27.14 -28.74
C PRO D 270 18.20 27.58 -28.07
N LEU D 271 17.08 27.06 -28.56
CA LEU D 271 15.76 27.46 -28.11
C LEU D 271 15.02 26.25 -27.56
N VAL D 272 14.62 26.32 -26.30
CA VAL D 272 13.90 25.24 -25.62
C VAL D 272 12.44 25.62 -25.48
N ALA D 273 11.56 24.66 -25.72
CA ALA D 273 10.12 24.88 -25.63
C ALA D 273 9.44 23.66 -25.01
N GLY D 274 8.42 23.92 -24.21
CA GLY D 274 7.68 22.84 -23.57
C GLY D 274 6.56 23.41 -22.73
N ASN D 275 5.76 22.51 -22.15
CA ASN D 275 6.00 21.08 -22.20
C ASN D 275 4.99 20.36 -23.08
N VAL D 276 5.41 19.24 -23.67
CA VAL D 276 4.53 18.36 -24.43
C VAL D 276 4.80 16.93 -24.01
N VAL D 277 3.85 16.05 -24.30
CA VAL D 277 3.98 14.64 -23.95
C VAL D 277 3.61 13.74 -25.13
N SER D 278 3.53 14.33 -26.32
CA SER D 278 3.11 13.58 -27.50
C SER D 278 4.08 13.84 -28.65
N ALA D 279 4.15 12.87 -29.56
CA ALA D 279 5.01 13.02 -30.73
C ALA D 279 4.54 14.15 -31.64
N GLU D 280 3.22 14.30 -31.79
CA GLU D 280 2.69 15.37 -32.61
C GLU D 280 3.10 16.74 -32.07
N GLY D 281 3.01 16.93 -30.75
CA GLY D 281 3.42 18.18 -30.17
C GLY D 281 4.91 18.45 -30.35
N THR D 282 5.73 17.41 -30.23
CA THR D 282 7.16 17.58 -30.45
C THR D 282 7.44 17.98 -31.89
N ARG D 283 6.77 17.34 -32.85
CA ARG D 283 6.95 17.71 -34.24
C ARG D 283 6.53 19.15 -34.50
N ASP D 284 5.40 19.57 -33.92
CA ASP D 284 4.95 20.94 -34.12
C ASP D 284 5.92 21.94 -33.52
N LEU D 285 6.42 21.67 -32.32
CA LEU D 285 7.35 22.61 -31.68
C LEU D 285 8.67 22.68 -32.44
N ILE D 286 9.14 21.55 -32.97
CA ILE D 286 10.38 21.58 -33.75
C ILE D 286 10.18 22.31 -35.07
N GLU D 287 9.05 22.05 -35.75
CA GLU D 287 8.79 22.73 -37.02
C GLU D 287 8.61 24.23 -36.82
N ALA D 288 8.05 24.64 -35.69
CA ALA D 288 7.93 26.07 -35.41
C ALA D 288 9.28 26.75 -35.25
N GLY D 289 10.34 25.99 -35.00
CA GLY D 289 11.68 26.54 -34.89
C GLY D 289 12.40 26.23 -33.61
N ALA D 290 11.81 25.49 -32.67
CA ALA D 290 12.51 25.14 -31.45
C ALA D 290 13.58 24.07 -31.74
N SER D 291 14.70 24.18 -31.05
CA SER D 291 15.76 23.19 -31.18
C SER D 291 15.66 22.08 -30.15
N ILE D 292 15.17 22.38 -28.95
CA ILE D 292 15.05 21.42 -27.87
C ILE D 292 13.62 21.48 -27.34
N VAL D 293 13.02 20.31 -27.12
CA VAL D 293 11.65 20.20 -26.64
C VAL D 293 11.67 19.67 -25.21
N LYS D 294 11.05 20.41 -24.31
CA LYS D 294 10.97 20.01 -22.91
C LYS D 294 9.73 19.15 -22.69
N VAL D 295 9.92 17.98 -22.07
CA VAL D 295 8.91 16.94 -22.03
C VAL D 295 8.43 16.75 -20.59
N GLY D 296 7.12 16.68 -20.41
CA GLY D 296 6.53 16.29 -19.14
C GLY D 296 5.34 17.12 -18.72
N VAL D 297 4.20 16.47 -18.55
CA VAL D 297 2.96 17.12 -18.11
C VAL D 297 2.28 16.17 -17.14
N GLY D 298 2.00 16.67 -15.93
CA GLY D 298 1.37 15.87 -14.89
C GLY D 298 1.98 14.49 -14.77
N PRO D 299 3.26 14.41 -14.41
CA PRO D 299 3.94 13.11 -14.45
C PRO D 299 3.45 12.12 -13.41
N GLY D 300 3.16 12.58 -12.20
CA GLY D 300 2.80 11.68 -11.12
C GLY D 300 1.33 11.31 -11.11
N ALA D 301 1.06 10.06 -10.72
CA ALA D 301 -0.31 9.57 -10.67
C ALA D 301 -1.14 10.25 -9.60
N MET D 302 -0.52 10.94 -8.65
CA MET D 302 -1.23 11.65 -7.60
C MET D 302 -0.75 13.09 -7.48
N CYS D 303 -0.21 13.64 -8.56
CA CYS D 303 0.24 15.01 -8.55
C CYS D 303 -0.96 15.96 -8.55
N THR D 304 -0.67 17.24 -8.32
CA THR D 304 -1.73 18.25 -8.29
C THR D 304 -2.44 18.35 -9.63
N THR D 305 -1.68 18.33 -10.73
CA THR D 305 -2.29 18.49 -12.04
C THR D 305 -3.24 17.36 -12.37
N ARG D 306 -2.86 16.12 -12.08
CA ARG D 306 -3.71 15.00 -12.43
C ARG D 306 -4.90 14.88 -11.49
N MET D 307 -4.73 15.20 -10.21
CA MET D 307 -5.86 15.20 -9.30
C MET D 307 -6.84 16.32 -9.63
N MET D 308 -6.36 17.44 -10.17
CA MET D 308 -7.27 18.51 -10.55
C MET D 308 -7.98 18.23 -11.87
N THR D 309 -7.27 17.70 -12.86
CA THR D 309 -7.80 17.63 -14.21
C THR D 309 -7.78 16.25 -14.84
N GLY D 310 -7.02 15.29 -14.29
CA GLY D 310 -6.90 14.01 -14.94
C GLY D 310 -6.01 14.01 -16.18
N VAL D 311 -5.27 15.09 -16.41
CA VAL D 311 -4.44 15.24 -17.60
C VAL D 311 -2.99 14.95 -17.24
N GLY D 312 -2.32 14.17 -18.08
CA GLY D 312 -0.92 13.88 -17.87
C GLY D 312 -0.51 12.67 -18.68
N ARG D 313 0.72 12.22 -18.43
CA ARG D 313 1.22 11.00 -19.03
C ARG D 313 2.36 10.47 -18.18
N PRO D 314 2.49 9.15 -18.04
CA PRO D 314 3.67 8.59 -17.37
C PRO D 314 4.95 9.03 -18.08
N GLN D 315 5.98 9.31 -17.28
CA GLN D 315 7.15 9.99 -17.80
C GLN D 315 7.93 9.14 -18.80
N PHE D 316 8.08 7.84 -18.53
CA PHE D 316 8.95 7.02 -19.37
C PHE D 316 8.41 6.92 -20.79
N SER D 317 7.13 6.59 -20.94
CA SER D 317 6.56 6.44 -22.27
C SER D 317 6.58 7.76 -23.02
N ALA D 318 6.26 8.85 -22.33
CA ALA D 318 6.28 10.16 -22.97
C ALA D 318 7.68 10.52 -23.45
N VAL D 319 8.70 10.26 -22.62
CA VAL D 319 10.06 10.59 -23.01
C VAL D 319 10.49 9.73 -24.19
N VAL D 320 10.14 8.45 -24.18
CA VAL D 320 10.52 7.58 -25.30
C VAL D 320 9.89 8.09 -26.60
N GLU D 321 8.58 8.35 -26.57
CA GLU D 321 7.90 8.77 -27.78
C GLU D 321 8.42 10.11 -28.28
N CYS D 322 8.59 11.07 -27.38
CA CYS D 322 9.05 12.40 -27.79
C CYS D 322 10.49 12.36 -28.27
N ALA D 323 11.35 11.57 -27.62
CA ALA D 323 12.74 11.47 -28.07
C ALA D 323 12.82 10.85 -29.46
N ALA D 324 12.03 9.81 -29.72
CA ALA D 324 12.01 9.23 -31.05
C ALA D 324 11.55 10.24 -32.08
N ALA D 325 10.46 10.96 -31.77
CA ALA D 325 9.93 11.94 -32.72
C ALA D 325 10.94 13.04 -32.99
N ALA D 326 11.65 13.51 -31.96
CA ALA D 326 12.61 14.59 -32.14
C ALA D 326 13.84 14.12 -32.89
N ARG D 327 14.34 12.93 -32.58
CA ARG D 327 15.48 12.41 -33.33
C ARG D 327 15.14 12.15 -34.78
N GLN D 328 13.85 11.93 -35.08
CA GLN D 328 13.45 11.83 -36.47
C GLN D 328 13.71 13.13 -37.22
N LEU D 329 13.53 14.27 -36.55
CA LEU D 329 13.79 15.57 -37.13
C LEU D 329 15.12 16.18 -36.72
N GLY D 330 15.97 15.42 -36.04
CA GLY D 330 17.26 15.94 -35.63
C GLY D 330 17.23 16.87 -34.43
N GLY D 331 16.16 16.85 -33.65
CA GLY D 331 16.09 17.63 -32.43
C GLY D 331 16.50 16.83 -31.21
N HIS D 332 16.33 17.46 -30.05
CA HIS D 332 16.64 16.82 -28.77
C HIS D 332 15.53 17.15 -27.79
N VAL D 333 15.44 16.36 -26.73
CA VAL D 333 14.40 16.51 -25.72
C VAL D 333 15.03 16.60 -24.34
N TRP D 334 14.39 17.38 -23.47
CA TRP D 334 14.76 17.50 -22.06
C TRP D 334 13.66 16.87 -21.22
N ALA D 335 14.04 16.04 -20.25
CA ALA D 335 13.09 15.39 -19.36
C ALA D 335 12.78 16.30 -18.17
N ASP D 336 11.51 16.67 -18.02
CA ASP D 336 11.11 17.57 -16.95
C ASP D 336 10.07 16.89 -16.05
N GLY D 337 10.36 15.66 -15.63
CA GLY D 337 9.41 14.85 -14.89
C GLY D 337 9.41 15.00 -13.38
N GLY D 338 10.27 15.85 -12.81
CA GLY D 338 10.36 15.93 -11.37
C GLY D 338 11.22 14.84 -10.76
N VAL D 339 12.51 14.87 -11.09
CA VAL D 339 13.44 13.86 -10.60
C VAL D 339 13.54 13.90 -9.09
N ARG D 340 13.53 12.72 -8.47
CA ARG D 340 13.72 12.59 -7.03
C ARG D 340 14.80 11.59 -6.64
N HIS D 341 15.24 10.73 -7.54
CA HIS D 341 16.31 9.77 -7.31
C HIS D 341 17.21 9.73 -8.53
N PRO D 342 18.47 9.32 -8.38
CA PRO D 342 19.35 9.20 -9.56
C PRO D 342 18.82 8.19 -10.56
N ARG D 343 18.05 7.20 -10.12
CA ARG D 343 17.40 6.27 -11.02
C ARG D 343 16.61 6.98 -12.09
N ASP D 344 15.91 8.06 -11.72
CA ASP D 344 15.10 8.80 -12.68
C ASP D 344 15.97 9.45 -13.76
N VAL D 345 17.10 10.03 -13.36
CA VAL D 345 18.01 10.63 -14.35
C VAL D 345 18.57 9.55 -15.28
N ALA D 346 18.99 8.43 -14.71
CA ALA D 346 19.55 7.36 -15.54
C ALA D 346 18.53 6.82 -16.52
N LEU D 347 17.29 6.62 -16.07
CA LEU D 347 16.26 6.07 -16.95
C LEU D 347 15.84 7.08 -18.00
N ALA D 348 15.81 8.37 -17.65
CA ALA D 348 15.51 9.39 -18.64
C ALA D 348 16.58 9.45 -19.72
N LEU D 349 17.85 9.33 -19.33
CA LEU D 349 18.92 9.30 -20.31
C LEU D 349 18.83 8.04 -21.17
N ALA D 350 18.46 6.90 -20.57
CA ALA D 350 18.32 5.68 -21.34
C ALA D 350 17.17 5.77 -22.34
N ALA D 351 16.08 6.42 -21.95
CA ALA D 351 14.93 6.54 -22.83
C ALA D 351 15.24 7.34 -24.08
N GLY D 352 16.20 8.26 -24.01
CA GLY D 352 16.62 9.00 -25.17
C GLY D 352 16.74 10.49 -24.99
N ALA D 353 16.48 10.96 -23.76
CA ALA D 353 16.64 12.39 -23.48
C ALA D 353 18.12 12.76 -23.47
N SER D 354 18.40 13.98 -23.92
CA SER D 354 19.77 14.50 -23.92
C SER D 354 20.12 15.24 -22.63
N ASN D 355 19.13 15.70 -21.88
CA ASN D 355 19.36 16.41 -20.64
C ASN D 355 18.17 16.16 -19.72
N VAL D 356 18.36 16.44 -18.43
CA VAL D 356 17.34 16.22 -17.42
C VAL D 356 17.19 17.49 -16.60
N MET D 357 15.94 17.91 -16.40
CA MET D 357 15.63 19.11 -15.63
C MET D 357 15.33 18.70 -14.19
N ILE D 358 16.04 19.32 -13.24
CA ILE D 358 15.88 19.04 -11.82
C ILE D 358 15.34 20.29 -11.14
N GLY D 359 14.28 20.13 -10.36
CA GLY D 359 13.58 21.24 -9.76
C GLY D 359 13.65 21.33 -8.26
N SER D 360 12.53 21.01 -7.59
CA SER D 360 12.42 21.23 -6.15
C SER D 360 13.41 20.42 -5.34
N TRP D 361 13.99 19.36 -5.91
CA TRP D 361 14.96 18.56 -5.18
C TRP D 361 16.14 19.40 -4.74
N PHE D 362 16.60 20.32 -5.59
CA PHE D 362 17.70 21.20 -5.27
C PHE D 362 17.30 22.34 -4.34
N ALA D 363 16.01 22.49 -4.04
CA ALA D 363 15.59 23.56 -3.15
C ALA D 363 16.19 23.41 -1.76
N GLY D 364 16.25 22.19 -1.24
CA GLY D 364 16.82 21.94 0.06
C GLY D 364 18.33 21.91 0.07
N THR D 365 18.96 23.00 -0.35
CA THR D 365 20.42 23.12 -0.37
C THR D 365 20.80 24.50 0.13
N TYR D 366 22.07 24.64 0.52
CA TYR D 366 22.57 25.93 0.99
C TYR D 366 22.54 26.97 -0.13
N GLU D 367 22.92 26.57 -1.34
CA GLU D 367 23.05 27.51 -2.45
C GLU D 367 21.72 27.98 -3.01
N SER D 368 20.60 27.40 -2.57
CA SER D 368 19.30 27.88 -3.00
C SER D 368 19.05 29.27 -2.42
N PRO D 369 18.34 30.13 -3.16
CA PRO D 369 18.16 31.52 -2.70
C PRO D 369 17.29 31.64 -1.45
N GLY D 370 16.52 30.62 -1.09
CA GLY D 370 15.68 30.72 0.08
C GLY D 370 16.50 30.73 1.37
N ASP D 371 15.92 31.33 2.41
CA ASP D 371 16.59 31.39 3.70
C ASP D 371 16.39 30.10 4.46
N LEU D 372 17.37 29.80 5.32
CA LEU D 372 17.32 28.57 6.12
C LEU D 372 16.31 28.71 7.25
N LEU D 373 15.54 27.65 7.47
CA LEU D 373 14.59 27.56 8.57
C LEU D 373 14.87 26.29 9.37
N PHE D 374 14.35 26.26 10.59
CA PHE D 374 14.59 25.14 11.50
C PHE D 374 13.26 24.66 12.06
N ASP D 375 13.06 23.34 12.05
CA ASP D 375 11.84 22.74 12.58
C ASP D 375 11.87 22.73 14.10
N ARG D 376 10.83 22.13 14.69
CA ARG D 376 10.80 21.99 16.15
C ARG D 376 11.99 21.19 16.65
N ASP D 377 12.41 20.17 15.89
CA ASP D 377 13.58 19.37 16.21
C ASP D 377 14.86 19.99 15.68
N ASP D 378 14.86 21.30 15.40
CA ASP D 378 15.98 22.09 14.90
C ASP D 378 16.59 21.53 13.61
N ARG D 379 15.86 20.65 12.93
CA ARG D 379 16.33 20.14 11.65
C ARG D 379 16.23 21.23 10.59
N PRO D 380 17.27 21.45 9.79
CA PRO D 380 17.19 22.50 8.77
C PRO D 380 16.26 22.10 7.63
N TYR D 381 15.48 23.07 7.16
CA TYR D 381 14.58 22.87 6.04
C TYR D 381 14.39 24.18 5.31
N LYS D 382 13.88 24.10 4.08
CA LYS D 382 13.53 25.27 3.31
C LYS D 382 12.15 25.08 2.70
N GLU D 383 11.47 26.21 2.46
CA GLU D 383 10.14 26.20 1.89
C GLU D 383 10.23 26.31 0.37
N SER D 384 9.86 25.24 -0.32
CA SER D 384 9.70 25.28 -1.77
C SER D 384 8.34 25.90 -2.11
N TYR D 385 8.36 26.78 -3.11
CA TYR D 385 7.16 27.54 -3.52
C TYR D 385 6.57 28.31 -2.34
N GLY D 386 7.41 29.12 -1.70
CA GLY D 386 6.99 29.96 -0.60
C GLY D 386 6.79 31.41 -1.02
N MET D 387 7.78 32.25 -0.74
CA MET D 387 7.72 33.65 -1.13
C MET D 387 7.65 33.84 -2.63
N ALA D 388 8.05 32.83 -3.41
CA ALA D 388 8.06 32.94 -4.87
C ALA D 388 6.68 33.25 -5.43
N SER D 389 5.62 32.91 -4.71
CA SER D 389 4.26 33.24 -5.14
C SER D 389 4.13 34.73 -5.41
N LYS D 390 4.80 35.56 -4.61
CA LYS D 390 4.78 37.00 -4.82
C LYS D 390 5.19 37.34 -6.25
N ARG D 391 6.29 36.74 -6.72
CA ARG D 391 6.72 36.97 -8.09
C ARG D 391 5.61 36.63 -9.07
N ALA D 392 4.90 35.52 -8.83
CA ALA D 392 3.77 35.19 -9.69
C ALA D 392 2.73 36.30 -9.67
N VAL D 393 2.34 36.76 -8.49
CA VAL D 393 1.34 37.82 -8.44
C VAL D 393 1.93 39.13 -8.94
N ALA D 394 3.27 39.22 -8.99
CA ALA D 394 3.89 40.37 -9.64
C ALA D 394 3.50 40.42 -11.12
N ALA D 395 3.49 39.25 -11.77
CA ALA D 395 2.99 39.19 -13.14
C ALA D 395 1.54 39.62 -13.21
N ARG D 396 0.78 39.41 -12.13
CA ARG D 396 -0.58 39.91 -12.05
C ARG D 396 -0.61 41.38 -11.64
N THR D 397 0.39 41.83 -10.90
CA THR D 397 0.39 43.21 -10.41
C THR D 397 0.55 44.20 -11.55
N ALA D 398 1.37 43.85 -12.55
CA ALA D 398 1.52 44.69 -13.73
C ALA D 398 0.28 44.69 -14.61
N GLY D 399 -0.67 43.79 -14.37
CA GLY D 399 -1.83 43.66 -15.22
C GLY D 399 -2.91 44.69 -14.98
N ASP D 400 -4.16 44.25 -14.98
CA ASP D 400 -5.31 45.14 -14.96
C ASP D 400 -5.71 45.49 -13.53
N SER D 401 -6.89 46.09 -13.37
CA SER D 401 -7.39 46.50 -12.08
C SER D 401 -7.51 45.31 -11.12
N SER D 402 -7.68 45.64 -9.84
CA SER D 402 -7.86 44.61 -8.82
C SER D 402 -9.06 43.73 -9.12
N PHE D 403 -10.05 44.26 -9.83
CA PHE D 403 -11.20 43.45 -10.22
C PHE D 403 -10.76 42.29 -11.11
N ASP D 404 -9.97 42.57 -12.14
CA ASP D 404 -9.51 41.50 -13.02
C ASP D 404 -8.54 40.57 -12.30
N ARG D 405 -7.74 41.11 -11.37
CA ARG D 405 -6.83 40.25 -10.61
C ARG D 405 -7.60 39.26 -9.75
N ALA D 406 -8.68 39.72 -9.12
CA ALA D 406 -9.50 38.81 -8.32
C ALA D 406 -10.28 37.85 -9.21
N ARG D 407 -10.73 38.32 -10.37
CA ARG D 407 -11.47 37.45 -11.29
C ARG D 407 -10.59 36.31 -11.79
N LYS D 408 -9.38 36.63 -12.25
CA LYS D 408 -8.45 35.59 -12.66
C LYS D 408 -7.99 34.75 -11.48
N GLY D 409 -7.89 35.35 -10.29
CA GLY D 409 -7.46 34.63 -9.12
C GLY D 409 -8.51 33.74 -8.49
N LEU D 410 -9.74 33.78 -9.00
CA LEU D 410 -10.79 32.92 -8.47
C LEU D 410 -10.52 31.46 -8.79
N PHE D 411 -10.20 31.17 -10.06
CA PHE D 411 -9.90 29.82 -10.50
C PHE D 411 -8.43 29.47 -10.32
N GLU D 412 -7.91 29.68 -9.10
CA GLU D 412 -6.52 29.35 -8.80
C GLU D 412 -6.45 28.73 -7.40
N GLU D 413 -5.60 27.72 -7.26
CA GLU D 413 -5.42 27.05 -5.99
C GLU D 413 -4.42 27.81 -5.11
N GLY D 414 -4.40 27.44 -3.83
CA GLY D 414 -3.44 27.99 -2.91
C GLY D 414 -2.03 27.53 -3.20
N ILE D 415 -1.08 28.18 -2.55
CA ILE D 415 0.33 27.90 -2.80
C ILE D 415 0.68 26.51 -2.29
N SER D 416 1.40 25.75 -3.09
CA SER D 416 1.80 24.38 -2.74
C SER D 416 3.19 24.38 -2.10
N THR D 417 3.29 25.08 -0.98
CA THR D 417 4.55 25.14 -0.25
C THR D 417 4.93 23.75 0.25
N SER D 418 6.22 23.43 0.19
CA SER D 418 6.70 22.12 0.60
C SER D 418 7.92 22.27 1.50
N ARG D 419 8.01 21.39 2.50
CA ARG D 419 9.13 21.39 3.44
C ARG D 419 10.24 20.49 2.86
N MET D 420 11.24 21.09 2.24
CA MET D 420 12.39 20.36 1.73
C MET D 420 13.46 20.34 2.80
N SER D 421 13.63 19.20 3.45
CA SER D 421 14.66 19.05 4.46
C SER D 421 16.04 18.94 3.82
N LEU D 422 17.02 19.54 4.47
CA LEU D 422 18.41 19.45 4.02
C LEU D 422 19.06 18.19 4.59
N ASP D 423 19.74 17.46 3.73
CA ASP D 423 20.46 16.28 4.17
C ASP D 423 21.72 16.72 4.92
N PRO D 424 21.91 16.31 6.17
CA PRO D 424 23.13 16.71 6.89
C PRO D 424 24.40 16.24 6.18
N ALA D 425 24.37 15.06 5.57
CA ALA D 425 25.51 14.56 4.82
C ALA D 425 25.61 15.18 3.43
N ARG D 426 24.52 15.76 2.92
CA ARG D 426 24.48 16.32 1.57
C ARG D 426 23.83 17.70 1.59
N GLY D 427 24.28 18.55 2.50
CA GLY D 427 23.72 19.88 2.60
C GLY D 427 24.01 20.74 1.38
N GLY D 428 25.17 20.57 0.77
CA GLY D 428 25.53 21.33 -0.41
C GLY D 428 25.06 20.65 -1.68
N VAL D 429 24.73 21.48 -2.69
CA VAL D 429 24.25 20.94 -3.95
C VAL D 429 25.32 20.14 -4.67
N GLU D 430 26.59 20.40 -4.38
CA GLU D 430 27.65 19.61 -4.99
C GLU D 430 27.59 18.16 -4.55
N ASP D 431 27.15 17.90 -3.31
CA ASP D 431 26.96 16.53 -2.87
C ASP D 431 25.83 15.85 -3.65
N LEU D 432 24.75 16.58 -3.93
CA LEU D 432 23.67 16.00 -4.72
C LEU D 432 24.12 15.74 -6.16
N LEU D 433 24.92 16.65 -6.71
CA LEU D 433 25.48 16.41 -8.04
C LEU D 433 26.37 15.18 -8.05
N ASP D 434 27.17 15.00 -7.00
CA ASP D 434 28.00 13.80 -6.89
C ASP D 434 27.14 12.56 -6.83
N HIS D 435 26.04 12.61 -6.06
CA HIS D 435 25.12 11.48 -5.96
C HIS D 435 24.56 11.11 -7.33
N ILE D 436 24.05 12.12 -8.05
CA ILE D 436 23.39 11.86 -9.33
C ILE D 436 24.39 11.35 -10.35
N THR D 437 25.57 11.99 -10.43
CA THR D 437 26.57 11.55 -11.40
C THR D 437 27.12 10.17 -11.06
N SER D 438 27.22 9.84 -9.77
CA SER D 438 27.63 8.48 -9.40
C SER D 438 26.61 7.47 -9.90
N GLY D 439 25.32 7.76 -9.71
CA GLY D 439 24.30 6.85 -10.22
C GLY D 439 24.38 6.68 -11.73
N VAL D 440 24.53 7.79 -12.46
CA VAL D 440 24.58 7.72 -13.92
C VAL D 440 25.81 6.96 -14.38
N ARG D 441 26.96 7.21 -13.76
CA ARG D 441 28.18 6.51 -14.16
C ARG D 441 28.07 5.01 -13.88
N SER D 442 27.49 4.64 -12.74
CA SER D 442 27.27 3.22 -12.46
C SER D 442 26.35 2.60 -13.49
N THR D 443 25.30 3.31 -13.89
CA THR D 443 24.43 2.79 -14.95
C THR D 443 25.19 2.57 -16.24
N CYS D 444 26.05 3.53 -16.60
CA CYS D 444 26.80 3.40 -17.85
C CYS D 444 27.77 2.21 -17.78
N THR D 445 28.40 2.00 -16.63
CA THR D 445 29.31 0.85 -16.51
C THR D 445 28.55 -0.47 -16.53
N TYR D 446 27.34 -0.50 -15.95
CA TYR D 446 26.54 -1.72 -16.00
C TYR D 446 26.12 -2.03 -17.43
N VAL D 447 25.70 -1.01 -18.19
CA VAL D 447 25.31 -1.24 -19.58
C VAL D 447 26.55 -1.52 -20.43
N GLY D 448 27.68 -0.92 -20.09
CA GLY D 448 28.88 -1.07 -20.89
C GLY D 448 29.00 0.03 -21.92
N ALA D 449 28.62 1.25 -21.54
CA ALA D 449 28.65 2.41 -22.42
C ALA D 449 29.71 3.39 -21.93
N ALA D 450 30.54 3.86 -22.86
CA ALA D 450 31.54 4.87 -22.52
C ALA D 450 30.99 6.29 -22.53
N ASN D 451 29.78 6.49 -23.06
CA ASN D 451 29.21 7.83 -23.14
C ASN D 451 27.70 7.70 -23.28
N LEU D 452 27.02 8.84 -23.14
CA LEU D 452 25.56 8.85 -23.19
C LEU D 452 24.99 8.35 -24.52
N PRO D 453 25.51 8.72 -25.70
CA PRO D 453 25.00 8.11 -26.93
C PRO D 453 25.10 6.59 -26.93
N GLU D 454 26.20 6.04 -26.44
CA GLU D 454 26.30 4.59 -26.32
C GLU D 454 25.30 4.05 -25.31
N LEU D 455 25.03 4.82 -24.24
CA LEU D 455 24.02 4.39 -23.28
C LEU D 455 22.65 4.26 -23.92
N HIS D 456 22.29 5.22 -24.77
CA HIS D 456 21.00 5.12 -25.45
C HIS D 456 21.00 4.02 -26.50
N GLU D 457 22.14 3.79 -27.16
CA GLU D 457 22.19 2.79 -28.22
C GLU D 457 22.20 1.36 -27.70
N LYS D 458 22.77 1.11 -26.52
CA LYS D 458 23.03 -0.25 -26.08
C LYS D 458 22.15 -0.73 -24.93
N VAL D 459 21.35 0.15 -24.32
CA VAL D 459 20.57 -0.23 -23.15
C VAL D 459 19.51 -1.26 -23.53
N VAL D 460 19.25 -2.19 -22.61
CA VAL D 460 18.17 -3.16 -22.72
C VAL D 460 17.29 -3.03 -21.49
N LEU D 461 15.98 -3.02 -21.69
CA LEU D 461 15.03 -2.73 -20.63
C LEU D 461 14.02 -3.85 -20.48
N GLY D 462 13.57 -4.06 -19.24
CA GLY D 462 12.50 -4.99 -18.96
C GLY D 462 11.42 -4.32 -18.12
N VAL D 463 10.28 -5.01 -18.03
CA VAL D 463 9.09 -4.51 -17.36
C VAL D 463 8.76 -5.41 -16.19
N GLN D 464 8.41 -4.81 -15.05
CA GLN D 464 8.05 -5.53 -13.85
C GLN D 464 6.62 -5.21 -13.44
N SER D 465 5.97 -6.18 -12.80
CA SER D 465 4.64 -5.95 -12.26
C SER D 465 4.71 -5.14 -10.98
N ALA D 466 3.54 -4.69 -10.51
CA ALA D 466 3.45 -3.95 -9.27
C ALA D 466 3.64 -4.85 -8.05
N ALA D 467 3.50 -6.16 -8.21
CA ALA D 467 3.57 -7.06 -7.06
C ALA D 467 4.93 -7.04 -6.38
N GLY D 468 5.98 -6.66 -7.10
CA GLY D 468 7.29 -6.52 -6.48
C GLY D 468 7.39 -5.39 -5.47
N PHE D 469 6.42 -4.48 -5.45
CA PHE D 469 6.43 -3.36 -4.52
C PHE D 469 5.69 -3.67 -3.22
N ALA D 470 5.11 -4.85 -3.08
CA ALA D 470 4.40 -5.21 -1.87
C ALA D 470 5.35 -5.35 -0.68
#